data_1D7M
# 
_entry.id   1D7M 
# 
_audit_conform.dict_name       mmcif_pdbx.dic 
_audit_conform.dict_version    5.385 
_audit_conform.dict_location   http://mmcif.pdb.org/dictionaries/ascii/mmcif_pdbx.dic 
# 
loop_
_database_2.database_id 
_database_2.database_code 
_database_2.pdbx_database_accession 
_database_2.pdbx_DOI 
PDB   1D7M         pdb_00001d7m 10.2210/pdb1d7m/pdb 
RCSB  RCSB009864   ?            ?                   
WWPDB D_1000009864 ?            ?                   
# 
loop_
_pdbx_audit_revision_history.ordinal 
_pdbx_audit_revision_history.data_content_type 
_pdbx_audit_revision_history.major_revision 
_pdbx_audit_revision_history.minor_revision 
_pdbx_audit_revision_history.revision_date 
1 'Structure model' 1 0 2000-03-27 
2 'Structure model' 1 1 2008-04-27 
3 'Structure model' 1 2 2011-07-13 
4 'Structure model' 1 3 2011-11-16 
5 'Structure model' 1 4 2024-02-07 
# 
_pdbx_audit_revision_details.ordinal             1 
_pdbx_audit_revision_details.revision_ordinal    1 
_pdbx_audit_revision_details.data_content_type   'Structure model' 
_pdbx_audit_revision_details.provider            repository 
_pdbx_audit_revision_details.type                'Initial release' 
_pdbx_audit_revision_details.description         ? 
_pdbx_audit_revision_details.details             ? 
# 
loop_
_pdbx_audit_revision_group.ordinal 
_pdbx_audit_revision_group.revision_ordinal 
_pdbx_audit_revision_group.data_content_type 
_pdbx_audit_revision_group.group 
1 2 'Structure model' 'Version format compliance' 
2 3 'Structure model' 'Version format compliance' 
3 4 'Structure model' 'Atomic model'              
4 5 'Structure model' 'Data collection'           
5 5 'Structure model' 'Database references'       
# 
loop_
_pdbx_audit_revision_category.ordinal 
_pdbx_audit_revision_category.revision_ordinal 
_pdbx_audit_revision_category.data_content_type 
_pdbx_audit_revision_category.category 
1 5 'Structure model' chem_comp_atom 
2 5 'Structure model' chem_comp_bond 
3 5 'Structure model' database_2     
4 5 'Structure model' diffrn_source  
# 
loop_
_pdbx_audit_revision_item.ordinal 
_pdbx_audit_revision_item.revision_ordinal 
_pdbx_audit_revision_item.data_content_type 
_pdbx_audit_revision_item.item 
1 5 'Structure model' '_database_2.pdbx_DOI'                 
2 5 'Structure model' '_database_2.pdbx_database_accession'  
3 5 'Structure model' '_diffrn_source.pdbx_synchrotron_site' 
# 
_pdbx_database_status.status_code                     REL 
_pdbx_database_status.entry_id                        1D7M 
_pdbx_database_status.recvd_initial_deposition_date   1999-10-19 
_pdbx_database_status.deposit_site                    RCSB 
_pdbx_database_status.process_site                    RCSB 
_pdbx_database_status.status_code_sf                  REL 
_pdbx_database_status.SG_entry                        . 
_pdbx_database_status.status_code_mr                  ? 
_pdbx_database_status.status_code_cs                  ? 
_pdbx_database_status.pdb_format_compatible           Y 
_pdbx_database_status.status_code_nmr_data            ? 
_pdbx_database_status.methods_development_category    ? 
# 
_pdbx_database_related.db_name        PDB 
_pdbx_database_related.db_id          2ZTA 
_pdbx_database_related.details        'X-RAY STRUCTURE OF THE GCN4 LEUCINE ZIPPER' 
_pdbx_database_related.content_type   unspecified 
# 
loop_
_audit_author.name 
_audit_author.pdbx_ordinal 
'Burkhard, P.'    1 
'Kammerer, R.A.'  2 
'Steinmetz, M.O.' 3 
'Bourenkov, G.P.' 4 
'Aebi, U.'        5 
# 
loop_
_citation.id 
_citation.title 
_citation.journal_abbrev 
_citation.journal_volume 
_citation.page_first 
_citation.page_last 
_citation.year 
_citation.journal_id_ASTM 
_citation.country 
_citation.journal_id_ISSN 
_citation.journal_id_CSD 
_citation.book_publisher 
_citation.pdbx_database_id_PubMed 
_citation.pdbx_database_id_DOI 
primary 
;The coiled-coil trigger site of the rod domain of cortexillin I unveils a distinct network of interhelical and intrahelical salt bridges.
;
'Structure Fold.Des.' 8   223 230 2000 FODEFH UK 0969-2126 1263 ? 10745004 '10.1016/S0969-2126(00)00100-3' 
1       
;Crystallization and Preliminary X-Ray Diffraction Analysis of the 190 A Long Coiled-Coil Dimerization Domain of the Actin-Bundling Protein Cortexillin I from Dictyostelium discoideum
;
J.Struct.Biol.        122 293 296 1998 JSBIEM US 1047-8477 0803 ? ?        10.1006/jsbi.1998.4005          
# 
loop_
_citation_author.citation_id 
_citation_author.name 
_citation_author.ordinal 
_citation_author.identifier_ORCID 
primary 'Burkhard, P.'    1  ? 
primary 'Kammerer, R.A.'  2  ? 
primary 'Steinmetz, M.O.' 3  ? 
primary 'Bourenkov, G.P.' 4  ? 
primary 'Aebi, U.'        5  ? 
1       'Burkhard, P.'    6  ? 
1       'Steinmetz, M.O.' 7  ? 
1       'Schulthess, T.'  8  ? 
1       'Landwehr, R.'    9  ? 
1       'Aebi, U.'        10 ? 
1       'Kammerer, R.A.'  11 ? 
# 
loop_
_entity.id 
_entity.type 
_entity.src_method 
_entity.pdbx_description 
_entity.formula_weight 
_entity.pdbx_number_of_molecules 
_entity.pdbx_ec 
_entity.pdbx_mutation 
_entity.pdbx_fragment 
_entity.details 
1 polymer man 'CORTEXILLIN I' 11623.278 2  ? ? 'COILED-COIL DIMERIZATION DOMAIN' ? 
2 water   nat water           18.015    93 ? ? ?                                 ? 
# 
_entity_poly.entity_id                      1 
_entity_poly.type                           'polypeptide(L)' 
_entity_poly.nstd_linkage                   no 
_entity_poly.nstd_monomer                   no 
_entity_poly.pdbx_seq_one_letter_code       
;EMANRLAGLENSLESEKVSREQLIKQKDQLNSLLASLESEGAEREKRLRELEAKLDETLKNLELEKLARMELEARLAKTE
KDRAILELKLAEAIDEKSKLE
;
_entity_poly.pdbx_seq_one_letter_code_can   
;EMANRLAGLENSLESEKVSREQLIKQKDQLNSLLASLESEGAEREKRLRELEAKLDETLKNLELEKLARMELEARLAKTE
KDRAILELKLAEAIDEKSKLE
;
_entity_poly.pdbx_strand_id                 A,B 
_entity_poly.pdbx_target_identifier         ? 
# 
_pdbx_entity_nonpoly.entity_id   2 
_pdbx_entity_nonpoly.name        water 
_pdbx_entity_nonpoly.comp_id     HOH 
# 
loop_
_entity_poly_seq.entity_id 
_entity_poly_seq.num 
_entity_poly_seq.mon_id 
_entity_poly_seq.hetero 
1 1   GLU n 
1 2   MET n 
1 3   ALA n 
1 4   ASN n 
1 5   ARG n 
1 6   LEU n 
1 7   ALA n 
1 8   GLY n 
1 9   LEU n 
1 10  GLU n 
1 11  ASN n 
1 12  SER n 
1 13  LEU n 
1 14  GLU n 
1 15  SER n 
1 16  GLU n 
1 17  LYS n 
1 18  VAL n 
1 19  SER n 
1 20  ARG n 
1 21  GLU n 
1 22  GLN n 
1 23  LEU n 
1 24  ILE n 
1 25  LYS n 
1 26  GLN n 
1 27  LYS n 
1 28  ASP n 
1 29  GLN n 
1 30  LEU n 
1 31  ASN n 
1 32  SER n 
1 33  LEU n 
1 34  LEU n 
1 35  ALA n 
1 36  SER n 
1 37  LEU n 
1 38  GLU n 
1 39  SER n 
1 40  GLU n 
1 41  GLY n 
1 42  ALA n 
1 43  GLU n 
1 44  ARG n 
1 45  GLU n 
1 46  LYS n 
1 47  ARG n 
1 48  LEU n 
1 49  ARG n 
1 50  GLU n 
1 51  LEU n 
1 52  GLU n 
1 53  ALA n 
1 54  LYS n 
1 55  LEU n 
1 56  ASP n 
1 57  GLU n 
1 58  THR n 
1 59  LEU n 
1 60  LYS n 
1 61  ASN n 
1 62  LEU n 
1 63  GLU n 
1 64  LEU n 
1 65  GLU n 
1 66  LYS n 
1 67  LEU n 
1 68  ALA n 
1 69  ARG n 
1 70  MET n 
1 71  GLU n 
1 72  LEU n 
1 73  GLU n 
1 74  ALA n 
1 75  ARG n 
1 76  LEU n 
1 77  ALA n 
1 78  LYS n 
1 79  THR n 
1 80  GLU n 
1 81  LYS n 
1 82  ASP n 
1 83  ARG n 
1 84  ALA n 
1 85  ILE n 
1 86  LEU n 
1 87  GLU n 
1 88  LEU n 
1 89  LYS n 
1 90  LEU n 
1 91  ALA n 
1 92  GLU n 
1 93  ALA n 
1 94  ILE n 
1 95  ASP n 
1 96  GLU n 
1 97  LYS n 
1 98  SER n 
1 99  LYS n 
1 100 LEU n 
1 101 GLU n 
# 
_entity_src_gen.entity_id                          1 
_entity_src_gen.pdbx_src_id                        1 
_entity_src_gen.pdbx_alt_source_flag               sample 
_entity_src_gen.pdbx_seq_type                      ? 
_entity_src_gen.pdbx_beg_seq_num                   ? 
_entity_src_gen.pdbx_end_seq_num                   ? 
_entity_src_gen.gene_src_common_name               ? 
_entity_src_gen.gene_src_genus                     Dictyostelium 
_entity_src_gen.pdbx_gene_src_gene                 ? 
_entity_src_gen.gene_src_species                   ? 
_entity_src_gen.gene_src_strain                    ? 
_entity_src_gen.gene_src_tissue                    ? 
_entity_src_gen.gene_src_tissue_fraction           ? 
_entity_src_gen.gene_src_details                   ? 
_entity_src_gen.pdbx_gene_src_fragment             ? 
_entity_src_gen.pdbx_gene_src_scientific_name      'Dictyostelium discoideum' 
_entity_src_gen.pdbx_gene_src_ncbi_taxonomy_id     44689 
_entity_src_gen.pdbx_gene_src_variant              ? 
_entity_src_gen.pdbx_gene_src_cell_line            ? 
_entity_src_gen.pdbx_gene_src_atcc                 ? 
_entity_src_gen.pdbx_gene_src_organ                ? 
_entity_src_gen.pdbx_gene_src_organelle            ? 
_entity_src_gen.pdbx_gene_src_cell                 ? 
_entity_src_gen.pdbx_gene_src_cellular_location    ? 
_entity_src_gen.host_org_common_name               ? 
_entity_src_gen.pdbx_host_org_scientific_name      'Escherichia coli' 
_entity_src_gen.pdbx_host_org_ncbi_taxonomy_id     562 
_entity_src_gen.host_org_genus                     Escherichia 
_entity_src_gen.pdbx_host_org_gene                 ? 
_entity_src_gen.pdbx_host_org_organ                ? 
_entity_src_gen.host_org_species                   ? 
_entity_src_gen.pdbx_host_org_tissue               ? 
_entity_src_gen.pdbx_host_org_tissue_fraction      ? 
_entity_src_gen.pdbx_host_org_strain               ? 
_entity_src_gen.pdbx_host_org_variant              ? 
_entity_src_gen.pdbx_host_org_cell_line            ? 
_entity_src_gen.pdbx_host_org_atcc                 ? 
_entity_src_gen.pdbx_host_org_culture_collection   ? 
_entity_src_gen.pdbx_host_org_cell                 ? 
_entity_src_gen.pdbx_host_org_organelle            ? 
_entity_src_gen.pdbx_host_org_cellular_location    ? 
_entity_src_gen.pdbx_host_org_vector_type          ? 
_entity_src_gen.pdbx_host_org_vector               ? 
_entity_src_gen.host_org_details                   ? 
_entity_src_gen.expression_system_id               ? 
_entity_src_gen.plasmid_name                       ? 
_entity_src_gen.plasmid_details                    ? 
_entity_src_gen.pdbx_description                   ? 
# 
loop_
_chem_comp.id 
_chem_comp.type 
_chem_comp.mon_nstd_flag 
_chem_comp.name 
_chem_comp.pdbx_synonyms 
_chem_comp.formula 
_chem_comp.formula_weight 
ALA 'L-peptide linking' y ALANINE         ? 'C3 H7 N O2'     89.093  
ARG 'L-peptide linking' y ARGININE        ? 'C6 H15 N4 O2 1' 175.209 
ASN 'L-peptide linking' y ASPARAGINE      ? 'C4 H8 N2 O3'    132.118 
ASP 'L-peptide linking' y 'ASPARTIC ACID' ? 'C4 H7 N O4'     133.103 
GLN 'L-peptide linking' y GLUTAMINE       ? 'C5 H10 N2 O3'   146.144 
GLU 'L-peptide linking' y 'GLUTAMIC ACID' ? 'C5 H9 N O4'     147.129 
GLY 'peptide linking'   y GLYCINE         ? 'C2 H5 N O2'     75.067  
HOH non-polymer         . WATER           ? 'H2 O'           18.015  
ILE 'L-peptide linking' y ISOLEUCINE      ? 'C6 H13 N O2'    131.173 
LEU 'L-peptide linking' y LEUCINE         ? 'C6 H13 N O2'    131.173 
LYS 'L-peptide linking' y LYSINE          ? 'C6 H15 N2 O2 1' 147.195 
MET 'L-peptide linking' y METHIONINE      ? 'C5 H11 N O2 S'  149.211 
SER 'L-peptide linking' y SERINE          ? 'C3 H7 N O3'     105.093 
THR 'L-peptide linking' y THREONINE       ? 'C4 H9 N O3'     119.119 
VAL 'L-peptide linking' y VALINE          ? 'C5 H11 N O2'    117.146 
# 
loop_
_pdbx_poly_seq_scheme.asym_id 
_pdbx_poly_seq_scheme.entity_id 
_pdbx_poly_seq_scheme.seq_id 
_pdbx_poly_seq_scheme.mon_id 
_pdbx_poly_seq_scheme.ndb_seq_num 
_pdbx_poly_seq_scheme.pdb_seq_num 
_pdbx_poly_seq_scheme.auth_seq_num 
_pdbx_poly_seq_scheme.pdb_mon_id 
_pdbx_poly_seq_scheme.auth_mon_id 
_pdbx_poly_seq_scheme.pdb_strand_id 
_pdbx_poly_seq_scheme.pdb_ins_code 
_pdbx_poly_seq_scheme.hetero 
A 1 1   GLU 1   243 243 GLU GLU A . n 
A 1 2   MET 2   244 244 MET MET A . n 
A 1 3   ALA 3   245 245 ALA ALA A . n 
A 1 4   ASN 4   246 246 ASN ASN A . n 
A 1 5   ARG 5   247 247 ARG ARG A . n 
A 1 6   LEU 6   248 248 LEU LEU A . n 
A 1 7   ALA 7   249 249 ALA ALA A . n 
A 1 8   GLY 8   250 250 GLY GLY A . n 
A 1 9   LEU 9   251 251 LEU LEU A . n 
A 1 10  GLU 10  252 252 GLU GLU A . n 
A 1 11  ASN 11  253 253 ASN ASN A . n 
A 1 12  SER 12  254 254 SER SER A . n 
A 1 13  LEU 13  255 255 LEU LEU A . n 
A 1 14  GLU 14  256 256 GLU GLU A . n 
A 1 15  SER 15  257 257 SER SER A . n 
A 1 16  GLU 16  258 258 GLU GLU A . n 
A 1 17  LYS 17  259 259 LYS LYS A . n 
A 1 18  VAL 18  260 260 VAL VAL A . n 
A 1 19  SER 19  261 261 SER SER A . n 
A 1 20  ARG 20  262 262 ARG ARG A . n 
A 1 21  GLU 21  263 263 GLU GLU A . n 
A 1 22  GLN 22  264 264 GLN GLN A . n 
A 1 23  LEU 23  265 265 LEU LEU A . n 
A 1 24  ILE 24  266 266 ILE ILE A . n 
A 1 25  LYS 25  267 267 LYS LYS A . n 
A 1 26  GLN 26  268 268 GLN GLN A . n 
A 1 27  LYS 27  269 269 LYS LYS A . n 
A 1 28  ASP 28  270 270 ASP ASP A . n 
A 1 29  GLN 29  271 271 GLN GLN A . n 
A 1 30  LEU 30  272 272 LEU LEU A . n 
A 1 31  ASN 31  273 273 ASN ASN A . n 
A 1 32  SER 32  274 274 SER SER A . n 
A 1 33  LEU 33  275 275 LEU LEU A . n 
A 1 34  LEU 34  276 276 LEU LEU A . n 
A 1 35  ALA 35  277 277 ALA ALA A . n 
A 1 36  SER 36  278 278 SER SER A . n 
A 1 37  LEU 37  279 279 LEU LEU A . n 
A 1 38  GLU 38  280 280 GLU GLU A . n 
A 1 39  SER 39  281 281 SER SER A . n 
A 1 40  GLU 40  282 282 GLU GLU A . n 
A 1 41  GLY 41  283 283 GLY GLY A . n 
A 1 42  ALA 42  284 284 ALA ALA A . n 
A 1 43  GLU 43  285 285 GLU GLU A . n 
A 1 44  ARG 44  286 286 ARG ARG A . n 
A 1 45  GLU 45  287 287 GLU GLU A . n 
A 1 46  LYS 46  288 288 LYS LYS A . n 
A 1 47  ARG 47  289 289 ARG ARG A . n 
A 1 48  LEU 48  290 290 LEU LEU A . n 
A 1 49  ARG 49  291 291 ARG ARG A . n 
A 1 50  GLU 50  292 292 GLU GLU A . n 
A 1 51  LEU 51  293 293 LEU LEU A . n 
A 1 52  GLU 52  294 294 GLU GLU A . n 
A 1 53  ALA 53  295 295 ALA ALA A . n 
A 1 54  LYS 54  296 296 LYS LYS A . n 
A 1 55  LEU 55  297 297 LEU LEU A . n 
A 1 56  ASP 56  298 298 ASP ASP A . n 
A 1 57  GLU 57  299 299 GLU GLU A . n 
A 1 58  THR 58  300 300 THR THR A . n 
A 1 59  LEU 59  301 301 LEU LEU A . n 
A 1 60  LYS 60  302 302 LYS LYS A . n 
A 1 61  ASN 61  303 303 ASN ASN A . n 
A 1 62  LEU 62  304 304 LEU LEU A . n 
A 1 63  GLU 63  305 305 GLU GLU A . n 
A 1 64  LEU 64  306 306 LEU LEU A . n 
A 1 65  GLU 65  307 307 GLU GLU A . n 
A 1 66  LYS 66  308 308 LYS LYS A . n 
A 1 67  LEU 67  309 309 LEU LEU A . n 
A 1 68  ALA 68  310 310 ALA ALA A . n 
A 1 69  ARG 69  311 311 ARG ARG A . n 
A 1 70  MET 70  312 312 MET MET A . n 
A 1 71  GLU 71  313 313 GLU GLU A . n 
A 1 72  LEU 72  314 314 LEU LEU A . n 
A 1 73  GLU 73  315 315 GLU GLU A . n 
A 1 74  ALA 74  316 316 ALA ALA A . n 
A 1 75  ARG 75  317 317 ARG ARG A . n 
A 1 76  LEU 76  318 318 LEU LEU A . n 
A 1 77  ALA 77  319 319 ALA ALA A . n 
A 1 78  LYS 78  320 320 LYS LYS A . n 
A 1 79  THR 79  321 321 THR THR A . n 
A 1 80  GLU 80  322 322 GLU GLU A . n 
A 1 81  LYS 81  323 323 LYS LYS A . n 
A 1 82  ASP 82  324 324 ASP ASP A . n 
A 1 83  ARG 83  325 325 ARG ARG A . n 
A 1 84  ALA 84  326 326 ALA ALA A . n 
A 1 85  ILE 85  327 327 ILE ILE A . n 
A 1 86  LEU 86  328 328 LEU LEU A . n 
A 1 87  GLU 87  329 329 GLU GLU A . n 
A 1 88  LEU 88  330 330 LEU LEU A . n 
A 1 89  LYS 89  331 331 LYS LYS A . n 
A 1 90  LEU 90  332 332 LEU LEU A . n 
A 1 91  ALA 91  333 333 ALA ALA A . n 
A 1 92  GLU 92  334 334 GLU GLU A . n 
A 1 93  ALA 93  335 335 ALA ALA A . n 
A 1 94  ILE 94  336 336 ILE ILE A . n 
A 1 95  ASP 95  337 337 ASP ASP A . n 
A 1 96  GLU 96  338 338 GLU GLU A . n 
A 1 97  LYS 97  339 339 LYS LYS A . n 
A 1 98  SER 98  340 340 SER SER A . n 
A 1 99  LYS 99  341 341 LYS LYS A . n 
A 1 100 LEU 100 342 342 LEU LEU A . n 
A 1 101 GLU 101 343 343 GLU GLU A . n 
B 1 1   GLU 1   243 243 GLU GLU B . n 
B 1 2   MET 2   244 244 MET MET B . n 
B 1 3   ALA 3   245 245 ALA ALA B . n 
B 1 4   ASN 4   246 246 ASN ASN B . n 
B 1 5   ARG 5   247 247 ARG ARG B . n 
B 1 6   LEU 6   248 248 LEU LEU B . n 
B 1 7   ALA 7   249 249 ALA ALA B . n 
B 1 8   GLY 8   250 250 GLY GLY B . n 
B 1 9   LEU 9   251 251 LEU LEU B . n 
B 1 10  GLU 10  252 252 GLU GLU B . n 
B 1 11  ASN 11  253 253 ASN ASN B . n 
B 1 12  SER 12  254 254 SER SER B . n 
B 1 13  LEU 13  255 255 LEU LEU B . n 
B 1 14  GLU 14  256 256 GLU GLU B . n 
B 1 15  SER 15  257 257 SER SER B . n 
B 1 16  GLU 16  258 258 GLU GLU B . n 
B 1 17  LYS 17  259 259 LYS LYS B . n 
B 1 18  VAL 18  260 260 VAL VAL B . n 
B 1 19  SER 19  261 261 SER SER B . n 
B 1 20  ARG 20  262 262 ARG ARG B . n 
B 1 21  GLU 21  263 263 GLU GLU B . n 
B 1 22  GLN 22  264 264 GLN GLN B . n 
B 1 23  LEU 23  265 265 LEU LEU B . n 
B 1 24  ILE 24  266 266 ILE ILE B . n 
B 1 25  LYS 25  267 267 LYS LYS B . n 
B 1 26  GLN 26  268 268 GLN GLN B . n 
B 1 27  LYS 27  269 269 LYS LYS B . n 
B 1 28  ASP 28  270 270 ASP ASP B . n 
B 1 29  GLN 29  271 271 GLN GLN B . n 
B 1 30  LEU 30  272 272 LEU LEU B . n 
B 1 31  ASN 31  273 273 ASN ASN B . n 
B 1 32  SER 32  274 274 SER SER B . n 
B 1 33  LEU 33  275 275 LEU LEU B . n 
B 1 34  LEU 34  276 276 LEU LEU B . n 
B 1 35  ALA 35  277 277 ALA ALA B . n 
B 1 36  SER 36  278 278 SER SER B . n 
B 1 37  LEU 37  279 279 LEU LEU B . n 
B 1 38  GLU 38  280 280 GLU GLU B . n 
B 1 39  SER 39  281 281 SER SER B . n 
B 1 40  GLU 40  282 282 GLU GLU B . n 
B 1 41  GLY 41  283 283 GLY GLY B . n 
B 1 42  ALA 42  284 284 ALA ALA B . n 
B 1 43  GLU 43  285 285 GLU GLU B . n 
B 1 44  ARG 44  286 286 ARG ARG B . n 
B 1 45  GLU 45  287 287 GLU GLU B . n 
B 1 46  LYS 46  288 288 LYS LYS B . n 
B 1 47  ARG 47  289 289 ARG ARG B . n 
B 1 48  LEU 48  290 290 LEU LEU B . n 
B 1 49  ARG 49  291 291 ARG ARG B . n 
B 1 50  GLU 50  292 292 GLU GLU B . n 
B 1 51  LEU 51  293 293 LEU LEU B . n 
B 1 52  GLU 52  294 294 GLU GLU B . n 
B 1 53  ALA 53  295 295 ALA ALA B . n 
B 1 54  LYS 54  296 296 LYS LYS B . n 
B 1 55  LEU 55  297 297 LEU LEU B . n 
B 1 56  ASP 56  298 298 ASP ASP B . n 
B 1 57  GLU 57  299 299 GLU GLU B . n 
B 1 58  THR 58  300 300 THR THR B . n 
B 1 59  LEU 59  301 301 LEU LEU B . n 
B 1 60  LYS 60  302 302 LYS LYS B . n 
B 1 61  ASN 61  303 303 ASN ASN B . n 
B 1 62  LEU 62  304 304 LEU LEU B . n 
B 1 63  GLU 63  305 305 GLU GLU B . n 
B 1 64  LEU 64  306 306 LEU LEU B . n 
B 1 65  GLU 65  307 307 GLU GLU B . n 
B 1 66  LYS 66  308 308 LYS LYS B . n 
B 1 67  LEU 67  309 309 LEU LEU B . n 
B 1 68  ALA 68  310 310 ALA ALA B . n 
B 1 69  ARG 69  311 311 ARG ARG B . n 
B 1 70  MET 70  312 312 MET MET B . n 
B 1 71  GLU 71  313 313 GLU GLU B . n 
B 1 72  LEU 72  314 314 LEU LEU B . n 
B 1 73  GLU 73  315 315 GLU GLU B . n 
B 1 74  ALA 74  316 316 ALA ALA B . n 
B 1 75  ARG 75  317 317 ARG ARG B . n 
B 1 76  LEU 76  318 318 LEU LEU B . n 
B 1 77  ALA 77  319 319 ALA ALA B . n 
B 1 78  LYS 78  320 320 LYS LYS B . n 
B 1 79  THR 79  321 321 THR THR B . n 
B 1 80  GLU 80  322 322 GLU GLU B . n 
B 1 81  LYS 81  323 323 LYS LYS B . n 
B 1 82  ASP 82  324 324 ASP ASP B . n 
B 1 83  ARG 83  325 325 ARG ARG B . n 
B 1 84  ALA 84  326 326 ALA ALA B . n 
B 1 85  ILE 85  327 327 ILE ILE B . n 
B 1 86  LEU 86  328 328 LEU LEU B . n 
B 1 87  GLU 87  329 329 GLU GLU B . n 
B 1 88  LEU 88  330 330 LEU LEU B . n 
B 1 89  LYS 89  331 331 LYS LYS B . n 
B 1 90  LEU 90  332 332 LEU LEU B . n 
B 1 91  ALA 91  333 333 ALA ALA B . n 
B 1 92  GLU 92  334 334 GLU GLU B . n 
B 1 93  ALA 93  335 335 ALA ALA B . n 
B 1 94  ILE 94  336 336 ILE ILE B . n 
B 1 95  ASP 95  337 337 ASP ASP B . n 
B 1 96  GLU 96  338 338 GLU GLU B . n 
B 1 97  LYS 97  339 339 LYS LYS B . n 
B 1 98  SER 98  340 340 SER SER B . n 
B 1 99  LYS 99  341 341 LYS LYS B . n 
B 1 100 LEU 100 342 342 LEU LEU B . n 
B 1 101 GLU 101 343 343 GLU GLU B . n 
# 
loop_
_pdbx_nonpoly_scheme.asym_id 
_pdbx_nonpoly_scheme.entity_id 
_pdbx_nonpoly_scheme.mon_id 
_pdbx_nonpoly_scheme.ndb_seq_num 
_pdbx_nonpoly_scheme.pdb_seq_num 
_pdbx_nonpoly_scheme.auth_seq_num 
_pdbx_nonpoly_scheme.pdb_mon_id 
_pdbx_nonpoly_scheme.auth_mon_id 
_pdbx_nonpoly_scheme.pdb_strand_id 
_pdbx_nonpoly_scheme.pdb_ins_code 
C 2 HOH 1  4   4   HOH HOH A . 
C 2 HOH 2  6   6   HOH HOH A . 
C 2 HOH 3  8   8   HOH HOH A . 
C 2 HOH 4  10  10  HOH HOH A . 
C 2 HOH 5  11  11  HOH HOH A . 
C 2 HOH 6  12  12  HOH HOH A . 
C 2 HOH 7  16  16  HOH HOH A . 
C 2 HOH 8  21  21  HOH HOH A . 
C 2 HOH 9  23  23  HOH HOH A . 
C 2 HOH 10 24  24  HOH HOH A . 
C 2 HOH 11 25  25  HOH HOH A . 
C 2 HOH 12 27  27  HOH HOH A . 
C 2 HOH 13 28  28  HOH HOH A . 
C 2 HOH 14 32  32  HOH HOH A . 
C 2 HOH 15 33  33  HOH HOH A . 
C 2 HOH 16 36  36  HOH HOH A . 
C 2 HOH 17 39  39  HOH HOH A . 
C 2 HOH 18 41  41  HOH HOH A . 
C 2 HOH 19 42  42  HOH HOH A . 
C 2 HOH 20 43  43  HOH HOH A . 
C 2 HOH 21 44  44  HOH HOH A . 
C 2 HOH 22 47  47  HOH HOH A . 
C 2 HOH 23 48  48  HOH HOH A . 
C 2 HOH 24 49  49  HOH HOH A . 
C 2 HOH 25 52  52  HOH HOH A . 
C 2 HOH 26 54  54  HOH HOH A . 
C 2 HOH 27 55  55  HOH HOH A . 
C 2 HOH 28 56  56  HOH HOH A . 
C 2 HOH 29 57  57  HOH HOH A . 
C 2 HOH 30 58  58  HOH HOH A . 
C 2 HOH 31 61  61  HOH HOH A . 
C 2 HOH 32 64  64  HOH HOH A . 
C 2 HOH 33 68  68  HOH HOH A . 
C 2 HOH 34 70  70  HOH HOH A . 
C 2 HOH 35 71  71  HOH HOH A . 
C 2 HOH 36 73  73  HOH HOH A . 
C 2 HOH 37 76  76  HOH HOH A . 
C 2 HOH 38 79  79  HOH HOH A . 
C 2 HOH 39 83  83  HOH HOH A . 
C 2 HOH 40 85  85  HOH HOH A . 
C 2 HOH 41 87  87  HOH HOH A . 
C 2 HOH 42 89  89  HOH HOH A . 
C 2 HOH 43 91  91  HOH HOH A . 
C 2 HOH 44 92  92  HOH HOH A . 
C 2 HOH 45 94  94  HOH HOH A . 
C 2 HOH 46 95  95  HOH HOH A . 
C 2 HOH 47 96  96  HOH HOH A . 
C 2 HOH 48 97  97  HOH HOH A . 
C 2 HOH 49 100 100 HOH HOH A . 
D 2 HOH 1  5   5   HOH HOH B . 
D 2 HOH 2  7   7   HOH HOH B . 
D 2 HOH 3  9   9   HOH HOH B . 
D 2 HOH 4  13  13  HOH HOH B . 
D 2 HOH 5  14  14  HOH HOH B . 
D 2 HOH 6  15  15  HOH HOH B . 
D 2 HOH 7  17  17  HOH HOH B . 
D 2 HOH 8  18  18  HOH HOH B . 
D 2 HOH 9  19  19  HOH HOH B . 
D 2 HOH 10 20  20  HOH HOH B . 
D 2 HOH 11 22  22  HOH HOH B . 
D 2 HOH 12 26  26  HOH HOH B . 
D 2 HOH 13 30  30  HOH HOH B . 
D 2 HOH 14 35  35  HOH HOH B . 
D 2 HOH 15 37  37  HOH HOH B . 
D 2 HOH 16 38  38  HOH HOH B . 
D 2 HOH 17 45  45  HOH HOH B . 
D 2 HOH 18 46  46  HOH HOH B . 
D 2 HOH 19 50  50  HOH HOH B . 
D 2 HOH 20 51  51  HOH HOH B . 
D 2 HOH 21 53  53  HOH HOH B . 
D 2 HOH 22 59  59  HOH HOH B . 
D 2 HOH 23 60  60  HOH HOH B . 
D 2 HOH 24 62  62  HOH HOH B . 
D 2 HOH 25 63  63  HOH HOH B . 
D 2 HOH 26 65  65  HOH HOH B . 
D 2 HOH 27 66  66  HOH HOH B . 
D 2 HOH 28 67  67  HOH HOH B . 
D 2 HOH 29 69  69  HOH HOH B . 
D 2 HOH 30 72  72  HOH HOH B . 
D 2 HOH 31 74  74  HOH HOH B . 
D 2 HOH 32 75  75  HOH HOH B . 
D 2 HOH 33 77  77  HOH HOH B . 
D 2 HOH 34 78  78  HOH HOH B . 
D 2 HOH 35 80  80  HOH HOH B . 
D 2 HOH 36 81  81  HOH HOH B . 
D 2 HOH 37 82  82  HOH HOH B . 
D 2 HOH 38 84  84  HOH HOH B . 
D 2 HOH 39 86  86  HOH HOH B . 
D 2 HOH 40 90  90  HOH HOH B . 
D 2 HOH 41 93  93  HOH HOH B . 
D 2 HOH 42 98  98  HOH HOH B . 
D 2 HOH 43 99  99  HOH HOH B . 
D 2 HOH 44 101 101 HOH HOH B . 
# 
loop_
_software.name 
_software.classification 
_software.version 
_software.citation_id 
_software.pdbx_ordinal 
SHARP     phasing          .   ? 1 
CNS       refinement       0.9 ? 2 
DENZO     'data reduction' .   ? 3 
SCALEPACK 'data scaling'   .   ? 4 
# 
_cell.entry_id           1D7M 
_cell.length_a           70.420 
_cell.length_b           128.650 
_cell.length_c           91.570 
_cell.angle_alpha        90.00 
_cell.angle_beta         90.00 
_cell.angle_gamma        90.00 
_cell.Z_PDB              16 
_cell.pdbx_unique_axis   ? 
# 
_symmetry.entry_id                         1D7M 
_symmetry.space_group_name_H-M             'C 2 2 21' 
_symmetry.pdbx_full_space_group_name_H-M   ? 
_symmetry.cell_setting                     ? 
_symmetry.Int_Tables_number                20 
# 
_exptl.entry_id          1D7M 
_exptl.method            'X-RAY DIFFRACTION' 
_exptl.crystals_number   2 
# 
_exptl_crystal.id                    1 
_exptl_crystal.density_meas          ? 
_exptl_crystal.density_Matthews      4.46 
_exptl_crystal.density_percent_sol   72.43 
_exptl_crystal.description           ? 
# 
_exptl_crystal_grow.crystal_id      1 
_exptl_crystal_grow.method          'VAPOR DIFFUSION, HANGING DROP' 
_exptl_crystal_grow.temp            297 
_exptl_crystal_grow.temp_details    ? 
_exptl_crystal_grow.pH              6.5 
_exptl_crystal_grow.pdbx_details    
'1.5 M AMMONIUM SULFATE 100 MM TRIS (PH 6.5) 2.5 % PEG 400 1.0 % DIOXANE, VAPOR DIFFUSION, HANGING DROP, temperature 297K' 
_exptl_crystal_grow.pdbx_pH_range   . 
# 
loop_
_diffrn.id 
_diffrn.ambient_temp 
_diffrn.ambient_temp_details 
_diffrn.crystal_id 
1 100 ? 1 
2 100 ? 1 
# 
loop_
_diffrn_detector.diffrn_id 
_diffrn_detector.detector 
_diffrn_detector.type 
_diffrn_detector.pdbx_collection_date 
_diffrn_detector.details 
1 'IMAGE PLATE' MARRESEARCH 1998-11-14 ? 
2 'IMAGE PLATE' MARRESEARCH 1988-06-01 ? 
# 
loop_
_diffrn_radiation.diffrn_id 
_diffrn_radiation.wavelength_id 
_diffrn_radiation.pdbx_monochromatic_or_laue_m_l 
_diffrn_radiation.monochromator 
_diffrn_radiation.pdbx_diffrn_protocol 
_diffrn_radiation.pdbx_scattering_type 
1 1 M ? 'SINGLE WAVELENGTH' x-ray 
2 1 M ? 'SINGLE WAVELENGTH' x-ray 
# 
loop_
_diffrn_radiation_wavelength.id 
_diffrn_radiation_wavelength.wavelength 
_diffrn_radiation_wavelength.wt 
1 0.951 1.0 
2 0.977 1.0 
# 
loop_
_diffrn_source.diffrn_id 
_diffrn_source.source 
_diffrn_source.type 
_diffrn_source.pdbx_synchrotron_site 
_diffrn_source.pdbx_synchrotron_beamline 
_diffrn_source.pdbx_wavelength 
_diffrn_source.pdbx_wavelength_list 
1 SYNCHROTRON 'EMBL/DESY, HAMBURG BEAMLINE BW7B' 'EMBL/DESY, HAMBURG' BW7B 0.951 ? 
2 SYNCHROTRON 'MPG/DESY, HAMBURG BEAMLINE BW6'   'MPG/DESY, HAMBURG'  BW6  0.977 ? 
# 
_reflns.entry_id                     1D7M 
_reflns.observed_criterion_sigma_I   ? 
_reflns.observed_criterion_sigma_F   ? 
_reflns.d_resolution_low             30.0 
_reflns.d_resolution_high            2.7 
_reflns.number_obs                   11302 
_reflns.number_all                   31909 
_reflns.percent_possible_obs         95.9 
_reflns.pdbx_Rmerge_I_obs            0.1110000 
_reflns.pdbx_Rsym_value              ? 
_reflns.pdbx_netI_over_sigmaI        5.3 
_reflns.B_iso_Wilson_estimate        37.9 
_reflns.pdbx_redundancy              2.8 
_reflns.R_free_details               ? 
_reflns.limit_h_max                  ? 
_reflns.limit_h_min                  ? 
_reflns.limit_k_max                  ? 
_reflns.limit_k_min                  ? 
_reflns.limit_l_max                  ? 
_reflns.limit_l_min                  ? 
_reflns.observed_criterion_F_max     ? 
_reflns.observed_criterion_F_min     ? 
_reflns.pdbx_diffrn_id               1,2 
_reflns.pdbx_ordinal                 1 
# 
_reflns_shell.d_res_high             2.7 
_reflns_shell.d_res_low              2.85 
_reflns_shell.percent_possible_all   88.2 
_reflns_shell.Rmerge_I_obs           0.4620000 
_reflns_shell.pdbx_Rsym_value        ? 
_reflns_shell.meanI_over_sigI_obs    ? 
_reflns_shell.pdbx_redundancy        2.7 
_reflns_shell.percent_possible_obs   ? 
_reflns_shell.number_unique_all      ? 
_reflns_shell.pdbx_diffrn_id         ? 
_reflns_shell.pdbx_ordinal           1 
# 
_refine.entry_id                                 1D7M 
_refine.ls_number_reflns_obs                     9316 
_refine.ls_number_reflns_all                     ? 
_refine.pdbx_ls_sigma_I                          ? 
_refine.pdbx_ls_sigma_F                          3.0 
_refine.pdbx_data_cutoff_high_absF               1675937.19 
_refine.pdbx_data_cutoff_low_absF                0.00 
_refine.pdbx_data_cutoff_high_rms_absF           1675937.19 
_refine.ls_d_res_low                             37.30 
_refine.ls_d_res_high                            2.70 
_refine.ls_percent_reflns_obs                    79.2 
_refine.ls_R_factor_obs                          0.2050000 
_refine.ls_R_factor_all                          ? 
_refine.ls_R_factor_R_work                       0.2050000 
_refine.ls_R_factor_R_free                       0.2490000 
_refine.ls_R_factor_R_free_error                 0.011 
_refine.ls_R_factor_R_free_error_details         ? 
_refine.ls_percent_reflns_R_free                 5.0 
_refine.ls_number_reflns_R_free                  469 
_refine.ls_number_parameters                     ? 
_refine.ls_number_restraints                     ? 
_refine.occupancy_min                            ? 
_refine.occupancy_max                            ? 
_refine.B_iso_mean                               56.9 
_refine.aniso_B[1][1]                            25.56 
_refine.aniso_B[2][2]                            -23.35 
_refine.aniso_B[3][3]                            -2.21 
_refine.aniso_B[1][2]                            0.00 
_refine.aniso_B[1][3]                            0.00 
_refine.aniso_B[2][3]                            0.00 
_refine.solvent_model_details                    'FLAT MODEL' 
_refine.solvent_model_param_ksol                 0.406 
_refine.solvent_model_param_bsol                 71.69 
_refine.pdbx_ls_cross_valid_method               THROUGHOUT 
_refine.details                                  ? 
_refine.pdbx_starting_model                      ? 
_refine.pdbx_method_to_determine_struct          ? 
_refine.pdbx_isotropic_thermal_model             CONSTRAINED 
_refine.pdbx_stereochemistry_target_values       ? 
_refine.pdbx_stereochem_target_val_spec_case     ? 
_refine.pdbx_R_Free_selection_details            RANDOM 
_refine.pdbx_overall_ESU_R                       ? 
_refine.pdbx_overall_ESU_R_Free                  ? 
_refine.overall_SU_ML                            ? 
_refine.overall_SU_B                             ? 
_refine.ls_redundancy_reflns_obs                 ? 
_refine.B_iso_min                                ? 
_refine.B_iso_max                                ? 
_refine.pdbx_refine_id                           'X-RAY DIFFRACTION' 
_refine.pdbx_diffrn_id                           1 
_refine.pdbx_TLS_residual_ADP_flag               ? 
_refine.correlation_coeff_Fo_to_Fc               ? 
_refine.correlation_coeff_Fo_to_Fc_free          ? 
_refine.pdbx_solvent_vdw_probe_radii             ? 
_refine.pdbx_solvent_ion_probe_radii             ? 
_refine.pdbx_solvent_shrinkage_radii             ? 
_refine.pdbx_overall_phase_error                 ? 
_refine.overall_SU_R_Cruickshank_DPI             ? 
_refine.pdbx_overall_SU_R_free_Cruickshank_DPI   ? 
_refine.pdbx_overall_SU_R_Blow_DPI               ? 
_refine.pdbx_overall_SU_R_free_Blow_DPI          ? 
# 
_refine_analyze.entry_id                        1D7M 
_refine_analyze.Luzzati_coordinate_error_obs    0.28 
_refine_analyze.Luzzati_sigma_a_obs             0.34 
_refine_analyze.Luzzati_d_res_low_obs           5.00 
_refine_analyze.Luzzati_coordinate_error_free   0.36 
_refine_analyze.Luzzati_sigma_a_free            0.51 
_refine_analyze.Luzzati_d_res_low_free          ? 
_refine_analyze.number_disordered_residues      ? 
_refine_analyze.occupancy_sum_hydrogen          ? 
_refine_analyze.occupancy_sum_non_hydrogen      ? 
_refine_analyze.pdbx_Luzzati_d_res_high_obs     ? 
_refine_analyze.pdbx_refine_id                  'X-RAY DIFFRACTION' 
# 
_refine_hist.pdbx_refine_id                   'X-RAY DIFFRACTION' 
_refine_hist.cycle_id                         LAST 
_refine_hist.pdbx_number_atoms_protein        1622 
_refine_hist.pdbx_number_atoms_nucleic_acid   0 
_refine_hist.pdbx_number_atoms_ligand         0 
_refine_hist.number_atoms_solvent             93 
_refine_hist.number_atoms_total               1715 
_refine_hist.d_res_high                       2.70 
_refine_hist.d_res_low                        37.30 
# 
loop_
_refine_ls_restr.type 
_refine_ls_restr.dev_ideal 
_refine_ls_restr.dev_ideal_target 
_refine_ls_restr.weight 
_refine_ls_restr.number 
_refine_ls_restr.pdbx_refine_id 
_refine_ls_restr.pdbx_restraint_function 
c_bond_d                0.012 ?    ? ? 'X-RAY DIFFRACTION' ? 
c_bond_d_na             ?     ?    ? ? 'X-RAY DIFFRACTION' ? 
c_bond_d_prot           ?     ?    ? ? 'X-RAY DIFFRACTION' ? 
c_angle_d               ?     ?    ? ? 'X-RAY DIFFRACTION' ? 
c_angle_d_na            ?     ?    ? ? 'X-RAY DIFFRACTION' ? 
c_angle_d_prot          ?     ?    ? ? 'X-RAY DIFFRACTION' ? 
c_angle_deg             1.6   ?    ? ? 'X-RAY DIFFRACTION' ? 
c_angle_deg_na          ?     ?    ? ? 'X-RAY DIFFRACTION' ? 
c_angle_deg_prot        ?     ?    ? ? 'X-RAY DIFFRACTION' ? 
c_dihedral_angle_d      18.0  ?    ? ? 'X-RAY DIFFRACTION' ? 
c_dihedral_angle_d_na   ?     ?    ? ? 'X-RAY DIFFRACTION' ? 
c_dihedral_angle_d_prot ?     ?    ? ? 'X-RAY DIFFRACTION' ? 
c_improper_angle_d      0.89  ?    ? ? 'X-RAY DIFFRACTION' ? 
c_improper_angle_d_na   ?     ?    ? ? 'X-RAY DIFFRACTION' ? 
c_improper_angle_d_prot ?     ?    ? ? 'X-RAY DIFFRACTION' ? 
c_mcbond_it             7.41  1.50 ? ? 'X-RAY DIFFRACTION' ? 
c_mcangle_it            9.12  2.00 ? ? 'X-RAY DIFFRACTION' ? 
c_scbond_it             12.20 2.00 ? ? 'X-RAY DIFFRACTION' ? 
c_scangle_it            15.80 2.50 ? ? 'X-RAY DIFFRACTION' ? 
# 
_refine_ls_restr_ncs.dom_id              1 
_refine_ls_restr_ncs.ncs_model_details   CONSTRAINED 
_refine_ls_restr_ncs.rms_dev_position    ? 
_refine_ls_restr_ncs.weight_position     ? 
_refine_ls_restr_ncs.rms_dev_B_iso       ? 
_refine_ls_restr_ncs.weight_B_iso        ? 
_refine_ls_restr_ncs.pdbx_type           . 
_refine_ls_restr_ncs.pdbx_auth_asym_id   . 
_refine_ls_restr_ncs.pdbx_ens_id         1 
_refine_ls_restr_ncs.pdbx_refine_id      'X-RAY DIFFRACTION' 
_refine_ls_restr_ncs.pdbx_ordinal        1 
_refine_ls_restr_ncs.pdbx_number         ? 
_refine_ls_restr_ncs.pdbx_asym_id        ? 
_refine_ls_restr_ncs.pdbx_rms            ? 
_refine_ls_restr_ncs.pdbx_weight         ? 
# 
_refine_ls_shell.pdbx_total_number_of_bins_used   6 
_refine_ls_shell.d_res_high                       2.70 
_refine_ls_shell.d_res_low                        2.87 
_refine_ls_shell.number_reflns_R_work             990 
_refine_ls_shell.R_factor_R_work                  0.2680000 
_refine_ls_shell.percent_reflns_obs               54.8 
_refine_ls_shell.R_factor_R_free                  0.3810000 
_refine_ls_shell.R_factor_R_free_error            0.052 
_refine_ls_shell.percent_reflns_R_free            5.1 
_refine_ls_shell.number_reflns_R_free             53 
_refine_ls_shell.redundancy_reflns_obs            ? 
_refine_ls_shell.number_reflns_all                ? 
_refine_ls_shell.number_reflns_obs                ? 
_refine_ls_shell.pdbx_refine_id                   'X-RAY DIFFRACTION' 
_refine_ls_shell.R_factor_all                     ? 
# 
loop_
_pdbx_xplor_file.serial_no 
_pdbx_xplor_file.param_file 
_pdbx_xplor_file.topol_file 
_pdbx_xplor_file.pdbx_refine_id 
1 PROTEIN_REP.PARAM PROTEIN.TOP 'X-RAY DIFFRACTION' 
2 WATER_REP.PARAM   ?           'X-RAY DIFFRACTION' 
# 
_struct_ncs_dom.id            1 
_struct_ncs_dom.pdbx_ens_id   1 
_struct_ncs_dom.details       ? 
# 
_struct_ncs_ens.id        1 
_struct_ncs_ens.details   ? 
# 
_struct.entry_id                  1D7M 
_struct.title                     'COILED-COIL DIMERIZATION DOMAIN FROM CORTEXILLIN I' 
_struct.pdbx_model_details        ? 
_struct.pdbx_CASP_flag            ? 
_struct.pdbx_model_type_details   ? 
# 
_struct_keywords.entry_id        1D7M 
_struct_keywords.pdbx_keywords   'CONTRACTILE PROTEIN' 
_struct_keywords.text            'COILED-COIL, COILED-COIL TRIGGER SITE, ALPHA HELIX, DIMERIZATION, CONTRACTILE PROTEIN' 
# 
loop_
_struct_asym.id 
_struct_asym.pdbx_blank_PDB_chainid_flag 
_struct_asym.pdbx_modified 
_struct_asym.entity_id 
_struct_asym.details 
A N N 1 ? 
B N N 1 ? 
C N N 2 ? 
D N N 2 ? 
# 
_struct_ref.id                         1 
_struct_ref.db_name                    UNP 
_struct_ref.db_code                    O15813_DICDI 
_struct_ref.entity_id                  1 
_struct_ref.pdbx_db_accession          O15813 
_struct_ref.pdbx_align_begin           ? 
_struct_ref.pdbx_seq_one_letter_code   ? 
_struct_ref.pdbx_db_isoform            ? 
# 
loop_
_struct_ref_seq.align_id 
_struct_ref_seq.ref_id 
_struct_ref_seq.pdbx_PDB_id_code 
_struct_ref_seq.pdbx_strand_id 
_struct_ref_seq.seq_align_beg 
_struct_ref_seq.pdbx_seq_align_beg_ins_code 
_struct_ref_seq.seq_align_end 
_struct_ref_seq.pdbx_seq_align_end_ins_code 
_struct_ref_seq.pdbx_db_accession 
_struct_ref_seq.db_align_beg 
_struct_ref_seq.pdbx_db_align_beg_ins_code 
_struct_ref_seq.db_align_end 
_struct_ref_seq.pdbx_db_align_end_ins_code 
_struct_ref_seq.pdbx_auth_seq_align_beg 
_struct_ref_seq.pdbx_auth_seq_align_end 
1 1 1D7M A 1 ? 101 ? O15813 243 ? 343 ? 243 343 
2 1 1D7M B 1 ? 101 ? O15813 243 ? 343 ? 243 343 
# 
loop_
_pdbx_struct_assembly.id 
_pdbx_struct_assembly.details 
_pdbx_struct_assembly.method_details 
_pdbx_struct_assembly.oligomeric_details 
_pdbx_struct_assembly.oligomeric_count 
1 author_and_software_defined_assembly PISA dimeric    2 
2 software_defined_assembly            PISA tetrameric 4 
# 
loop_
_pdbx_struct_assembly_prop.biol_id 
_pdbx_struct_assembly_prop.type 
_pdbx_struct_assembly_prop.value 
_pdbx_struct_assembly_prop.details 
1 'ABSA (A^2)' 5700  ? 
1 MORE         -53   ? 
1 'SSA (A^2)'  14090 ? 
2 'ABSA (A^2)' 12670 ? 
2 MORE         -116  ? 
2 'SSA (A^2)'  26910 ? 
# 
loop_
_pdbx_struct_assembly_gen.assembly_id 
_pdbx_struct_assembly_gen.oper_expression 
_pdbx_struct_assembly_gen.asym_id_list 
1 1   A,B,C,D 
2 1,2 A,B,C,D 
# 
loop_
_pdbx_struct_oper_list.id 
_pdbx_struct_oper_list.type 
_pdbx_struct_oper_list.name 
_pdbx_struct_oper_list.symmetry_operation 
_pdbx_struct_oper_list.matrix[1][1] 
_pdbx_struct_oper_list.matrix[1][2] 
_pdbx_struct_oper_list.matrix[1][3] 
_pdbx_struct_oper_list.vector[1] 
_pdbx_struct_oper_list.matrix[2][1] 
_pdbx_struct_oper_list.matrix[2][2] 
_pdbx_struct_oper_list.matrix[2][3] 
_pdbx_struct_oper_list.vector[2] 
_pdbx_struct_oper_list.matrix[3][1] 
_pdbx_struct_oper_list.matrix[3][2] 
_pdbx_struct_oper_list.matrix[3][3] 
_pdbx_struct_oper_list.vector[3] 
1 'identity operation'         1_555 x,y,z       1.0000000000  0.0000000000  0.0000000000  0.0000000000   0.0000000000  1.0000000000  0.0000000000 0.0000000000  0.0000000000  0.0000000000 1.0000000000  0.0000000000   
2 'crystal symmetry operation' 4_567 x,-y+1,-z+2 -0.2452034994 -0.4453446960 -0.8611291109 -36.6938365962 -0.4453446960 -0.7372379203 0.5080830155 25.0888256161 -0.8611291109 0.5080830155 -0.0175585803 -45.1378944019 
# 
_struct_biol.id   1 
# 
loop_
_struct_conf.conf_type_id 
_struct_conf.id 
_struct_conf.pdbx_PDB_helix_id 
_struct_conf.beg_label_comp_id 
_struct_conf.beg_label_asym_id 
_struct_conf.beg_label_seq_id 
_struct_conf.pdbx_beg_PDB_ins_code 
_struct_conf.end_label_comp_id 
_struct_conf.end_label_asym_id 
_struct_conf.end_label_seq_id 
_struct_conf.pdbx_end_PDB_ins_code 
_struct_conf.beg_auth_comp_id 
_struct_conf.beg_auth_asym_id 
_struct_conf.beg_auth_seq_id 
_struct_conf.end_auth_comp_id 
_struct_conf.end_auth_asym_id 
_struct_conf.end_auth_seq_id 
_struct_conf.pdbx_PDB_helix_class 
_struct_conf.details 
_struct_conf.pdbx_PDB_helix_length 
HELX_P HELX_P1 1 GLU A 1 ? GLU A 101 ? GLU A 243 GLU A 343 1 ? 101 
HELX_P HELX_P2 2 GLU B 1 ? GLU B 101 ? GLU B 243 GLU B 343 1 ? 101 
# 
_struct_conf_type.id          HELX_P 
_struct_conf_type.criteria    ? 
_struct_conf_type.reference   ? 
# 
loop_
_pdbx_validate_torsion.id 
_pdbx_validate_torsion.PDB_model_num 
_pdbx_validate_torsion.auth_comp_id 
_pdbx_validate_torsion.auth_asym_id 
_pdbx_validate_torsion.auth_seq_id 
_pdbx_validate_torsion.PDB_ins_code 
_pdbx_validate_torsion.label_alt_id 
_pdbx_validate_torsion.phi 
_pdbx_validate_torsion.psi 
1 1 MET A 244 ? ? -2.56  -67.24 
2 1 LEU A 248 ? ? -68.58 -78.05 
# 
_pdbx_struct_special_symmetry.id              1 
_pdbx_struct_special_symmetry.PDB_model_num   1 
_pdbx_struct_special_symmetry.auth_asym_id    A 
_pdbx_struct_special_symmetry.auth_comp_id    HOH 
_pdbx_struct_special_symmetry.auth_seq_id     91 
_pdbx_struct_special_symmetry.PDB_ins_code    ? 
_pdbx_struct_special_symmetry.label_asym_id   C 
_pdbx_struct_special_symmetry.label_comp_id   HOH 
_pdbx_struct_special_symmetry.label_seq_id    . 
# 
loop_
_chem_comp_atom.comp_id 
_chem_comp_atom.atom_id 
_chem_comp_atom.type_symbol 
_chem_comp_atom.pdbx_aromatic_flag 
_chem_comp_atom.pdbx_stereo_config 
_chem_comp_atom.pdbx_ordinal 
ALA N    N N N 1   
ALA CA   C N S 2   
ALA C    C N N 3   
ALA O    O N N 4   
ALA CB   C N N 5   
ALA OXT  O N N 6   
ALA H    H N N 7   
ALA H2   H N N 8   
ALA HA   H N N 9   
ALA HB1  H N N 10  
ALA HB2  H N N 11  
ALA HB3  H N N 12  
ALA HXT  H N N 13  
ARG N    N N N 14  
ARG CA   C N S 15  
ARG C    C N N 16  
ARG O    O N N 17  
ARG CB   C N N 18  
ARG CG   C N N 19  
ARG CD   C N N 20  
ARG NE   N N N 21  
ARG CZ   C N N 22  
ARG NH1  N N N 23  
ARG NH2  N N N 24  
ARG OXT  O N N 25  
ARG H    H N N 26  
ARG H2   H N N 27  
ARG HA   H N N 28  
ARG HB2  H N N 29  
ARG HB3  H N N 30  
ARG HG2  H N N 31  
ARG HG3  H N N 32  
ARG HD2  H N N 33  
ARG HD3  H N N 34  
ARG HE   H N N 35  
ARG HH11 H N N 36  
ARG HH12 H N N 37  
ARG HH21 H N N 38  
ARG HH22 H N N 39  
ARG HXT  H N N 40  
ASN N    N N N 41  
ASN CA   C N S 42  
ASN C    C N N 43  
ASN O    O N N 44  
ASN CB   C N N 45  
ASN CG   C N N 46  
ASN OD1  O N N 47  
ASN ND2  N N N 48  
ASN OXT  O N N 49  
ASN H    H N N 50  
ASN H2   H N N 51  
ASN HA   H N N 52  
ASN HB2  H N N 53  
ASN HB3  H N N 54  
ASN HD21 H N N 55  
ASN HD22 H N N 56  
ASN HXT  H N N 57  
ASP N    N N N 58  
ASP CA   C N S 59  
ASP C    C N N 60  
ASP O    O N N 61  
ASP CB   C N N 62  
ASP CG   C N N 63  
ASP OD1  O N N 64  
ASP OD2  O N N 65  
ASP OXT  O N N 66  
ASP H    H N N 67  
ASP H2   H N N 68  
ASP HA   H N N 69  
ASP HB2  H N N 70  
ASP HB3  H N N 71  
ASP HD2  H N N 72  
ASP HXT  H N N 73  
GLN N    N N N 74  
GLN CA   C N S 75  
GLN C    C N N 76  
GLN O    O N N 77  
GLN CB   C N N 78  
GLN CG   C N N 79  
GLN CD   C N N 80  
GLN OE1  O N N 81  
GLN NE2  N N N 82  
GLN OXT  O N N 83  
GLN H    H N N 84  
GLN H2   H N N 85  
GLN HA   H N N 86  
GLN HB2  H N N 87  
GLN HB3  H N N 88  
GLN HG2  H N N 89  
GLN HG3  H N N 90  
GLN HE21 H N N 91  
GLN HE22 H N N 92  
GLN HXT  H N N 93  
GLU N    N N N 94  
GLU CA   C N S 95  
GLU C    C N N 96  
GLU O    O N N 97  
GLU CB   C N N 98  
GLU CG   C N N 99  
GLU CD   C N N 100 
GLU OE1  O N N 101 
GLU OE2  O N N 102 
GLU OXT  O N N 103 
GLU H    H N N 104 
GLU H2   H N N 105 
GLU HA   H N N 106 
GLU HB2  H N N 107 
GLU HB3  H N N 108 
GLU HG2  H N N 109 
GLU HG3  H N N 110 
GLU HE2  H N N 111 
GLU HXT  H N N 112 
GLY N    N N N 113 
GLY CA   C N N 114 
GLY C    C N N 115 
GLY O    O N N 116 
GLY OXT  O N N 117 
GLY H    H N N 118 
GLY H2   H N N 119 
GLY HA2  H N N 120 
GLY HA3  H N N 121 
GLY HXT  H N N 122 
HOH O    O N N 123 
HOH H1   H N N 124 
HOH H2   H N N 125 
ILE N    N N N 126 
ILE CA   C N S 127 
ILE C    C N N 128 
ILE O    O N N 129 
ILE CB   C N S 130 
ILE CG1  C N N 131 
ILE CG2  C N N 132 
ILE CD1  C N N 133 
ILE OXT  O N N 134 
ILE H    H N N 135 
ILE H2   H N N 136 
ILE HA   H N N 137 
ILE HB   H N N 138 
ILE HG12 H N N 139 
ILE HG13 H N N 140 
ILE HG21 H N N 141 
ILE HG22 H N N 142 
ILE HG23 H N N 143 
ILE HD11 H N N 144 
ILE HD12 H N N 145 
ILE HD13 H N N 146 
ILE HXT  H N N 147 
LEU N    N N N 148 
LEU CA   C N S 149 
LEU C    C N N 150 
LEU O    O N N 151 
LEU CB   C N N 152 
LEU CG   C N N 153 
LEU CD1  C N N 154 
LEU CD2  C N N 155 
LEU OXT  O N N 156 
LEU H    H N N 157 
LEU H2   H N N 158 
LEU HA   H N N 159 
LEU HB2  H N N 160 
LEU HB3  H N N 161 
LEU HG   H N N 162 
LEU HD11 H N N 163 
LEU HD12 H N N 164 
LEU HD13 H N N 165 
LEU HD21 H N N 166 
LEU HD22 H N N 167 
LEU HD23 H N N 168 
LEU HXT  H N N 169 
LYS N    N N N 170 
LYS CA   C N S 171 
LYS C    C N N 172 
LYS O    O N N 173 
LYS CB   C N N 174 
LYS CG   C N N 175 
LYS CD   C N N 176 
LYS CE   C N N 177 
LYS NZ   N N N 178 
LYS OXT  O N N 179 
LYS H    H N N 180 
LYS H2   H N N 181 
LYS HA   H N N 182 
LYS HB2  H N N 183 
LYS HB3  H N N 184 
LYS HG2  H N N 185 
LYS HG3  H N N 186 
LYS HD2  H N N 187 
LYS HD3  H N N 188 
LYS HE2  H N N 189 
LYS HE3  H N N 190 
LYS HZ1  H N N 191 
LYS HZ2  H N N 192 
LYS HZ3  H N N 193 
LYS HXT  H N N 194 
MET N    N N N 195 
MET CA   C N S 196 
MET C    C N N 197 
MET O    O N N 198 
MET CB   C N N 199 
MET CG   C N N 200 
MET SD   S N N 201 
MET CE   C N N 202 
MET OXT  O N N 203 
MET H    H N N 204 
MET H2   H N N 205 
MET HA   H N N 206 
MET HB2  H N N 207 
MET HB3  H N N 208 
MET HG2  H N N 209 
MET HG3  H N N 210 
MET HE1  H N N 211 
MET HE2  H N N 212 
MET HE3  H N N 213 
MET HXT  H N N 214 
SER N    N N N 215 
SER CA   C N S 216 
SER C    C N N 217 
SER O    O N N 218 
SER CB   C N N 219 
SER OG   O N N 220 
SER OXT  O N N 221 
SER H    H N N 222 
SER H2   H N N 223 
SER HA   H N N 224 
SER HB2  H N N 225 
SER HB3  H N N 226 
SER HG   H N N 227 
SER HXT  H N N 228 
THR N    N N N 229 
THR CA   C N S 230 
THR C    C N N 231 
THR O    O N N 232 
THR CB   C N R 233 
THR OG1  O N N 234 
THR CG2  C N N 235 
THR OXT  O N N 236 
THR H    H N N 237 
THR H2   H N N 238 
THR HA   H N N 239 
THR HB   H N N 240 
THR HG1  H N N 241 
THR HG21 H N N 242 
THR HG22 H N N 243 
THR HG23 H N N 244 
THR HXT  H N N 245 
VAL N    N N N 246 
VAL CA   C N S 247 
VAL C    C N N 248 
VAL O    O N N 249 
VAL CB   C N N 250 
VAL CG1  C N N 251 
VAL CG2  C N N 252 
VAL OXT  O N N 253 
VAL H    H N N 254 
VAL H2   H N N 255 
VAL HA   H N N 256 
VAL HB   H N N 257 
VAL HG11 H N N 258 
VAL HG12 H N N 259 
VAL HG13 H N N 260 
VAL HG21 H N N 261 
VAL HG22 H N N 262 
VAL HG23 H N N 263 
VAL HXT  H N N 264 
# 
loop_
_chem_comp_bond.comp_id 
_chem_comp_bond.atom_id_1 
_chem_comp_bond.atom_id_2 
_chem_comp_bond.value_order 
_chem_comp_bond.pdbx_aromatic_flag 
_chem_comp_bond.pdbx_stereo_config 
_chem_comp_bond.pdbx_ordinal 
ALA N   CA   sing N N 1   
ALA N   H    sing N N 2   
ALA N   H2   sing N N 3   
ALA CA  C    sing N N 4   
ALA CA  CB   sing N N 5   
ALA CA  HA   sing N N 6   
ALA C   O    doub N N 7   
ALA C   OXT  sing N N 8   
ALA CB  HB1  sing N N 9   
ALA CB  HB2  sing N N 10  
ALA CB  HB3  sing N N 11  
ALA OXT HXT  sing N N 12  
ARG N   CA   sing N N 13  
ARG N   H    sing N N 14  
ARG N   H2   sing N N 15  
ARG CA  C    sing N N 16  
ARG CA  CB   sing N N 17  
ARG CA  HA   sing N N 18  
ARG C   O    doub N N 19  
ARG C   OXT  sing N N 20  
ARG CB  CG   sing N N 21  
ARG CB  HB2  sing N N 22  
ARG CB  HB3  sing N N 23  
ARG CG  CD   sing N N 24  
ARG CG  HG2  sing N N 25  
ARG CG  HG3  sing N N 26  
ARG CD  NE   sing N N 27  
ARG CD  HD2  sing N N 28  
ARG CD  HD3  sing N N 29  
ARG NE  CZ   sing N N 30  
ARG NE  HE   sing N N 31  
ARG CZ  NH1  sing N N 32  
ARG CZ  NH2  doub N N 33  
ARG NH1 HH11 sing N N 34  
ARG NH1 HH12 sing N N 35  
ARG NH2 HH21 sing N N 36  
ARG NH2 HH22 sing N N 37  
ARG OXT HXT  sing N N 38  
ASN N   CA   sing N N 39  
ASN N   H    sing N N 40  
ASN N   H2   sing N N 41  
ASN CA  C    sing N N 42  
ASN CA  CB   sing N N 43  
ASN CA  HA   sing N N 44  
ASN C   O    doub N N 45  
ASN C   OXT  sing N N 46  
ASN CB  CG   sing N N 47  
ASN CB  HB2  sing N N 48  
ASN CB  HB3  sing N N 49  
ASN CG  OD1  doub N N 50  
ASN CG  ND2  sing N N 51  
ASN ND2 HD21 sing N N 52  
ASN ND2 HD22 sing N N 53  
ASN OXT HXT  sing N N 54  
ASP N   CA   sing N N 55  
ASP N   H    sing N N 56  
ASP N   H2   sing N N 57  
ASP CA  C    sing N N 58  
ASP CA  CB   sing N N 59  
ASP CA  HA   sing N N 60  
ASP C   O    doub N N 61  
ASP C   OXT  sing N N 62  
ASP CB  CG   sing N N 63  
ASP CB  HB2  sing N N 64  
ASP CB  HB3  sing N N 65  
ASP CG  OD1  doub N N 66  
ASP CG  OD2  sing N N 67  
ASP OD2 HD2  sing N N 68  
ASP OXT HXT  sing N N 69  
GLN N   CA   sing N N 70  
GLN N   H    sing N N 71  
GLN N   H2   sing N N 72  
GLN CA  C    sing N N 73  
GLN CA  CB   sing N N 74  
GLN CA  HA   sing N N 75  
GLN C   O    doub N N 76  
GLN C   OXT  sing N N 77  
GLN CB  CG   sing N N 78  
GLN CB  HB2  sing N N 79  
GLN CB  HB3  sing N N 80  
GLN CG  CD   sing N N 81  
GLN CG  HG2  sing N N 82  
GLN CG  HG3  sing N N 83  
GLN CD  OE1  doub N N 84  
GLN CD  NE2  sing N N 85  
GLN NE2 HE21 sing N N 86  
GLN NE2 HE22 sing N N 87  
GLN OXT HXT  sing N N 88  
GLU N   CA   sing N N 89  
GLU N   H    sing N N 90  
GLU N   H2   sing N N 91  
GLU CA  C    sing N N 92  
GLU CA  CB   sing N N 93  
GLU CA  HA   sing N N 94  
GLU C   O    doub N N 95  
GLU C   OXT  sing N N 96  
GLU CB  CG   sing N N 97  
GLU CB  HB2  sing N N 98  
GLU CB  HB3  sing N N 99  
GLU CG  CD   sing N N 100 
GLU CG  HG2  sing N N 101 
GLU CG  HG3  sing N N 102 
GLU CD  OE1  doub N N 103 
GLU CD  OE2  sing N N 104 
GLU OE2 HE2  sing N N 105 
GLU OXT HXT  sing N N 106 
GLY N   CA   sing N N 107 
GLY N   H    sing N N 108 
GLY N   H2   sing N N 109 
GLY CA  C    sing N N 110 
GLY CA  HA2  sing N N 111 
GLY CA  HA3  sing N N 112 
GLY C   O    doub N N 113 
GLY C   OXT  sing N N 114 
GLY OXT HXT  sing N N 115 
HOH O   H1   sing N N 116 
HOH O   H2   sing N N 117 
ILE N   CA   sing N N 118 
ILE N   H    sing N N 119 
ILE N   H2   sing N N 120 
ILE CA  C    sing N N 121 
ILE CA  CB   sing N N 122 
ILE CA  HA   sing N N 123 
ILE C   O    doub N N 124 
ILE C   OXT  sing N N 125 
ILE CB  CG1  sing N N 126 
ILE CB  CG2  sing N N 127 
ILE CB  HB   sing N N 128 
ILE CG1 CD1  sing N N 129 
ILE CG1 HG12 sing N N 130 
ILE CG1 HG13 sing N N 131 
ILE CG2 HG21 sing N N 132 
ILE CG2 HG22 sing N N 133 
ILE CG2 HG23 sing N N 134 
ILE CD1 HD11 sing N N 135 
ILE CD1 HD12 sing N N 136 
ILE CD1 HD13 sing N N 137 
ILE OXT HXT  sing N N 138 
LEU N   CA   sing N N 139 
LEU N   H    sing N N 140 
LEU N   H2   sing N N 141 
LEU CA  C    sing N N 142 
LEU CA  CB   sing N N 143 
LEU CA  HA   sing N N 144 
LEU C   O    doub N N 145 
LEU C   OXT  sing N N 146 
LEU CB  CG   sing N N 147 
LEU CB  HB2  sing N N 148 
LEU CB  HB3  sing N N 149 
LEU CG  CD1  sing N N 150 
LEU CG  CD2  sing N N 151 
LEU CG  HG   sing N N 152 
LEU CD1 HD11 sing N N 153 
LEU CD1 HD12 sing N N 154 
LEU CD1 HD13 sing N N 155 
LEU CD2 HD21 sing N N 156 
LEU CD2 HD22 sing N N 157 
LEU CD2 HD23 sing N N 158 
LEU OXT HXT  sing N N 159 
LYS N   CA   sing N N 160 
LYS N   H    sing N N 161 
LYS N   H2   sing N N 162 
LYS CA  C    sing N N 163 
LYS CA  CB   sing N N 164 
LYS CA  HA   sing N N 165 
LYS C   O    doub N N 166 
LYS C   OXT  sing N N 167 
LYS CB  CG   sing N N 168 
LYS CB  HB2  sing N N 169 
LYS CB  HB3  sing N N 170 
LYS CG  CD   sing N N 171 
LYS CG  HG2  sing N N 172 
LYS CG  HG3  sing N N 173 
LYS CD  CE   sing N N 174 
LYS CD  HD2  sing N N 175 
LYS CD  HD3  sing N N 176 
LYS CE  NZ   sing N N 177 
LYS CE  HE2  sing N N 178 
LYS CE  HE3  sing N N 179 
LYS NZ  HZ1  sing N N 180 
LYS NZ  HZ2  sing N N 181 
LYS NZ  HZ3  sing N N 182 
LYS OXT HXT  sing N N 183 
MET N   CA   sing N N 184 
MET N   H    sing N N 185 
MET N   H2   sing N N 186 
MET CA  C    sing N N 187 
MET CA  CB   sing N N 188 
MET CA  HA   sing N N 189 
MET C   O    doub N N 190 
MET C   OXT  sing N N 191 
MET CB  CG   sing N N 192 
MET CB  HB2  sing N N 193 
MET CB  HB3  sing N N 194 
MET CG  SD   sing N N 195 
MET CG  HG2  sing N N 196 
MET CG  HG3  sing N N 197 
MET SD  CE   sing N N 198 
MET CE  HE1  sing N N 199 
MET CE  HE2  sing N N 200 
MET CE  HE3  sing N N 201 
MET OXT HXT  sing N N 202 
SER N   CA   sing N N 203 
SER N   H    sing N N 204 
SER N   H2   sing N N 205 
SER CA  C    sing N N 206 
SER CA  CB   sing N N 207 
SER CA  HA   sing N N 208 
SER C   O    doub N N 209 
SER C   OXT  sing N N 210 
SER CB  OG   sing N N 211 
SER CB  HB2  sing N N 212 
SER CB  HB3  sing N N 213 
SER OG  HG   sing N N 214 
SER OXT HXT  sing N N 215 
THR N   CA   sing N N 216 
THR N   H    sing N N 217 
THR N   H2   sing N N 218 
THR CA  C    sing N N 219 
THR CA  CB   sing N N 220 
THR CA  HA   sing N N 221 
THR C   O    doub N N 222 
THR C   OXT  sing N N 223 
THR CB  OG1  sing N N 224 
THR CB  CG2  sing N N 225 
THR CB  HB   sing N N 226 
THR OG1 HG1  sing N N 227 
THR CG2 HG21 sing N N 228 
THR CG2 HG22 sing N N 229 
THR CG2 HG23 sing N N 230 
THR OXT HXT  sing N N 231 
VAL N   CA   sing N N 232 
VAL N   H    sing N N 233 
VAL N   H2   sing N N 234 
VAL CA  C    sing N N 235 
VAL CA  CB   sing N N 236 
VAL CA  HA   sing N N 237 
VAL C   O    doub N N 238 
VAL C   OXT  sing N N 239 
VAL CB  CG1  sing N N 240 
VAL CB  CG2  sing N N 241 
VAL CB  HB   sing N N 242 
VAL CG1 HG11 sing N N 243 
VAL CG1 HG12 sing N N 244 
VAL CG1 HG13 sing N N 245 
VAL CG2 HG21 sing N N 246 
VAL CG2 HG22 sing N N 247 
VAL CG2 HG23 sing N N 248 
VAL OXT HXT  sing N N 249 
# 
_atom_sites.entry_id                    1D7M 
_atom_sites.fract_transf_matrix[1][1]   0.00872406 
_atom_sites.fract_transf_matrix[1][2]   -0.00514737 
_atom_sites.fract_transf_matrix[1][3]   -0.00995307 
_atom_sites.fract_transf_matrix[2][1]   0.00122352 
_atom_sites.fract_transf_matrix[2][2]   -0.00632797 
_atom_sites.fract_transf_matrix[2][3]   0.00434503 
_atom_sites.fract_transf_matrix[3][1]   -0.00844402 
_atom_sites.fract_transf_matrix[3][2]   -0.00495513 
_atom_sites.fract_transf_matrix[3][3]   -0.00483874 
_atom_sites.fract_transf_vector[1]      0.321197 
_atom_sites.fract_transf_vector[2]      0.699890 
_atom_sites.fract_transf_vector[3]      0.798068 
# 
loop_
_atom_type.symbol 
C 
N 
O 
S 
# 
loop_
_atom_site.group_PDB 
_atom_site.id 
_atom_site.type_symbol 
_atom_site.label_atom_id 
_atom_site.label_alt_id 
_atom_site.label_comp_id 
_atom_site.label_asym_id 
_atom_site.label_entity_id 
_atom_site.label_seq_id 
_atom_site.pdbx_PDB_ins_code 
_atom_site.Cartn_x 
_atom_site.Cartn_y 
_atom_site.Cartn_z 
_atom_site.occupancy 
_atom_site.B_iso_or_equiv 
_atom_site.pdbx_formal_charge 
_atom_site.auth_seq_id 
_atom_site.auth_comp_id 
_atom_site.auth_asym_id 
_atom_site.auth_atom_id 
_atom_site.pdbx_PDB_model_num 
ATOM   1    N N   . GLU A 1 1   ? 42.002  -55.639 21.825  1.00 122.88 ? 243 GLU A N   1 
ATOM   2    C CA  . GLU A 1 1   ? 41.122  -54.858 22.739  1.00 132.18 ? 243 GLU A CA  1 
ATOM   3    C C   . GLU A 1 1   ? 41.809  -53.542 23.149  1.00 135.68 ? 243 GLU A C   1 
ATOM   4    O O   . GLU A 1 1   ? 42.338  -52.827 22.297  1.00 132.09 ? 243 GLU A O   1 
ATOM   5    C CB  . GLU A 1 1   ? 40.787  -55.709 23.974  1.00 122.71 ? 243 GLU A CB  1 
ATOM   6    C CG  . GLU A 1 1   ? 39.438  -55.407 24.622  1.00 121.55 ? 243 GLU A CG  1 
ATOM   7    C CD  . GLU A 1 1   ? 39.325  -53.978 25.123  1.00 125.84 ? 243 GLU A CD  1 
ATOM   8    O OE1 . GLU A 1 1   ? 39.359  -53.048 24.293  1.00 122.90 ? 243 GLU A OE1 1 
ATOM   9    O OE2 . GLU A 1 1   ? 39.203  -53.784 26.348  1.00 123.12 ? 243 GLU A OE2 1 
ATOM   10   N N   . MET A 1 2   ? 41.806  -53.243 24.447  1.00 139.81 ? 244 MET A N   1 
ATOM   11   C CA  . MET A 1 2   ? 42.387  -52.022 25.024  1.00 138.57 ? 244 MET A CA  1 
ATOM   12   C C   . MET A 1 2   ? 43.107  -51.016 24.114  1.00 143.35 ? 244 MET A C   1 
ATOM   13   O O   . MET A 1 2   ? 42.620  -49.904 23.952  1.00 158.16 ? 244 MET A O   1 
ATOM   14   C CB  . MET A 1 2   ? 43.297  -52.382 26.206  1.00 128.03 ? 244 MET A CB  1 
ATOM   15   C CG  . MET A 1 2   ? 42.557  -52.856 27.468  1.00 126.50 ? 244 MET A CG  1 
ATOM   16   S SD  . MET A 1 2   ? 41.678  -51.572 28.413  1.00 134.43 ? 244 MET A SD  1 
ATOM   17   C CE  . MET A 1 2   ? 40.085  -52.343 28.677  1.00 137.71 ? 244 MET A CE  1 
ATOM   18   N N   . ALA A 1 3   ? 44.254  -51.371 23.533  1.00 137.65 ? 245 ALA A N   1 
ATOM   19   C CA  . ALA A 1 3   ? 44.971  -50.430 22.657  1.00 129.21 ? 245 ALA A CA  1 
ATOM   20   C C   . ALA A 1 3   ? 44.154  -50.130 21.399  1.00 128.56 ? 245 ALA A C   1 
ATOM   21   O O   . ALA A 1 3   ? 44.095  -48.993 20.913  1.00 125.48 ? 245 ALA A O   1 
ATOM   22   C CB  . ALA A 1 3   ? 46.328  -51.006 22.270  1.00 123.70 ? 245 ALA A CB  1 
ATOM   23   N N   . ASN A 1 4   ? 43.527  -51.178 20.882  1.00 119.41 ? 246 ASN A N   1 
ATOM   24   C CA  . ASN A 1 4   ? 42.695  -51.064 19.700  1.00 117.26 ? 246 ASN A CA  1 
ATOM   25   C C   . ASN A 1 4   ? 41.457  -50.254 20.084  1.00 118.76 ? 246 ASN A C   1 
ATOM   26   O O   . ASN A 1 4   ? 41.221  -49.183 19.528  1.00 121.96 ? 246 ASN A O   1 
ATOM   27   C CB  . ASN A 1 4   ? 42.305  -52.457 19.197  1.00 116.63 ? 246 ASN A CB  1 
ATOM   28   C CG  . ASN A 1 4   ? 42.257  -52.533 17.682  1.00 120.47 ? 246 ASN A CG  1 
ATOM   29   O OD1 . ASN A 1 4   ? 43.229  -52.191 17.002  1.00 111.58 ? 246 ASN A OD1 1 
ATOM   30   N ND2 . ASN A 1 4   ? 41.129  -52.986 17.146  1.00 109.80 ? 246 ASN A ND2 1 
ATOM   31   N N   . ARG A 1 5   ? 40.686  -50.759 21.047  1.00 113.73 ? 247 ARG A N   1 
ATOM   32   C CA  . ARG A 1 5   ? 39.480  -50.080 21.535  1.00 110.89 ? 247 ARG A CA  1 
ATOM   33   C C   . ARG A 1 5   ? 39.773  -48.584 21.724  1.00 109.49 ? 247 ARG A C   1 
ATOM   34   O O   . ARG A 1 5   ? 38.902  -47.730 21.534  1.00 115.81 ? 247 ARG A O   1 
ATOM   35   C CB  . ARG A 1 5   ? 39.049  -50.720 22.861  1.00 109.54 ? 247 ARG A CB  1 
ATOM   36   C CG  . ARG A 1 5   ? 37.903  -50.045 23.591  1.00 115.64 ? 247 ARG A CG  1 
ATOM   37   C CD  . ARG A 1 5   ? 36.542  -50.326 22.975  1.00 114.93 ? 247 ARG A CD  1 
ATOM   38   N NE  . ARG A 1 5   ? 35.493  -49.705 23.780  1.00 125.45 ? 247 ARG A NE  1 
ATOM   39   C CZ  . ARG A 1 5   ? 34.238  -49.525 23.382  1.00 128.89 ? 247 ARG A CZ  1 
ATOM   40   N NH1 . ARG A 1 5   ? 33.854  -49.920 22.176  1.00 133.73 ? 247 ARG A NH1 1 
ATOM   41   N NH2 . ARG A 1 5   ? 33.366  -48.933 24.189  1.00 118.55 ? 247 ARG A NH2 1 
ATOM   42   N N   . LEU A 1 6   ? 41.022  -48.291 22.078  1.00 106.58 ? 248 LEU A N   1 
ATOM   43   C CA  . LEU A 1 6   ? 41.505  -46.929 22.296  1.00 102.73 ? 248 LEU A CA  1 
ATOM   44   C C   . LEU A 1 6   ? 41.564  -46.130 20.988  1.00 101.76 ? 248 LEU A C   1 
ATOM   45   O O   . LEU A 1 6   ? 40.687  -45.310 20.726  1.00 96.85  ? 248 LEU A O   1 
ATOM   46   C CB  . LEU A 1 6   ? 42.901  -46.968 22.923  1.00 106.70 ? 248 LEU A CB  1 
ATOM   47   C CG  . LEU A 1 6   ? 43.486  -45.717 23.581  1.00 103.10 ? 248 LEU A CG  1 
ATOM   48   C CD1 . LEU A 1 6   ? 42.928  -45.632 24.996  1.00 98.79  ? 248 LEU A CD1 1 
ATOM   49   C CD2 . LEU A 1 6   ? 45.022  -45.785 23.610  1.00 97.19  ? 248 LEU A CD2 1 
ATOM   50   N N   . ALA A 1 7   ? 42.594  -46.365 20.170  1.00 106.54 ? 249 ALA A N   1 
ATOM   51   C CA  . ALA A 1 7   ? 42.742  -45.641 18.903  1.00 97.27  ? 249 ALA A CA  1 
ATOM   52   C C   . ALA A 1 7   ? 41.374  -45.515 18.234  1.00 93.03  ? 249 ALA A C   1 
ATOM   53   O O   . ALA A 1 7   ? 41.110  -44.578 17.470  1.00 82.43  ? 249 ALA A O   1 
ATOM   54   C CB  . ALA A 1 7   ? 43.737  -46.364 17.973  1.00 88.32  ? 249 ALA A CB  1 
ATOM   55   N N   . GLY A 1 8   ? 40.508  -46.472 18.555  1.00 85.44  ? 250 GLY A N   1 
ATOM   56   C CA  . GLY A 1 8   ? 39.156  -46.487 18.033  1.00 85.83  ? 250 GLY A CA  1 
ATOM   57   C C   . GLY A 1 8   ? 38.395  -45.297 18.571  1.00 94.73  ? 250 GLY A C   1 
ATOM   58   O O   . GLY A 1 8   ? 38.058  -44.378 17.830  1.00 108.37 ? 250 GLY A O   1 
ATOM   59   N N   . LEU A 1 9   ? 38.129  -45.293 19.871  1.00 93.65  ? 251 LEU A N   1 
ATOM   60   C CA  . LEU A 1 9   ? 37.409  -44.174 20.437  1.00 75.10  ? 251 LEU A CA  1 
ATOM   61   C C   . LEU A 1 9   ? 38.037  -42.826 20.115  1.00 76.84  ? 251 LEU A C   1 
ATOM   62   O O   . LEU A 1 9   ? 37.340  -41.815 20.093  1.00 73.98  ? 251 LEU A O   1 
ATOM   63   C CB  . LEU A 1 9   ? 37.235  -44.338 21.947  1.00 71.78  ? 251 LEU A CB  1 
ATOM   64   C CG  . LEU A 1 9   ? 36.002  -45.202 22.215  1.00 76.83  ? 251 LEU A CG  1 
ATOM   65   C CD1 . LEU A 1 9   ? 35.646  -45.197 23.703  1.00 78.90  ? 251 LEU A CD1 1 
ATOM   66   C CD2 . LEU A 1 9   ? 34.841  -44.663 21.370  1.00 71.93  ? 251 LEU A CD2 1 
ATOM   67   N N   . GLU A 1 10  ? 39.340  -42.786 19.857  1.00 75.51  ? 252 GLU A N   1 
ATOM   68   C CA  . GLU A 1 10  ? 39.950  -41.507 19.516  1.00 78.53  ? 252 GLU A CA  1 
ATOM   69   C C   . GLU A 1 10  ? 39.464  -41.137 18.133  1.00 76.51  ? 252 GLU A C   1 
ATOM   70   O O   . GLU A 1 10  ? 39.340  -39.964 17.798  1.00 83.69  ? 252 GLU A O   1 
ATOM   71   C CB  . GLU A 1 10  ? 41.468  -41.592 19.484  1.00 82.72  ? 252 GLU A CB  1 
ATOM   72   C CG  . GLU A 1 10  ? 42.107  -42.000 20.777  1.00 103.81 ? 252 GLU A CG  1 
ATOM   73   C CD  . GLU A 1 10  ? 43.608  -42.056 20.650  1.00 120.58 ? 252 GLU A CD  1 
ATOM   74   O OE1 . GLU A 1 10  ? 44.263  -41.015 20.871  1.00 118.04 ? 252 GLU A OE1 1 
ATOM   75   O OE2 . GLU A 1 10  ? 44.127  -43.140 20.308  1.00 121.36 ? 252 GLU A OE2 1 
ATOM   76   N N   . ASN A 1 11  ? 39.202  -42.145 17.313  1.00 76.79  ? 253 ASN A N   1 
ATOM   77   C CA  . ASN A 1 11  ? 38.716  -41.869 15.977  1.00 81.40  ? 253 ASN A CA  1 
ATOM   78   C C   . ASN A 1 11  ? 37.308  -41.285 16.080  1.00 77.63  ? 253 ASN A C   1 
ATOM   79   O O   . ASN A 1 11  ? 36.992  -40.270 15.457  1.00 80.15  ? 253 ASN A O   1 
ATOM   80   C CB  . ASN A 1 11  ? 38.675  -43.131 15.132  1.00 84.91  ? 253 ASN A CB  1 
ATOM   81   C CG  . ASN A 1 11  ? 38.403  -42.821 13.684  1.00 98.81  ? 253 ASN A CG  1 
ATOM   82   O OD1 . ASN A 1 11  ? 39.212  -42.166 13.026  1.00 104.07 ? 253 ASN A OD1 1 
ATOM   83   N ND2 . ASN A 1 11  ? 37.251  -43.266 13.179  1.00 75.70  ? 253 ASN A ND2 1 
ATOM   84   N N   . SER A 1 12  ? 36.464  -41.949 16.862  1.00 71.94  ? 254 SER A N   1 
ATOM   85   C CA  . SER A 1 12  ? 35.093  -41.505 17.085  1.00 73.29  ? 254 SER A CA  1 
ATOM   86   C C   . SER A 1 12  ? 35.083  -40.046 17.579  1.00 77.56  ? 254 SER A C   1 
ATOM   87   O O   . SER A 1 12  ? 34.500  -39.161 16.937  1.00 78.15  ? 254 SER A O   1 
ATOM   88   C CB  . SER A 1 12  ? 34.417  -42.433 18.105  1.00 65.63  ? 254 SER A CB  1 
ATOM   89   O OG  . SER A 1 12  ? 33.120  -41.971 18.445  1.00 69.21  ? 254 SER A OG  1 
ATOM   90   N N   . LEU A 1 13  ? 35.740  -39.795 18.713  1.00 67.93  ? 255 LEU A N   1 
ATOM   91   C CA  . LEU A 1 13  ? 35.817  -38.439 19.267  1.00 72.99  ? 255 LEU A CA  1 
ATOM   92   C C   . LEU A 1 13  ? 36.264  -37.472 18.170  1.00 76.20  ? 255 LEU A C   1 
ATOM   93   O O   . LEU A 1 13  ? 35.772  -36.354 18.064  1.00 90.45  ? 255 LEU A O   1 
ATOM   94   C CB  . LEU A 1 13  ? 36.819  -38.370 20.430  1.00 58.12  ? 255 LEU A CB  1 
ATOM   95   C CG  . LEU A 1 13  ? 36.781  -37.024 21.169  1.00 68.28  ? 255 LEU A CG  1 
ATOM   96   C CD1 . LEU A 1 13  ? 35.446  -36.888 21.902  1.00 59.90  ? 255 LEU A CD1 1 
ATOM   97   C CD2 . LEU A 1 13  ? 37.937  -36.912 22.152  1.00 53.17  ? 255 LEU A CD2 1 
ATOM   98   N N   . GLU A 1 14  ? 37.197  -37.918 17.349  1.00 72.82  ? 256 GLU A N   1 
ATOM   99   C CA  . GLU A 1 14  ? 37.705  -37.098 16.268  1.00 75.24  ? 256 GLU A CA  1 
ATOM   100  C C   . GLU A 1 14  ? 36.630  -36.585 15.309  1.00 65.21  ? 256 GLU A C   1 
ATOM   101  O O   . GLU A 1 14  ? 36.368  -35.378 15.187  1.00 53.23  ? 256 GLU A O   1 
ATOM   102  C CB  . GLU A 1 14  ? 38.741  -37.898 15.485  1.00 84.17  ? 256 GLU A CB  1 
ATOM   103  C CG  . GLU A 1 14  ? 39.234  -37.168 14.297  1.00 75.87  ? 256 GLU A CG  1 
ATOM   104  C CD  . GLU A 1 14  ? 39.614  -35.768 14.670  1.00 80.72  ? 256 GLU A CD  1 
ATOM   105  O OE1 . GLU A 1 14  ? 39.766  -34.946 13.753  1.00 103.03 ? 256 GLU A OE1 1 
ATOM   106  O OE2 . GLU A 1 14  ? 39.760  -35.498 15.884  1.00 73.10  ? 256 GLU A OE2 1 
ATOM   107  N N   . SER A 1 15  ? 36.008  -37.518 14.610  1.00 59.01  ? 257 SER A N   1 
ATOM   108  C CA  . SER A 1 15  ? 35.001  -37.125 13.655  1.00 74.93  ? 257 SER A CA  1 
ATOM   109  C C   . SER A 1 15  ? 33.934  -36.284 14.349  1.00 71.84  ? 257 SER A C   1 
ATOM   110  O O   . SER A 1 15  ? 33.424  -35.339 13.762  1.00 72.90  ? 257 SER A O   1 
ATOM   111  C CB  . SER A 1 15  ? 34.381  -38.349 12.985  1.00 66.82  ? 257 SER A CB  1 
ATOM   112  O OG  . SER A 1 15  ? 33.342  -38.878 13.777  1.00 87.50  ? 257 SER A OG  1 
ATOM   113  N N   . GLU A 1 16  ? 33.612  -36.596 15.602  1.00 67.41  ? 258 GLU A N   1 
ATOM   114  C CA  . GLU A 1 16  ? 32.601  -35.821 16.316  1.00 56.95  ? 258 GLU A CA  1 
ATOM   115  C C   . GLU A 1 16  ? 32.975  -34.371 16.667  1.00 54.62  ? 258 GLU A C   1 
ATOM   116  O O   . GLU A 1 16  ? 32.106  -33.499 16.697  1.00 44.12  ? 258 GLU A O   1 
ATOM   117  C CB  . GLU A 1 16  ? 32.155  -36.573 17.563  1.00 44.57  ? 258 GLU A CB  1 
ATOM   118  C CG  . GLU A 1 16  ? 31.076  -37.585 17.275  1.00 64.84  ? 258 GLU A CG  1 
ATOM   119  C CD  . GLU A 1 16  ? 30.812  -38.465 18.472  1.00 100.58 ? 258 GLU A CD  1 
ATOM   120  O OE1 . GLU A 1 16  ? 31.065  -37.990 19.596  1.00 113.63 ? 258 GLU A OE1 1 
ATOM   121  O OE2 . GLU A 1 16  ? 30.355  -39.615 18.300  1.00 103.63 ? 258 GLU A OE2 1 
ATOM   122  N N   . LYS A 1 17  ? 34.238  -34.080 16.950  1.00 47.83  ? 259 LYS A N   1 
ATOM   123  C CA  . LYS A 1 17  ? 34.544  -32.680 17.212  1.00 55.25  ? 259 LYS A CA  1 
ATOM   124  C C   . LYS A 1 17  ? 34.394  -31.966 15.871  1.00 51.80  ? 259 LYS A C   1 
ATOM   125  O O   . LYS A 1 17  ? 33.980  -30.813 15.812  1.00 41.81  ? 259 LYS A O   1 
ATOM   126  C CB  . LYS A 1 17  ? 35.953  -32.484 17.767  1.00 45.00  ? 259 LYS A CB  1 
ATOM   127  C CG  . LYS A 1 17  ? 36.059  -32.733 19.257  1.00 53.74  ? 259 LYS A CG  1 
ATOM   128  C CD  . LYS A 1 17  ? 37.291  -32.053 19.825  1.00 59.07  ? 259 LYS A CD  1 
ATOM   129  C CE  . LYS A 1 17  ? 37.395  -32.267 21.330  1.00 74.62  ? 259 LYS A CE  1 
ATOM   130  N NZ  . LYS A 1 17  ? 38.502  -31.485 21.955  1.00 92.43  ? 259 LYS A NZ  1 
ATOM   131  N N   . VAL A 1 18  ? 34.714  -32.665 14.784  1.00 54.72  ? 260 VAL A N   1 
ATOM   132  C CA  . VAL A 1 18  ? 34.589  -32.114 13.433  1.00 54.72  ? 260 VAL A CA  1 
ATOM   133  C C   . VAL A 1 18  ? 33.109  -31.731 13.168  1.00 53.54  ? 260 VAL A C   1 
ATOM   134  O O   . VAL A 1 18  ? 32.783  -30.600 12.763  1.00 45.56  ? 260 VAL A O   1 
ATOM   135  C CB  . VAL A 1 18  ? 35.146  -33.168 12.379  1.00 55.87  ? 260 VAL A CB  1 
ATOM   136  C CG1 . VAL A 1 18  ? 34.150  -33.426 11.262  1.00 57.98  ? 260 VAL A CG1 1 
ATOM   137  C CG2 . VAL A 1 18  ? 36.470  -32.672 11.796  1.00 35.06  ? 260 VAL A CG2 1 
ATOM   138  N N   . SER A 1 19  ? 32.216  -32.680 13.421  1.00 42.51  ? 261 SER A N   1 
ATOM   139  C CA  . SER A 1 19  ? 30.780  -32.467 13.250  1.00 49.52  ? 261 SER A CA  1 
ATOM   140  C C   . SER A 1 19  ? 30.340  -31.254 14.042  1.00 62.85  ? 261 SER A C   1 
ATOM   141  O O   . SER A 1 19  ? 29.610  -30.407 13.539  1.00 67.34  ? 261 SER A O   1 
ATOM   142  C CB  . SER A 1 19  ? 30.000  -33.684 13.749  1.00 45.35  ? 261 SER A CB  1 
ATOM   143  O OG  . SER A 1 19  ? 30.207  -34.798 12.909  1.00 57.56  ? 261 SER A OG  1 
ATOM   144  N N   . ARG A 1 20  ? 30.775  -31.190 15.296  1.00 58.12  ? 262 ARG A N   1 
ATOM   145  C CA  . ARG A 1 20  ? 30.414  -30.065 16.135  1.00 49.29  ? 262 ARG A CA  1 
ATOM   146  C C   . ARG A 1 20  ? 30.887  -28.732 15.532  1.00 47.35  ? 262 ARG A C   1 
ATOM   147  O O   . ARG A 1 20  ? 30.178  -27.736 15.631  1.00 63.19  ? 262 ARG A O   1 
ATOM   148  C CB  . ARG A 1 20  ? 30.971  -30.241 17.552  1.00 47.64  ? 262 ARG A CB  1 
ATOM   149  C CG  . ARG A 1 20  ? 30.823  -29.009 18.417  1.00 48.76  ? 262 ARG A CG  1 
ATOM   150  C CD  . ARG A 1 20  ? 31.534  -29.172 19.754  1.00 56.93  ? 262 ARG A CD  1 
ATOM   151  N NE  . ARG A 1 20  ? 31.779  -27.876 20.378  1.00 76.14  ? 262 ARG A NE  1 
ATOM   152  C CZ  . ARG A 1 20  ? 32.171  -27.684 21.635  1.00 89.36  ? 262 ARG A CZ  1 
ATOM   153  N NH1 . ARG A 1 20  ? 32.387  -28.709 22.444  1.00 92.43  ? 262 ARG A NH1 1 
ATOM   154  N NH2 . ARG A 1 20  ? 32.326  -26.448 22.087  1.00 87.74  ? 262 ARG A NH2 1 
ATOM   155  N N   . GLU A 1 21  ? 32.066  -28.704 14.904  1.00 50.98  ? 263 GLU A N   1 
ATOM   156  C CA  . GLU A 1 21  ? 32.552  -27.461 14.295  1.00 44.21  ? 263 GLU A CA  1 
ATOM   157  C C   . GLU A 1 21  ? 31.570  -27.033 13.224  1.00 54.50  ? 263 GLU A C   1 
ATOM   158  O O   . GLU A 1 21  ? 31.245  -25.852 13.058  1.00 49.87  ? 263 GLU A O   1 
ATOM   159  C CB  . GLU A 1 21  ? 33.940  -27.643 13.665  1.00 55.40  ? 263 GLU A CB  1 
ATOM   160  C CG  . GLU A 1 21  ? 35.074  -27.532 14.672  1.00 66.98  ? 263 GLU A CG  1 
ATOM   161  C CD  . GLU A 1 21  ? 34.735  -26.580 15.825  1.00 94.50  ? 263 GLU A CD  1 
ATOM   162  O OE1 . GLU A 1 21  ? 34.534  -25.372 15.562  1.00 84.40  ? 263 GLU A OE1 1 
ATOM   163  O OE2 . GLU A 1 21  ? 34.661  -27.051 16.982  1.00 77.79  ? 263 GLU A OE2 1 
ATOM   164  N N   . GLN A 1 22  ? 31.090  -28.034 12.504  1.00 52.23  ? 264 GLN A N   1 
ATOM   165  C CA  . GLN A 1 22  ? 30.143  -27.818 11.443  1.00 49.48  ? 264 GLN A CA  1 
ATOM   166  C C   . GLN A 1 22  ? 28.807  -27.291 11.902  1.00 47.95  ? 264 GLN A C   1 
ATOM   167  O O   . GLN A 1 22  ? 28.285  -26.362 11.299  1.00 42.61  ? 264 GLN A O   1 
ATOM   168  C CB  . GLN A 1 22  ? 29.970  -29.105 10.670  1.00 42.03  ? 264 GLN A CB  1 
ATOM   169  C CG  . GLN A 1 22  ? 31.304  -29.545 10.196  1.00 76.13  ? 264 GLN A CG  1 
ATOM   170  C CD  . GLN A 1 22  ? 31.228  -30.438 9.013   1.00 80.63  ? 264 GLN A CD  1 
ATOM   171  O OE1 . GLN A 1 22  ? 30.446  -31.387 8.990   1.00 86.80  ? 264 GLN A OE1 1 
ATOM   172  N NE2 . GLN A 1 22  ? 32.051  -30.157 8.011   1.00 92.19  ? 264 GLN A NE2 1 
ATOM   173  N N   . LEU A 1 23  ? 28.247  -27.868 12.960  1.00 47.60  ? 265 LEU A N   1 
ATOM   174  C CA  . LEU A 1 23  ? 26.962  -27.401 13.465  1.00 29.12  ? 265 LEU A CA  1 
ATOM   175  C C   . LEU A 1 23  ? 27.075  -25.976 13.933  1.00 38.56  ? 265 LEU A C   1 
ATOM   176  O O   . LEU A 1 23  ? 26.155  -25.177 13.768  1.00 39.37  ? 265 LEU A O   1 
ATOM   177  C CB  . LEU A 1 23  ? 26.519  -28.232 14.645  1.00 32.36  ? 265 LEU A CB  1 
ATOM   178  C CG  . LEU A 1 23  ? 26.035  -29.628 14.313  1.00 24.02  ? 265 LEU A CG  1 
ATOM   179  C CD1 . LEU A 1 23  ? 26.339  -30.483 15.502  1.00 39.15  ? 265 LEU A CD1 1 
ATOM   180  C CD2 . LEU A 1 23  ? 24.541  -29.629 13.992  1.00 21.64  ? 265 LEU A CD2 1 
ATOM   181  N N   . ILE A 1 24  ? 28.201  -25.662 14.548  1.00 31.42  ? 266 ILE A N   1 
ATOM   182  C CA  . ILE A 1 24  ? 28.418  -24.316 15.040  1.00 38.22  ? 266 ILE A CA  1 
ATOM   183  C C   . ILE A 1 24  ? 28.430  -23.333 13.905  1.00 36.75  ? 266 ILE A C   1 
ATOM   184  O O   . ILE A 1 24  ? 27.992  -22.192 14.013  1.00 48.74  ? 266 ILE A O   1 
ATOM   185  C CB  . ILE A 1 24  ? 29.751  -24.193 15.670  1.00 31.22  ? 266 ILE A CB  1 
ATOM   186  C CG1 . ILE A 1 24  ? 29.776  -25.038 16.919  1.00 34.85  ? 266 ILE A CG1 1 
ATOM   187  C CG2 . ILE A 1 24  ? 30.074  -22.726 15.882  1.00 31.64  ? 266 ILE A CG2 1 
ATOM   188  C CD1 . ILE A 1 24  ? 31.089  -25.053 17.525  1.00 25.60  ? 266 ILE A CD1 1 
ATOM   189  N N   . LYS A 1 25  ? 29.001  -23.787 12.814  1.00 29.78  ? 267 LYS A N   1 
ATOM   190  C CA  . LYS A 1 25  ? 29.127  -22.968 11.646  1.00 31.87  ? 267 LYS A CA  1 
ATOM   191  C C   . LYS A 1 25  ? 27.748  -22.779 10.999  1.00 31.02  ? 267 LYS A C   1 
ATOM   192  O O   . LYS A 1 25  ? 27.341  -21.641 10.686  1.00 32.58  ? 267 LYS A O   1 
ATOM   193  C CB  . LYS A 1 25  ? 30.111  -23.671 10.728  1.00 35.41  ? 267 LYS A CB  1 
ATOM   194  C CG  . LYS A 1 25  ? 30.619  -22.888 9.557   1.00 57.93  ? 267 LYS A CG  1 
ATOM   195  C CD  . LYS A 1 25  ? 31.325  -23.843 8.585   1.00 86.17  ? 267 LYS A CD  1 
ATOM   196  C CE  . LYS A 1 25  ? 31.592  -23.233 7.194   1.00 97.49  ? 267 LYS A CE  1 
ATOM   197  N NZ  . LYS A 1 25  ? 32.638  -22.160 7.167   1.00 101.77 ? 267 LYS A NZ  1 
ATOM   198  N N   . GLN A 1 26  ? 27.019  -23.877 10.808  1.00 44.60  ? 268 GLN A N   1 
ATOM   199  C CA  . GLN A 1 26  ? 25.700  -23.746 10.191  1.00 40.73  ? 268 GLN A CA  1 
ATOM   200  C C   . GLN A 1 26  ? 24.823  -22.849 11.025  1.00 44.19  ? 268 GLN A C   1 
ATOM   201  O O   . GLN A 1 26  ? 24.095  -22.029 10.494  1.00 42.61  ? 268 GLN A O   1 
ATOM   202  C CB  . GLN A 1 26  ? 24.957  -25.087 9.990   1.00 33.88  ? 268 GLN A CB  1 
ATOM   203  C CG  . GLN A 1 26  ? 25.532  -26.337 10.564  1.00 61.01  ? 268 GLN A CG  1 
ATOM   204  C CD  . GLN A 1 26  ? 25.941  -27.291 9.466   1.00 54.56  ? 268 GLN A CD  1 
ATOM   205  O OE1 . GLN A 1 26  ? 25.771  -28.505 9.583   1.00 55.71  ? 268 GLN A OE1 1 
ATOM   206  N NE2 . GLN A 1 26  ? 26.492  -26.744 8.390   1.00 56.46  ? 268 GLN A NE2 1 
ATOM   207  N N   . LYS A 1 27  ? 24.912  -23.015 12.339  1.00 38.57  ? 269 LYS A N   1 
ATOM   208  C CA  . LYS A 1 27  ? 24.132  -22.226 13.275  1.00 40.75  ? 269 LYS A CA  1 
ATOM   209  C C   . LYS A 1 27  ? 24.451  -20.739 13.094  1.00 30.14  ? 269 LYS A C   1 
ATOM   210  O O   . LYS A 1 27  ? 23.547  -19.905 12.967  1.00 40.50  ? 269 LYS A O   1 
ATOM   211  C CB  . LYS A 1 27  ? 24.444  -22.706 14.688  1.00 35.88  ? 269 LYS A CB  1 
ATOM   212  C CG  . LYS A 1 27  ? 23.720  -22.026 15.818  1.00 30.16  ? 269 LYS A CG  1 
ATOM   213  C CD  . LYS A 1 27  ? 24.622  -20.984 16.444  1.00 37.01  ? 269 LYS A CD  1 
ATOM   214  C CE  . LYS A 1 27  ? 25.687  -21.585 17.353  1.00 20.40  ? 269 LYS A CE  1 
ATOM   215  N NZ  . LYS A 1 27  ? 26.437  -20.462 17.984  1.00 21.04  ? 269 LYS A NZ  1 
ATOM   216  N N   . ASP A 1 28  ? 25.730  -20.407 13.066  1.00 36.89  ? 270 ASP A N   1 
ATOM   217  C CA  . ASP A 1 28  ? 26.114  -19.030 12.887  1.00 31.45  ? 270 ASP A CA  1 
ATOM   218  C C   . ASP A 1 28  ? 25.501  -18.468 11.612  1.00 40.70  ? 270 ASP A C   1 
ATOM   219  O O   . ASP A 1 28  ? 24.917  -17.385 11.624  1.00 35.79  ? 270 ASP A O   1 
ATOM   220  C CB  . ASP A 1 28  ? 27.644  -18.913 12.894  1.00 27.61  ? 270 ASP A CB  1 
ATOM   221  C CG  . ASP A 1 28  ? 28.207  -18.855 14.305  1.00 41.56  ? 270 ASP A CG  1 
ATOM   222  O OD1 . ASP A 1 28  ? 27.390  -18.729 15.245  1.00 43.85  ? 270 ASP A OD1 1 
ATOM   223  O OD2 . ASP A 1 28  ? 29.441  -18.918 14.490  1.00 42.01  ? 270 ASP A OD2 1 
ATOM   224  N N   . GLN A 1 29  ? 25.583  -19.223 10.517  1.00 43.59  ? 271 GLN A N   1 
ATOM   225  C CA  . GLN A 1 29  ? 25.007  -18.738 9.266   1.00 42.24  ? 271 GLN A CA  1 
ATOM   226  C C   . GLN A 1 29  ? 23.510  -18.495 9.413   1.00 38.70  ? 271 GLN A C   1 
ATOM   227  O O   . GLN A 1 29  ? 22.964  -17.527 8.887   1.00 37.96  ? 271 GLN A O   1 
ATOM   228  C CB  . GLN A 1 29  ? 25.248  -19.707 8.082   1.00 45.05  ? 271 GLN A CB  1 
ATOM   229  C CG  . GLN A 1 29  ? 23.939  -20.277 7.442   1.00 66.09  ? 271 GLN A CG  1 
ATOM   230  C CD  . GLN A 1 29  ? 23.960  -20.508 5.909   1.00 66.21  ? 271 GLN A CD  1 
ATOM   231  O OE1 . GLN A 1 29  ? 24.827  -21.202 5.373   1.00 80.70  ? 271 GLN A OE1 1 
ATOM   232  N NE2 . GLN A 1 29  ? 22.977  -19.933 5.214   1.00 83.29  ? 271 GLN A NE2 1 
ATOM   233  N N   . LEU A 1 30  ? 22.838  -19.386 10.127  1.00 35.56  ? 272 LEU A N   1 
ATOM   234  C CA  . LEU A 1 30  ? 21.417  -19.238 10.313  1.00 33.82  ? 272 LEU A CA  1 
ATOM   235  C C   . LEU A 1 30  ? 21.116  -17.999 11.102  1.00 37.67  ? 272 LEU A C   1 
ATOM   236  O O   . LEU A 1 30  ? 20.256  -17.207 10.727  1.00 26.45  ? 272 LEU A O   1 
ATOM   237  C CB  . LEU A 1 30  ? 20.865  -20.423 11.046  1.00 29.96  ? 272 LEU A CB  1 
ATOM   238  C CG  . LEU A 1 30  ? 20.442  -21.568 10.161  1.00 16.98  ? 272 LEU A CG  1 
ATOM   239  C CD1 . LEU A 1 30  ? 20.014  -22.625 11.125  1.00 21.60  ? 272 LEU A CD1 1 
ATOM   240  C CD2 . LEU A 1 30  ? 19.303  -21.178 9.203   1.00 18.84  ? 272 LEU A CD2 1 
ATOM   241  N N   . ASN A 1 31  ? 21.817  -17.822 12.207  1.00 30.50  ? 273 ASN A N   1 
ATOM   242  C CA  . ASN A 1 31  ? 21.574  -16.646 13.014  1.00 33.30  ? 273 ASN A CA  1 
ATOM   243  C C   . ASN A 1 31  ? 21.770  -15.343 12.241  1.00 38.97  ? 273 ASN A C   1 
ATOM   244  O O   . ASN A 1 31  ? 20.996  -14.407 12.407  1.00 36.42  ? 273 ASN A O   1 
ATOM   245  C CB  . ASN A 1 31  ? 22.455  -16.680 14.266  1.00 28.31  ? 273 ASN A CB  1 
ATOM   246  C CG  . ASN A 1 31  ? 21.653  -16.494 15.530  1.00 43.11  ? 273 ASN A CG  1 
ATOM   247  O OD1 . ASN A 1 31  ? 21.173  -15.399 15.810  1.00 46.78  ? 273 ASN A OD1 1 
ATOM   248  N ND2 . ASN A 1 31  ? 21.472  -17.568 16.288  1.00 46.04  ? 273 ASN A ND2 1 
ATOM   249  N N   . SER A 1 32  ? 22.790  -15.287 11.382  1.00 40.85  ? 274 SER A N   1 
ATOM   250  C CA  . SER A 1 32  ? 23.063  -14.083 10.595  1.00 38.69  ? 274 SER A CA  1 
ATOM   251  C C   . SER A 1 32  ? 21.890  -13.857 9.648   1.00 42.72  ? 274 SER A C   1 
ATOM   252  O O   . SER A 1 32  ? 21.368  -12.752 9.503   1.00 42.34  ? 274 SER A O   1 
ATOM   253  C CB  . SER A 1 32  ? 24.351  -14.261 9.797   1.00 41.40  ? 274 SER A CB  1 
ATOM   254  O OG  . SER A 1 32  ? 24.757  -13.036 9.234   1.00 61.02  ? 274 SER A OG  1 
ATOM   255  N N   . LEU A 1 33  ? 21.496  -14.935 9.000   1.00 43.26  ? 275 LEU A N   1 
ATOM   256  C CA  . LEU A 1 33  ? 20.368  -14.923 8.106   1.00 44.86  ? 275 LEU A CA  1 
ATOM   257  C C   . LEU A 1 33  ? 19.184  -14.304 8.844   1.00 33.04  ? 275 LEU A C   1 
ATOM   258  O O   . LEU A 1 33  ? 18.584  -13.330 8.381   1.00 47.37  ? 275 LEU A O   1 
ATOM   259  C CB  . LEU A 1 33  ? 20.035  -16.353 7.748   1.00 25.87  ? 275 LEU A CB  1 
ATOM   260  C CG  . LEU A 1 33  ? 19.476  -16.542 6.356   1.00 43.21  ? 275 LEU A CG  1 
ATOM   261  C CD1 . LEU A 1 33  ? 20.009  -15.432 5.417   1.00 41.29  ? 275 LEU A CD1 1 
ATOM   262  C CD2 . LEU A 1 33  ? 19.872  -17.949 5.922   1.00 52.67  ? 275 LEU A CD2 1 
ATOM   263  N N   . LEU A 1 34  ? 18.854  -14.889 9.990   1.00 30.68  ? 276 LEU A N   1 
ATOM   264  C CA  . LEU A 1 34  ? 17.750  -14.421 10.828  1.00 22.42  ? 276 LEU A CA  1 
ATOM   265  C C   . LEU A 1 34  ? 17.831  -12.919 11.073  1.00 32.51  ? 276 LEU A C   1 
ATOM   266  O O   . LEU A 1 34  ? 16.839  -12.218 10.908  1.00 32.27  ? 276 LEU A O   1 
ATOM   267  C CB  . LEU A 1 34  ? 17.755  -15.179 12.162  1.00 35.90  ? 276 LEU A CB  1 
ATOM   268  C CG  . LEU A 1 34  ? 16.801  -16.377 12.297  1.00 42.39  ? 276 LEU A CG  1 
ATOM   269  C CD1 . LEU A 1 34  ? 15.404  -15.848 12.516  1.00 61.64  ? 276 LEU A CD1 1 
ATOM   270  C CD2 . LEU A 1 34  ? 16.851  -17.272 11.060  1.00 44.56  ? 276 LEU A CD2 1 
ATOM   271  N N   . ALA A 1 35  ? 18.998  -12.420 11.465  1.00 25.54  ? 277 ALA A N   1 
ATOM   272  C CA  . ALA A 1 35  ? 19.127  -10.987 11.708  1.00 33.83  ? 277 ALA A CA  1 
ATOM   273  C C   . ALA A 1 35  ? 18.738  -10.215 10.442  1.00 32.63  ? 277 ALA A C   1 
ATOM   274  O O   . ALA A 1 35  ? 17.907  -9.297  10.480  1.00 37.87  ? 277 ALA A O   1 
ATOM   275  C CB  . ALA A 1 35  ? 20.558  -10.646 12.131  1.00 26.15  ? 277 ALA A CB  1 
ATOM   276  N N   . SER A 1 36  ? 19.339  -10.587 9.320   1.00 35.04  ? 278 SER A N   1 
ATOM   277  C CA  . SER A 1 36  ? 19.037  -9.936  8.052   1.00 39.47  ? 278 SER A CA  1 
ATOM   278  C C   . SER A 1 36  ? 17.542  -9.934  7.747   1.00 36.39  ? 278 SER A C   1 
ATOM   279  O O   . SER A 1 36  ? 16.960  -8.860  7.586   1.00 37.43  ? 278 SER A O   1 
ATOM   280  C CB  . SER A 1 36  ? 19.814  -10.612 6.931   1.00 38.93  ? 278 SER A CB  1 
ATOM   281  O OG  . SER A 1 36  ? 21.192  -10.511 7.211   1.00 50.10  ? 278 SER A OG  1 
ATOM   282  N N   . LEU A 1 37  ? 16.922  -11.114 7.678   1.00 31.23  ? 279 LEU A N   1 
ATOM   283  C CA  . LEU A 1 37  ? 15.490  -11.195 7.393   1.00 32.32  ? 279 LEU A CA  1 
ATOM   284  C C   . LEU A 1 37  ? 14.667  -10.361 8.339   1.00 37.14  ? 279 LEU A C   1 
ATOM   285  O O   . LEU A 1 37  ? 13.681  -9.771  7.923   1.00 46.46  ? 279 LEU A O   1 
ATOM   286  C CB  . LEU A 1 37  ? 14.994  -12.642 7.437   1.00 21.60  ? 279 LEU A CB  1 
ATOM   287  C CG  . LEU A 1 37  ? 15.543  -13.448 6.260   1.00 37.05  ? 279 LEU A CG  1 
ATOM   288  C CD1 . LEU A 1 37  ? 15.076  -14.887 6.310   1.00 35.52  ? 279 LEU A CD1 1 
ATOM   289  C CD2 . LEU A 1 37  ? 15.082  -12.822 4.974   1.00 27.81  ? 279 LEU A CD2 1 
ATOM   290  N N   . GLU A 1 38  ? 15.049  -10.296 9.604   1.00 37.97  ? 280 GLU A N   1 
ATOM   291  C CA  . GLU A 1 38  ? 14.271  -9.490  10.531  1.00 36.55  ? 280 GLU A CA  1 
ATOM   292  C C   . GLU A 1 38  ? 14.403  -7.994  10.272  1.00 41.43  ? 280 GLU A C   1 
ATOM   293  O O   . GLU A 1 38  ? 13.429  -7.253  10.375  1.00 46.33  ? 280 GLU A O   1 
ATOM   294  C CB  . GLU A 1 38  ? 14.670  -9.856  11.945  1.00 36.85  ? 280 GLU A CB  1 
ATOM   295  C CG  . GLU A 1 38  ? 14.197  -11.244 12.225  1.00 47.97  ? 280 GLU A CG  1 
ATOM   296  C CD  . GLU A 1 38  ? 14.544  -11.706 13.597  1.00 65.93  ? 280 GLU A CD  1 
ATOM   297  O OE1 . GLU A 1 38  ? 14.045  -11.094 14.563  1.00 80.01  ? 280 GLU A OE1 1 
ATOM   298  O OE2 . GLU A 1 38  ? 15.315  -12.678 13.700  1.00 79.89  ? 280 GLU A OE2 1 
ATOM   299  N N   . SER A 1 39  ? 15.602  -7.562  9.912   1.00 43.67  ? 281 SER A N   1 
ATOM   300  C CA  . SER A 1 39  ? 15.832  -6.166  9.592   1.00 44.30  ? 281 SER A CA  1 
ATOM   301  C C   . SER A 1 39  ? 14.994  -5.824  8.361   1.00 49.49  ? 281 SER A C   1 
ATOM   302  O O   . SER A 1 39  ? 14.264  -4.829  8.353   1.00 46.02  ? 281 SER A O   1 
ATOM   303  C CB  . SER A 1 39  ? 17.318  -5.955  9.296   1.00 49.38  ? 281 SER A CB  1 
ATOM   304  O OG  . SER A 1 39  ? 17.566  -4.708  8.686   1.00 56.63  ? 281 SER A OG  1 
ATOM   305  N N   . GLU A 1 40  ? 15.112  -6.670  7.335   1.00 47.24  ? 282 GLU A N   1 
ATOM   306  C CA  . GLU A 1 40  ? 14.402  -6.501  6.070   1.00 40.92  ? 282 GLU A CA  1 
ATOM   307  C C   . GLU A 1 40  ? 12.908  -6.413  6.330   1.00 38.86  ? 282 GLU A C   1 
ATOM   308  O O   . GLU A 1 40  ? 12.237  -5.539  5.795   1.00 41.85  ? 282 GLU A O   1 
ATOM   309  C CB  . GLU A 1 40  ? 14.707  -7.685  5.135   1.00 40.56  ? 282 GLU A CB  1 
ATOM   310  C CG  . GLU A 1 40  ? 13.763  -7.818  3.936   1.00 47.47  ? 282 GLU A CG  1 
ATOM   311  C CD  . GLU A 1 40  ? 13.877  -9.181  3.254   1.00 79.52  ? 282 GLU A CD  1 
ATOM   312  O OE1 . GLU A 1 40  ? 12.841  -9.863  3.068   1.00 76.67  ? 282 GLU A OE1 1 
ATOM   313  O OE2 . GLU A 1 40  ? 15.013  -9.566  2.907   1.00 85.51  ? 282 GLU A OE2 1 
ATOM   314  N N   . GLY A 1 41  ? 12.398  -7.313  7.165   1.00 38.30  ? 283 GLY A N   1 
ATOM   315  C CA  . GLY A 1 41  ? 10.982  -7.295  7.496   1.00 40.23  ? 283 GLY A CA  1 
ATOM   316  C C   . GLY A 1 41  ? 10.568  -6.032  8.239   1.00 46.10  ? 283 GLY A C   1 
ATOM   317  O O   . GLY A 1 41  ? 9.461   -5.537  8.045   1.00 51.25  ? 283 GLY A O   1 
ATOM   318  N N   . ALA A 1 42  ? 11.438  -5.514  9.101   1.00 41.48  ? 284 ALA A N   1 
ATOM   319  C CA  . ALA A 1 42  ? 11.126  -4.299  9.842   1.00 37.99  ? 284 ALA A CA  1 
ATOM   320  C C   . ALA A 1 42  ? 10.934  -3.195  8.811   1.00 38.61  ? 284 ALA A C   1 
ATOM   321  O O   . ALA A 1 42  ? 9.941   -2.469  8.833   1.00 45.05  ? 284 ALA A O   1 
ATOM   322  C CB  . ALA A 1 42  ? 12.271  -3.951  10.796  1.00 23.46  ? 284 ALA A CB  1 
ATOM   323  N N   . GLU A 1 43  ? 11.892  -3.075  7.900   1.00 29.70  ? 285 GLU A N   1 
ATOM   324  C CA  . GLU A 1 43  ? 11.800  -2.064  6.854   1.00 53.45  ? 285 GLU A CA  1 
ATOM   325  C C   . GLU A 1 43  ? 10.500  -2.215  6.087   1.00 59.54  ? 285 GLU A C   1 
ATOM   326  O O   . GLU A 1 43  ? 9.754   -1.254  5.938   1.00 60.58  ? 285 GLU A O   1 
ATOM   327  C CB  . GLU A 1 43  ? 12.955  -2.165  5.848   1.00 50.52  ? 285 GLU A CB  1 
ATOM   328  C CG  . GLU A 1 43  ? 14.326  -1.761  6.362   1.00 82.63  ? 285 GLU A CG  1 
ATOM   329  C CD  . GLU A 1 43  ? 14.267  -0.608  7.351   1.00 102.11 ? 285 GLU A CD  1 
ATOM   330  O OE1 . GLU A 1 43  ? 13.642  0.425   7.026   1.00 100.84 ? 285 GLU A OE1 1 
ATOM   331  O OE2 . GLU A 1 43  ? 14.846  -0.744  8.451   1.00 100.24 ? 285 GLU A OE2 1 
ATOM   332  N N   . ARG A 1 44  ? 10.231  -3.420  5.585   1.00 53.87  ? 286 ARG A N   1 
ATOM   333  C CA  . ARG A 1 44  ? 9.026   -3.624  4.787   1.00 45.86  ? 286 ARG A CA  1 
ATOM   334  C C   . ARG A 1 44  ? 7.778   -3.253  5.541   1.00 40.80  ? 286 ARG A C   1 
ATOM   335  O O   . ARG A 1 44  ? 6.813   -2.790  4.943   1.00 41.92  ? 286 ARG A O   1 
ATOM   336  C CB  . ARG A 1 44  ? 8.894   -5.065  4.296   1.00 55.11  ? 286 ARG A CB  1 
ATOM   337  C CG  . ARG A 1 44  ? 7.531   -5.355  3.633   1.00 52.22  ? 286 ARG A CG  1 
ATOM   338  C CD  . ARG A 1 44  ? 7.149   -6.844  3.649   1.00 67.73  ? 286 ARG A CD  1 
ATOM   339  N NE  . ARG A 1 44  ? 8.103   -7.715  2.964   1.00 64.29  ? 286 ARG A NE  1 
ATOM   340  C CZ  . ARG A 1 44  ? 8.861   -8.639  3.559   1.00 63.68  ? 286 ARG A CZ  1 
ATOM   341  N NH1 . ARG A 1 44  ? 8.792   -8.839  4.875   1.00 48.47  ? 286 ARG A NH1 1 
ATOM   342  N NH2 . ARG A 1 44  ? 9.692   -9.376  2.830   1.00 55.58  ? 286 ARG A NH2 1 
ATOM   343  N N   . GLU A 1 45  ? 7.772   -3.469  6.840   1.00 39.41  ? 287 GLU A N   1 
ATOM   344  C CA  . GLU A 1 45  ? 6.591   -3.125  7.600   1.00 40.28  ? 287 GLU A CA  1 
ATOM   345  C C   . GLU A 1 45  ? 6.486   -1.630  7.758   1.00 47.52  ? 287 GLU A C   1 
ATOM   346  O O   . GLU A 1 45  ? 5.392   -1.094  7.858   1.00 59.17  ? 287 GLU A O   1 
ATOM   347  C CB  . GLU A 1 45  ? 6.633   -3.789  8.959   1.00 37.37  ? 287 GLU A CB  1 
ATOM   348  C CG  . GLU A 1 45  ? 6.293   -5.252  8.896   1.00 48.20  ? 287 GLU A CG  1 
ATOM   349  C CD  . GLU A 1 45  ? 4.861   -5.507  8.447   1.00 58.50  ? 287 GLU A CD  1 
ATOM   350  O OE1 . GLU A 1 45  ? 3.939   -4.832  8.954   1.00 56.21  ? 287 GLU A OE1 1 
ATOM   351  O OE2 . GLU A 1 45  ? 4.669   -6.399  7.600   1.00 70.64  ? 287 GLU A OE2 1 
ATOM   352  N N   . LYS A 1 46  ? 7.626   -0.956  7.788   1.00 64.42  ? 288 LYS A N   1 
ATOM   353  C CA  . LYS A 1 46  ? 7.632   0.491   7.921   1.00 61.09  ? 288 LYS A CA  1 
ATOM   354  C C   . LYS A 1 46  ? 7.052   1.051   6.629   1.00 56.95  ? 288 LYS A C   1 
ATOM   355  O O   . LYS A 1 46  ? 6.154   1.901   6.648   1.00 64.15  ? 288 LYS A O   1 
ATOM   356  C CB  . LYS A 1 46  ? 9.064   0.997   8.096   1.00 52.69  ? 288 LYS A CB  1 
ATOM   357  C CG  . LYS A 1 46  ? 9.177   2.350   8.761   1.00 69.90  ? 288 LYS A CG  1 
ATOM   358  C CD  . LYS A 1 46  ? 10.430  3.083   8.293   1.00 80.90  ? 288 LYS A CD  1 
ATOM   359  C CE  . LYS A 1 46  ? 10.384  3.343   6.784   1.00 87.04  ? 288 LYS A CE  1 
ATOM   360  N NZ  . LYS A 1 46  ? 11.563  4.098   6.271   1.00 80.99  ? 288 LYS A NZ  1 
ATOM   361  N N   . ARG A 1 47  ? 7.562   0.553   5.506   1.00 63.42  ? 289 ARG A N   1 
ATOM   362  C CA  . ARG A 1 47  ? 7.101   1.010   4.198   1.00 56.68  ? 289 ARG A CA  1 
ATOM   363  C C   . ARG A 1 47  ? 5.622   0.730   3.999   1.00 54.91  ? 289 ARG A C   1 
ATOM   364  O O   . ARG A 1 47  ? 4.928   1.545   3.409   1.00 62.33  ? 289 ARG A O   1 
ATOM   365  C CB  . ARG A 1 47  ? 7.884   0.358   3.048   1.00 52.54  ? 289 ARG A CB  1 
ATOM   366  C CG  . ARG A 1 47  ? 7.713   1.129   1.718   1.00 62.15  ? 289 ARG A CG  1 
ATOM   367  C CD  . ARG A 1 47  ? 7.512   0.204   0.511   1.00 88.75  ? 289 ARG A CD  1 
ATOM   368  N NE  . ARG A 1 47  ? 8.244   0.630   -0.686  1.00 107.04 ? 289 ARG A NE  1 
ATOM   369  C CZ  . ARG A 1 47  ? 8.693   -0.203  -1.627  1.00 114.43 ? 289 ARG A CZ  1 
ATOM   370  N NH1 . ARG A 1 47  ? 8.484   -1.505  -1.518  1.00 114.60 ? 289 ARG A NH1 1 
ATOM   371  N NH2 . ARG A 1 47  ? 9.371   0.259   -2.671  1.00 112.35 ? 289 ARG A NH2 1 
ATOM   372  N N   . LEU A 1 48  ? 5.157   -0.416  4.491   1.00 57.85  ? 290 LEU A N   1 
ATOM   373  C CA  . LEU A 1 48  ? 3.756   -0.820  4.377   1.00 49.14  ? 290 LEU A CA  1 
ATOM   374  C C   . LEU A 1 48  ? 2.919   0.174   5.197   1.00 57.70  ? 290 LEU A C   1 
ATOM   375  O O   . LEU A 1 48  ? 1.948   0.734   4.701   1.00 71.04  ? 290 LEU A O   1 
ATOM   376  C CB  . LEU A 1 48  ? 3.617   -2.249  4.912   1.00 46.17  ? 290 LEU A CB  1 
ATOM   377  C CG  . LEU A 1 48  ? 2.471   -3.232  4.668   1.00 44.30  ? 290 LEU A CG  1 
ATOM   378  C CD1 . LEU A 1 48  ? 2.447   -3.706  3.243   1.00 54.21  ? 290 LEU A CD1 1 
ATOM   379  C CD2 . LEU A 1 48  ? 2.697   -4.422  5.577   1.00 48.97  ? 290 LEU A CD2 1 
ATOM   380  N N   . ARG A 1 49  ? 3.309   0.408   6.445   1.00 66.73  ? 291 ARG A N   1 
ATOM   381  C CA  . ARG A 1 49  ? 2.606   1.370   7.296   1.00 69.69  ? 291 ARG A CA  1 
ATOM   382  C C   . ARG A 1 49  ? 2.455   2.719   6.540   1.00 65.87  ? 291 ARG A C   1 
ATOM   383  O O   . ARG A 1 49  ? 1.378   3.319   6.520   1.00 77.66  ? 291 ARG A O   1 
ATOM   384  C CB  . ARG A 1 49  ? 3.408   1.554   8.590   1.00 66.97  ? 291 ARG A CB  1 
ATOM   385  C CG  . ARG A 1 49  ? 2.633   2.094   9.788   1.00 77.88  ? 291 ARG A CG  1 
ATOM   386  C CD  . ARG A 1 49  ? 1.720   1.058   10.470  1.00 94.11  ? 291 ARG A CD  1 
ATOM   387  N NE  . ARG A 1 49  ? 0.578   1.737   11.083  1.00 106.06 ? 291 ARG A NE  1 
ATOM   388  C CZ  . ARG A 1 49  ? -0.227  1.242   12.023  1.00 94.89  ? 291 ARG A CZ  1 
ATOM   389  N NH1 . ARG A 1 49  ? -0.049  0.022   12.516  1.00 84.54  ? 291 ARG A NH1 1 
ATOM   390  N NH2 . ARG A 1 49  ? -1.229  1.989   12.475  1.00 87.69  ? 291 ARG A NH2 1 
ATOM   391  N N   . GLU A 1 50  ? 3.537   3.181   5.916   1.00 65.28  ? 292 GLU A N   1 
ATOM   392  C CA  . GLU A 1 50  ? 3.514   4.439   5.164   1.00 66.63  ? 292 GLU A CA  1 
ATOM   393  C C   . GLU A 1 50  ? 2.521   4.376   4.019   1.00 73.54  ? 292 GLU A C   1 
ATOM   394  O O   . GLU A 1 50  ? 1.701   5.282   3.848   1.00 77.25  ? 292 GLU A O   1 
ATOM   395  C CB  . GLU A 1 50  ? 4.893   4.764   4.593   1.00 64.80  ? 292 GLU A CB  1 
ATOM   396  C CG  . GLU A 1 50  ? 6.002   4.698   5.609   1.00 92.52  ? 292 GLU A CG  1 
ATOM   397  C CD  . GLU A 1 50  ? 7.291   5.299   5.104   1.00 95.74  ? 292 GLU A CD  1 
ATOM   398  O OE1 . GLU A 1 50  ? 7.715   4.943   3.985   1.00 98.02  ? 292 GLU A OE1 1 
ATOM   399  O OE2 . GLU A 1 50  ? 7.877   6.124   5.836   1.00 89.87  ? 292 GLU A OE2 1 
ATOM   400  N N   . LEU A 1 51  ? 2.599   3.317   3.224   1.00 55.37  ? 293 LEU A N   1 
ATOM   401  C CA  . LEU A 1 51  ? 1.672   3.188   2.109   1.00 64.19  ? 293 LEU A CA  1 
ATOM   402  C C   . LEU A 1 51  ? 0.232   3.216   2.564   1.00 69.23  ? 293 LEU A C   1 
ATOM   403  O O   . LEU A 1 51  ? -0.601  3.840   1.910   1.00 68.34  ? 293 LEU A O   1 
ATOM   404  C CB  . LEU A 1 51  ? 1.928   1.912   1.303   1.00 54.50  ? 293 LEU A CB  1 
ATOM   405  C CG  . LEU A 1 51  ? 3.092   2.084   0.327   1.00 60.07  ? 293 LEU A CG  1 
ATOM   406  C CD1 . LEU A 1 51  ? 2.838   1.268   -0.936  1.00 51.40  ? 293 LEU A CD1 1 
ATOM   407  C CD2 . LEU A 1 51  ? 3.238   3.568   -0.021  1.00 61.31  ? 293 LEU A CD2 1 
ATOM   408  N N   . GLU A 1 52  ? -0.067  2.553   3.677   1.00 64.42  ? 294 GLU A N   1 
ATOM   409  C CA  . GLU A 1 52  ? -1.434  2.537   4.175   1.00 62.89  ? 294 GLU A CA  1 
ATOM   410  C C   . GLU A 1 52  ? -1.875  3.945   4.552   1.00 61.27  ? 294 GLU A C   1 
ATOM   411  O O   . GLU A 1 52  ? -2.948  4.388   4.151   1.00 63.45  ? 294 GLU A O   1 
ATOM   412  C CB  . GLU A 1 52  ? -1.569  1.542   5.345   1.00 44.94  ? 294 GLU A CB  1 
ATOM   413  C CG  . GLU A 1 52  ? -1.592  0.075   4.848   1.00 65.41  ? 294 GLU A CG  1 
ATOM   414  C CD  . GLU A 1 52  ? -1.441  -0.981  5.946   1.00 87.97  ? 294 GLU A CD  1 
ATOM   415  O OE1 . GLU A 1 52  ? -0.845  -0.670  6.998   1.00 92.56  ? 294 GLU A OE1 1 
ATOM   416  O OE2 . GLU A 1 52  ? -1.896  -2.129  5.744   1.00 87.22  ? 294 GLU A OE2 1 
ATOM   417  N N   . ALA A 1 53  ? -1.050  4.676   5.286   1.00 63.40  ? 295 ALA A N   1 
ATOM   418  C CA  . ALA A 1 53  ? -1.439  6.033   5.621   1.00 56.95  ? 295 ALA A CA  1 
ATOM   419  C C   . ALA A 1 53  ? -1.731  6.793   4.321   1.00 57.17  ? 295 ALA A C   1 
ATOM   420  O O   . ALA A 1 53  ? -2.793  7.390   4.174   1.00 71.20  ? 295 ALA A O   1 
ATOM   421  C CB  . ALA A 1 53  ? -0.333  6.712   6.395   1.00 56.85  ? 295 ALA A CB  1 
ATOM   422  N N   . LYS A 1 54  ? -0.808  6.749   3.369   1.00 58.63  ? 296 LYS A N   1 
ATOM   423  C CA  . LYS A 1 54  ? -1.007  7.461   2.106   1.00 59.05  ? 296 LYS A CA  1 
ATOM   424  C C   . LYS A 1 54  ? -2.296  7.076   1.382   1.00 58.42  ? 296 LYS A C   1 
ATOM   425  O O   . LYS A 1 54  ? -3.007  7.941   0.869   1.00 67.11  ? 296 LYS A O   1 
ATOM   426  C CB  . LYS A 1 54  ? 0.180   7.238   1.166   1.00 61.82  ? 296 LYS A CB  1 
ATOM   427  C CG  . LYS A 1 54  ? 0.252   8.282   0.056   1.00 81.50  ? 296 LYS A CG  1 
ATOM   428  C CD  . LYS A 1 54  ? 0.549   9.678   0.634   1.00 88.83  ? 296 LYS A CD  1 
ATOM   429  C CE  . LYS A 1 54  ? 0.206   10.835  -0.324  1.00 78.82  ? 296 LYS A CE  1 
ATOM   430  N NZ  . LYS A 1 54  ? -1.238  11.250  -0.311  1.00 73.25  ? 296 LYS A NZ  1 
ATOM   431  N N   . LEU A 1 55  ? -2.585  5.777   1.333   1.00 51.41  ? 297 LEU A N   1 
ATOM   432  C CA  . LEU A 1 55  ? -3.789  5.281   0.670   1.00 46.12  ? 297 LEU A CA  1 
ATOM   433  C C   . LEU A 1 55  ? -5.050  5.761   1.357   1.00 48.67  ? 297 LEU A C   1 
ATOM   434  O O   . LEU A 1 55  ? -6.066  5.984   0.710   1.00 61.32  ? 297 LEU A O   1 
ATOM   435  C CB  . LEU A 1 55  ? -3.803  3.748   0.641   1.00 50.19  ? 297 LEU A CB  1 
ATOM   436  C CG  . LEU A 1 55  ? -5.009  3.123   -0.072  1.00 37.52  ? 297 LEU A CG  1 
ATOM   437  C CD1 . LEU A 1 55  ? -5.157  3.761   -1.436  1.00 41.09  ? 297 LEU A CD1 1 
ATOM   438  C CD2 . LEU A 1 55  ? -4.822  1.629   -0.243  1.00 44.28  ? 297 LEU A CD2 1 
ATOM   439  N N   . ASP A 1 56  ? -4.997  5.900   2.672   1.00 53.45  ? 298 ASP A N   1 
ATOM   440  C CA  . ASP A 1 56  ? -6.182  6.341   3.381   1.00 52.83  ? 298 ASP A CA  1 
ATOM   441  C C   . ASP A 1 56  ? -6.456  7.782   2.987   1.00 53.05  ? 298 ASP A C   1 
ATOM   442  O O   . ASP A 1 56  ? -7.565  8.143   2.595   1.00 40.91  ? 298 ASP A O   1 
ATOM   443  C CB  . ASP A 1 56  ? -5.979  6.254   4.891   1.00 56.60  ? 298 ASP A CB  1 
ATOM   444  C CG  . ASP A 1 56  ? -7.250  6.529   5.656   1.00 82.85  ? 298 ASP A CG  1 
ATOM   445  O OD1 . ASP A 1 56  ? -7.932  5.549   6.012   1.00 97.37  ? 298 ASP A OD1 1 
ATOM   446  O OD2 . ASP A 1 56  ? -7.571  7.717   5.878   1.00 91.59  ? 298 ASP A OD2 1 
ATOM   447  N N   . GLU A 1 57  ? -5.421  8.604   3.077   1.00 36.51  ? 299 GLU A N   1 
ATOM   448  C CA  . GLU A 1 57  ? -5.518  10.007  2.734   1.00 54.11  ? 299 GLU A CA  1 
ATOM   449  C C   . GLU A 1 57  ? -6.070  10.168  1.326   1.00 54.23  ? 299 GLU A C   1 
ATOM   450  O O   . GLU A 1 57  ? -7.144  10.746  1.112   1.00 44.93  ? 299 GLU A O   1 
ATOM   451  C CB  . GLU A 1 57  ? -4.125  10.621  2.793   1.00 49.14  ? 299 GLU A CB  1 
ATOM   452  C CG  . GLU A 1 57  ? -4.088  12.110  3.036   1.00 69.78  ? 299 GLU A CG  1 
ATOM   453  C CD  . GLU A 1 57  ? -2.663  12.655  3.102   1.00 87.88  ? 299 GLU A CD  1 
ATOM   454  O OE1 . GLU A 1 57  ? -2.027  12.819  2.036   1.00 74.20  ? 299 GLU A OE1 1 
ATOM   455  O OE2 . GLU A 1 57  ? -2.180  12.909  4.226   1.00 94.26  ? 299 GLU A OE2 1 
ATOM   456  N N   . THR A 1 58  ? -5.317  9.659   0.364   1.00 49.65  ? 300 THR A N   1 
ATOM   457  C CA  . THR A 1 58  ? -5.725  9.774   -1.017  1.00 45.75  ? 300 THR A CA  1 
ATOM   458  C C   . THR A 1 58  ? -7.171  9.322   -1.151  1.00 53.67  ? 300 THR A C   1 
ATOM   459  O O   . THR A 1 58  ? -7.964  10.013  -1.780  1.00 51.28  ? 300 THR A O   1 
ATOM   460  C CB  . THR A 1 58  ? -4.767  8.977   -1.935  1.00 45.68  ? 300 THR A CB  1 
ATOM   461  O OG1 . THR A 1 58  ? -3.430  9.448   -1.711  1.00 53.08  ? 300 THR A OG1 1 
ATOM   462  C CG2 . THR A 1 58  ? -5.127  9.166   -3.437  1.00 31.19  ? 300 THR A CG2 1 
ATOM   463  N N   . LEU A 1 59  ? -7.542  8.203   -0.536  1.00 42.60  ? 301 LEU A N   1 
ATOM   464  C CA  . LEU A 1 59  ? -8.928  7.748   -0.635  1.00 36.54  ? 301 LEU A CA  1 
ATOM   465  C C   . LEU A 1 59  ? -9.915  8.812   -0.159  1.00 52.36  ? 301 LEU A C   1 
ATOM   466  O O   . LEU A 1 59  ? -10.932 9.055   -0.818  1.00 50.55  ? 301 LEU A O   1 
ATOM   467  C CB  . LEU A 1 59  ? -9.110  6.461   0.171   1.00 44.16  ? 301 LEU A CB  1 
ATOM   468  C CG  . LEU A 1 59  ? -9.401  5.185   -0.623  1.00 53.58  ? 301 LEU A CG  1 
ATOM   469  C CD1 . LEU A 1 59  ? -9.024  5.334   -2.092  1.00 36.09  ? 301 LEU A CD1 1 
ATOM   470  C CD2 . LEU A 1 59  ? -8.644  4.051   0.035   1.00 43.22  ? 301 LEU A CD2 1 
ATOM   471  N N   . LYS A 1 60  ? -9.623  9.439   0.986   1.00 40.82  ? 302 LYS A N   1 
ATOM   472  C CA  . LYS A 1 60  ? -10.502 10.492  1.506   1.00 47.36  ? 302 LYS A CA  1 
ATOM   473  C C   . LYS A 1 60  ? -10.650 11.507  0.388   1.00 47.83  ? 302 LYS A C   1 
ATOM   474  O O   . LYS A 1 60  ? -11.744 11.767  -0.084  1.00 66.29  ? 302 LYS A O   1 
ATOM   475  C CB  . LYS A 1 60  ? -9.894  11.198  2.731   1.00 41.19  ? 302 LYS A CB  1 
ATOM   476  C CG  . LYS A 1 60  ? -9.768  10.339  3.991   1.00 71.58  ? 302 LYS A CG  1 
ATOM   477  C CD  . LYS A 1 60  ? -11.049 10.283  4.837   1.00 70.55  ? 302 LYS A CD  1 
ATOM   478  C CE  . LYS A 1 60  ? -10.966 9.228   5.982   1.00 89.73  ? 302 LYS A CE  1 
ATOM   479  N NZ  . LYS A 1 60  ? -10.288 9.592   7.281   1.00 71.29  ? 302 LYS A NZ  1 
ATOM   480  N N   . ASN A 1 61  ? -9.526  12.061  -0.034  1.00 44.29  ? 303 ASN A N   1 
ATOM   481  C CA  . ASN A 1 61  ? -9.494  13.048  -1.095  1.00 48.02  ? 303 ASN A CA  1 
ATOM   482  C C   . ASN A 1 61  ? -10.304 12.663  -2.329  1.00 50.63  ? 303 ASN A C   1 
ATOM   483  O O   . ASN A 1 61  ? -11.080 13.467  -2.853  1.00 51.82  ? 303 ASN A O   1 
ATOM   484  C CB  . ASN A 1 61  ? -8.039  13.299  -1.465  1.00 61.39  ? 303 ASN A CB  1 
ATOM   485  C CG  . ASN A 1 61  ? -7.234  13.847  -0.291  1.00 57.48  ? 303 ASN A CG  1 
ATOM   486  O OD1 . ASN A 1 61  ? -7.426  14.988  0.128   1.00 61.63  ? 303 ASN A OD1 1 
ATOM   487  N ND2 . ASN A 1 61  ? -6.338  13.029  0.251   1.00 71.16  ? 303 ASN A ND2 1 
ATOM   488  N N   . LEU A 1 62  ? -10.119 11.440  -2.798  1.00 49.81  ? 304 LEU A N   1 
ATOM   489  C CA  . LEU A 1 62  ? -10.850 11.008  -3.968  1.00 45.45  ? 304 LEU A CA  1 
ATOM   490  C C   . LEU A 1 62  ? -12.328 11.173  -3.694  1.00 45.50  ? 304 LEU A C   1 
ATOM   491  O O   . LEU A 1 62  ? -13.075 11.649  -4.542  1.00 48.84  ? 304 LEU A O   1 
ATOM   492  C CB  . LEU A 1 62  ? -10.551 9.552   -4.267  1.00 28.43  ? 304 LEU A CB  1 
ATOM   493  C CG  . LEU A 1 62  ? -11.275 9.056   -5.515  1.00 32.91  ? 304 LEU A CG  1 
ATOM   494  C CD1 . LEU A 1 62  ? -10.850 9.879   -6.714  1.00 22.63  ? 304 LEU A CD1 1 
ATOM   495  C CD2 . LEU A 1 62  ? -10.947 7.608   -5.736  1.00 28.44  ? 304 LEU A CD2 1 
ATOM   496  N N   . GLU A 1 63  ? -12.748 10.788  -2.495  1.00 49.50  ? 305 GLU A N   1 
ATOM   497  C CA  . GLU A 1 63  ? -14.156 10.879  -2.133  1.00 41.25  ? 305 GLU A CA  1 
ATOM   498  C C   . GLU A 1 63  ? -14.671 12.317  -2.116  1.00 41.56  ? 305 GLU A C   1 
ATOM   499  O O   . GLU A 1 63  ? -15.695 12.645  -2.726  1.00 34.77  ? 305 GLU A O   1 
ATOM   500  C CB  . GLU A 1 63  ? -14.394 10.230  -0.774  1.00 42.96  ? 305 GLU A CB  1 
ATOM   501  C CG  . GLU A 1 63  ? -15.866 10.000  -0.491  1.00 74.42  ? 305 GLU A CG  1 
ATOM   502  C CD  . GLU A 1 63  ? -16.588 9.180   -1.579  1.00 94.86  ? 305 GLU A CD  1 
ATOM   503  O OE1 . GLU A 1 63  ? -16.044 8.153   -2.047  1.00 100.17 ? 305 GLU A OE1 1 
ATOM   504  O OE2 . GLU A 1 63  ? -17.718 9.560   -1.952  1.00 98.38  ? 305 GLU A OE2 1 
ATOM   505  N N   . LEU A 1 64  ? -13.967 13.178  -1.412  1.00 35.97  ? 306 LEU A N   1 
ATOM   506  C CA  . LEU A 1 64  ? -14.365 14.571  -1.365  1.00 50.88  ? 306 LEU A CA  1 
ATOM   507  C C   . LEU A 1 64  ? -14.444 15.213  -2.747  1.00 43.21  ? 306 LEU A C   1 
ATOM   508  O O   . LEU A 1 64  ? -15.420 15.877  -3.071  1.00 58.95  ? 306 LEU A O   1 
ATOM   509  C CB  . LEU A 1 64  ? -13.392 15.342  -0.483  1.00 57.50  ? 306 LEU A CB  1 
ATOM   510  C CG  . LEU A 1 64  ? -14.008 15.805  0.833   1.00 52.30  ? 306 LEU A CG  1 
ATOM   511  C CD1 . LEU A 1 64  ? -15.114 14.839  1.312   1.00 49.26  ? 306 LEU A CD1 1 
ATOM   512  C CD2 . LEU A 1 64  ? -12.882 15.931  1.845   1.00 48.72  ? 306 LEU A CD2 1 
ATOM   513  N N   . GLU A 1 65  ? -13.413 15.025  -3.566  1.00 45.70  ? 307 GLU A N   1 
ATOM   514  C CA  . GLU A 1 65  ? -13.428 15.606  -4.901  1.00 44.41  ? 307 GLU A CA  1 
ATOM   515  C C   . GLU A 1 65  ? -14.564 14.991  -5.717  1.00 46.05  ? 307 GLU A C   1 
ATOM   516  O O   . GLU A 1 65  ? -15.125 15.640  -6.594  1.00 40.28  ? 307 GLU A O   1 
ATOM   517  C CB  . GLU A 1 65  ? -12.086 15.364  -5.594  1.00 54.22  ? 307 GLU A CB  1 
ATOM   518  C CG  . GLU A 1 65  ? -11.604 16.520  -6.456  1.00 59.62  ? 307 GLU A CG  1 
ATOM   519  C CD  . GLU A 1 65  ? -10.995 17.657  -5.649  1.00 55.08  ? 307 GLU A CD  1 
ATOM   520  O OE1 . GLU A 1 65  ? -10.753 18.730  -6.238  1.00 73.10  ? 307 GLU A OE1 1 
ATOM   521  O OE2 . GLU A 1 65  ? -10.748 17.483  -4.435  1.00 60.88  ? 307 GLU A OE2 1 
ATOM   522  N N   . LYS A 1 66  ? -14.918 13.742  -5.444  1.00 45.16  ? 308 LYS A N   1 
ATOM   523  C CA  . LYS A 1 66  ? -16.009 13.150  -6.198  1.00 23.89  ? 308 LYS A CA  1 
ATOM   524  C C   . LYS A 1 66  ? -17.319 13.846  -5.785  1.00 31.71  ? 308 LYS A C   1 
ATOM   525  O O   . LYS A 1 66  ? -18.136 14.189  -6.637  1.00 34.42  ? 308 LYS A O   1 
ATOM   526  C CB  . LYS A 1 66  ? -16.069 11.645  -5.937  1.00 20.43  ? 308 LYS A CB  1 
ATOM   527  C CG  . LYS A 1 66  ? -16.539 10.848  -7.129  1.00 40.10  ? 308 LYS A CG  1 
ATOM   528  C CD  . LYS A 1 66  ? -16.467 9.341   -6.838  1.00 68.55  ? 308 LYS A CD  1 
ATOM   529  C CE  . LYS A 1 66  ? -17.445 8.870   -5.721  1.00 80.50  ? 308 LYS A CE  1 
ATOM   530  N NZ  . LYS A 1 66  ? -18.513 7.861   -6.125  1.00 78.72  ? 308 LYS A NZ  1 
ATOM   531  N N   . LEU A 1 67  ? -17.523 14.077  -4.489  1.00 20.02  ? 309 LEU A N   1 
ATOM   532  C CA  . LEU A 1 67  ? -18.743 14.784  -4.091  1.00 32.37  ? 309 LEU A CA  1 
ATOM   533  C C   . LEU A 1 67  ? -18.785 16.154  -4.789  1.00 39.29  ? 309 LEU A C   1 
ATOM   534  O O   . LEU A 1 67  ? -19.773 16.502  -5.432  1.00 39.07  ? 309 LEU A O   1 
ATOM   535  C CB  . LEU A 1 67  ? -18.830 14.979  -2.569  1.00 50.23  ? 309 LEU A CB  1 
ATOM   536  C CG  . LEU A 1 67  ? -19.372 13.864  -1.669  1.00 36.95  ? 309 LEU A CG  1 
ATOM   537  C CD1 . LEU A 1 67  ? -20.587 13.190  -2.287  1.00 33.17  ? 309 LEU A CD1 1 
ATOM   538  C CD2 . LEU A 1 67  ? -18.296 12.865  -1.474  1.00 36.63  ? 309 LEU A CD2 1 
ATOM   539  N N   . ALA A 1 68  ? -17.709 16.929  -4.667  1.00 24.68  ? 310 ALA A N   1 
ATOM   540  C CA  . ALA A 1 68  ? -17.634 18.244  -5.292  1.00 32.22  ? 310 ALA A CA  1 
ATOM   541  C C   . ALA A 1 68  ? -18.001 18.183  -6.767  1.00 41.17  ? 310 ALA A C   1 
ATOM   542  O O   . ALA A 1 68  ? -18.744 19.029  -7.274  1.00 35.70  ? 310 ALA A O   1 
ATOM   543  C CB  . ALA A 1 68  ? -16.235 18.791  -5.138  1.00 21.94  ? 310 ALA A CB  1 
ATOM   544  N N   . ARG A 1 69  ? -17.482 17.174  -7.460  1.00 27.90  ? 311 ARG A N   1 
ATOM   545  C CA  . ARG A 1 69  ? -17.762 17.065  -8.883  1.00 35.90  ? 311 ARG A CA  1 
ATOM   546  C C   . ARG A 1 69  ? -19.226 16.762  -9.144  1.00 45.15  ? 311 ARG A C   1 
ATOM   547  O O   . ARG A 1 69  ? -19.831 17.344  -10.035 1.00 40.10  ? 311 ARG A O   1 
ATOM   548  C CB  . ARG A 1 69  ? -16.858 16.017  -9.543  1.00 36.05  ? 311 ARG A CB  1 
ATOM   549  C CG  . ARG A 1 69  ? -17.236 15.649  -10.962 1.00 26.63  ? 311 ARG A CG  1 
ATOM   550  C CD  . ARG A 1 69  ? -17.148 14.156  -11.051 1.00 37.39  ? 311 ARG A CD  1 
ATOM   551  N NE  . ARG A 1 69  ? -18.441 13.498  -11.228 1.00 32.83  ? 311 ARG A NE  1 
ATOM   552  C CZ  . ARG A 1 69  ? -18.640 12.205  -11.000 1.00 40.70  ? 311 ARG A CZ  1 
ATOM   553  N NH1 . ARG A 1 69  ? -17.640 11.451  -10.566 1.00 48.40  ? 311 ARG A NH1 1 
ATOM   554  N NH2 . ARG A 1 69  ? -19.818 11.660  -11.247 1.00 54.47  ? 311 ARG A NH2 1 
ATOM   555  N N   . MET A 1 70  ? -19.822 15.884  -8.354  1.00 39.12  ? 312 MET A N   1 
ATOM   556  C CA  . MET A 1 70  ? -21.222 15.587  -8.570  1.00 40.94  ? 312 MET A CA  1 
ATOM   557  C C   . MET A 1 70  ? -22.113 16.806  -8.283  1.00 30.29  ? 312 MET A C   1 
ATOM   558  O O   . MET A 1 70  ? -23.078 17.084  -9.010  1.00 37.77  ? 312 MET A O   1 
ATOM   559  C CB  . MET A 1 70  ? -21.591 14.392  -7.713  1.00 38.60  ? 312 MET A CB  1 
ATOM   560  C CG  . MET A 1 70  ? -20.818 13.175  -8.130  1.00 28.23  ? 312 MET A CG  1 
ATOM   561  S SD  . MET A 1 70  ? -21.113 11.811  -7.024  1.00 36.92  ? 312 MET A SD  1 
ATOM   562  C CE  . MET A 1 70  ? -20.644 10.413  -8.146  1.00 34.68  ? 312 MET A CE  1 
ATOM   563  N N   . GLU A 1 71  ? -21.760 17.551  -7.243  1.00 30.72  ? 313 GLU A N   1 
ATOM   564  C CA  . GLU A 1 71  ? -22.508 18.748  -6.891  1.00 34.23  ? 313 GLU A CA  1 
ATOM   565  C C   . GLU A 1 71  ? -22.459 19.690  -8.083  1.00 34.26  ? 313 GLU A C   1 
ATOM   566  O O   . GLU A 1 71  ? -23.469 20.281  -8.462  1.00 37.28  ? 313 GLU A O   1 
ATOM   567  C CB  . GLU A 1 71  ? -21.886 19.427  -5.672  1.00 23.63  ? 313 GLU A CB  1 
ATOM   568  C CG  . GLU A 1 71  ? -22.597 20.723  -5.225  1.00 31.71  ? 313 GLU A CG  1 
ATOM   569  C CD  . GLU A 1 71  ? -24.002 20.458  -4.702  1.00 21.30  ? 313 GLU A CD  1 
ATOM   570  O OE1 . GLU A 1 71  ? -24.193 19.433  -4.031  1.00 41.46  ? 313 GLU A OE1 1 
ATOM   571  O OE2 . GLU A 1 71  ? -24.933 21.254  -4.928  1.00 36.00  ? 313 GLU A OE2 1 
ATOM   572  N N   . LEU A 1 72  ? -21.282 19.831  -8.678  1.00 33.47  ? 314 LEU A N   1 
ATOM   573  C CA  . LEU A 1 72  ? -21.163 20.714  -9.828  1.00 26.83  ? 314 LEU A CA  1 
ATOM   574  C C   . LEU A 1 72  ? -21.929 20.191  -11.044 1.00 39.31  ? 314 LEU A C   1 
ATOM   575  O O   . LEU A 1 72  ? -22.561 20.969  -11.753 1.00 34.26  ? 314 LEU A O   1 
ATOM   576  C CB  . LEU A 1 72  ? -19.687 20.972  -10.173 1.00 28.86  ? 314 LEU A CB  1 
ATOM   577  C CG  . LEU A 1 72  ? -18.925 21.987  -9.292  1.00 37.52  ? 314 LEU A CG  1 
ATOM   578  C CD1 . LEU A 1 72  ? -17.459 21.802  -9.492  1.00 39.20  ? 314 LEU A CD1 1 
ATOM   579  C CD2 . LEU A 1 72  ? -19.287 23.419  -9.623  1.00 30.93  ? 314 LEU A CD2 1 
ATOM   580  N N   . GLU A 1 73  ? -21.911 18.891  -11.303 1.00 24.18  ? 315 GLU A N   1 
ATOM   581  C CA  . GLU A 1 73  ? -22.652 18.419  -12.473 1.00 32.30  ? 315 GLU A CA  1 
ATOM   582  C C   . GLU A 1 73  ? -24.114 18.798  -12.341 1.00 27.95  ? 315 GLU A C   1 
ATOM   583  O O   . GLU A 1 73  ? -24.766 19.204  -13.305 1.00 23.15  ? 315 GLU A O   1 
ATOM   584  C CB  . GLU A 1 73  ? -22.494 16.917  -12.637 1.00 21.49  ? 315 GLU A CB  1 
ATOM   585  C CG  . GLU A 1 73  ? -21.115 16.529  -13.132 1.00 23.14  ? 315 GLU A CG  1 
ATOM   586  C CD  . GLU A 1 73  ? -20.918 15.032  -13.143 1.00 41.68  ? 315 GLU A CD  1 
ATOM   587  O OE1 . GLU A 1 73  ? -21.181 14.411  -12.099 1.00 51.75  ? 315 GLU A OE1 1 
ATOM   588  O OE2 . GLU A 1 73  ? -20.506 14.479  -14.178 1.00 57.84  ? 315 GLU A OE2 1 
ATOM   589  N N   . ALA A 1 74  ? -24.622 18.687  -11.126 1.00 25.85  ? 316 ALA A N   1 
ATOM   590  C CA  . ALA A 1 74  ? -26.008 19.026  -10.861 1.00 16.05  ? 316 ALA A CA  1 
ATOM   591  C C   . ALA A 1 74  ? -26.224 20.516  -11.050 1.00 19.95  ? 316 ALA A C   1 
ATOM   592  O O   . ALA A 1 74  ? -27.143 20.948  -11.757 1.00 21.94  ? 316 ALA A O   1 
ATOM   593  C CB  . ALA A 1 74  ? -26.341 18.665  -9.465  1.00 23.32  ? 316 ALA A CB  1 
ATOM   594  N N   . ARG A 1 75  ? -25.376 21.296  -10.416 1.00 21.37  ? 317 ARG A N   1 
ATOM   595  C CA  . ARG A 1 75  ? -25.510 22.731  -10.508 1.00 28.69  ? 317 ARG A CA  1 
ATOM   596  C C   . ARG A 1 75  ? -25.497 23.211  -11.943 1.00 34.65  ? 317 ARG A C   1 
ATOM   597  O O   . ARG A 1 75  ? -26.315 24.035  -12.359 1.00 32.29  ? 317 ARG A O   1 
ATOM   598  C CB  . ARG A 1 75  ? -24.410 23.364  -9.671  1.00 16.79  ? 317 ARG A CB  1 
ATOM   599  C CG  . ARG A 1 75  ? -24.691 23.211  -8.173  1.00 24.98  ? 317 ARG A CG  1 
ATOM   600  C CD  . ARG A 1 75  ? -25.071 24.543  -7.553  1.00 26.65  ? 317 ARG A CD  1 
ATOM   601  N NE  . ARG A 1 75  ? -25.502 25.463  -8.601  1.00 57.80  ? 317 ARG A NE  1 
ATOM   602  C CZ  . ARG A 1 75  ? -25.274 26.768  -8.592  1.00 62.67  ? 317 ARG A CZ  1 
ATOM   603  N NH1 . ARG A 1 75  ? -24.631 27.322  -7.578  1.00 66.44  ? 317 ARG A NH1 1 
ATOM   604  N NH2 . ARG A 1 75  ? -25.647 27.503  -9.627  1.00 65.94  ? 317 ARG A NH2 1 
ATOM   605  N N   . LEU A 1 76  ? -24.560 22.662  -12.703 1.00 36.57  ? 318 LEU A N   1 
ATOM   606  C CA  . LEU A 1 76  ? -24.423 23.004  -14.101 1.00 13.97  ? 318 LEU A CA  1 
ATOM   607  C C   . LEU A 1 76  ? -25.700 22.625  -14.883 1.00 28.71  ? 318 LEU A C   1 
ATOM   608  O O   . LEU A 1 76  ? -26.236 23.436  -15.635 1.00 23.79  ? 318 LEU A O   1 
ATOM   609  C CB  . LEU A 1 76  ? -23.187 22.302  -14.651 1.00 18.33  ? 318 LEU A CB  1 
ATOM   610  C CG  . LEU A 1 76  ? -23.021 22.482  -16.152 1.00 31.41  ? 318 LEU A CG  1 
ATOM   611  C CD1 . LEU A 1 76  ? -22.746 23.949  -16.544 1.00 17.31  ? 318 LEU A CD1 1 
ATOM   612  C CD2 . LEU A 1 76  ? -21.903 21.594  -16.589 1.00 27.04  ? 318 LEU A CD2 1 
ATOM   613  N N   . ALA A 1 77  ? -26.212 21.410  -14.716 1.00 14.99  ? 319 ALA A N   1 
ATOM   614  C CA  . ALA A 1 77  ? -27.451 21.072  -15.414 1.00 25.11  ? 319 ALA A CA  1 
ATOM   615  C C   . ALA A 1 77  ? -28.573 22.067  -15.068 1.00 31.92  ? 319 ALA A C   1 
ATOM   616  O O   . ALA A 1 77  ? -29.291 22.540  -15.957 1.00 30.22  ? 319 ALA A O   1 
ATOM   617  C CB  . ALA A 1 77  ? -27.900 19.635  -15.070 1.00 29.81  ? 319 ALA A CB  1 
ATOM   618  N N   . LYS A 1 78  ? -28.744 22.383  -13.787 1.00 23.28  ? 320 LYS A N   1 
ATOM   619  C CA  . LYS A 1 78  ? -29.824 23.296  -13.422 1.00 27.31  ? 320 LYS A CA  1 
ATOM   620  C C   . LYS A 1 78  ? -29.673 24.618  -14.111 1.00 36.85  ? 320 LYS A C   1 
ATOM   621  O O   . LYS A 1 78  ? -30.634 25.162  -14.639 1.00 35.23  ? 320 LYS A O   1 
ATOM   622  C CB  . LYS A 1 78  ? -29.877 23.526  -11.908 1.00 23.97  ? 320 LYS A CB  1 
ATOM   623  C CG  . LYS A 1 78  ? -30.223 22.290  -11.124 1.00 51.95  ? 320 LYS A CG  1 
ATOM   624  C CD  . LYS A 1 78  ? -31.632 21.819  -11.456 1.00 72.24  ? 320 LYS A CD  1 
ATOM   625  C CE  . LYS A 1 78  ? -32.072 20.655  -10.572 1.00 52.50  ? 320 LYS A CE  1 
ATOM   626  N NZ  . LYS A 1 78  ? -32.056 21.036  -9.133  1.00 73.05  ? 320 LYS A NZ  1 
ATOM   627  N N   . THR A 1 79  ? -28.445 25.121  -14.106 1.00 24.49  ? 321 THR A N   1 
ATOM   628  C CA  . THR A 1 79  ? -28.160 26.396  -14.724 1.00 27.31  ? 321 THR A CA  1 
ATOM   629  C C   . THR A 1 79  ? -28.413 26.368  -16.219 1.00 35.90  ? 321 THR A C   1 
ATOM   630  O O   . THR A 1 79  ? -29.007 27.299  -16.766 1.00 36.87  ? 321 THR A O   1 
ATOM   631  C CB  . THR A 1 79  ? -26.718 26.824  -14.499 1.00 19.53  ? 321 THR A CB  1 
ATOM   632  O OG1 . THR A 1 79  ? -26.490 27.103  -13.114 1.00 30.36  ? 321 THR A OG1 1 
ATOM   633  C CG2 . THR A 1 79  ? -26.462 28.063  -15.250 1.00 23.74  ? 321 THR A CG2 1 
ATOM   634  N N   . GLU A 1 80  ? -27.962 25.304  -16.875 1.00 44.38  ? 322 GLU A N   1 
ATOM   635  C CA  . GLU A 1 80  ? -28.147 25.181  -18.313 1.00 39.75  ? 322 GLU A CA  1 
ATOM   636  C C   . GLU A 1 80  ? -29.609 25.158  -18.681 1.00 22.28  ? 322 GLU A C   1 
ATOM   637  O O   . GLU A 1 80  ? -30.020 25.758  -19.673 1.00 25.49  ? 322 GLU A O   1 
ATOM   638  C CB  . GLU A 1 80  ? -27.445 23.935  -18.842 1.00 49.75  ? 322 GLU A CB  1 
ATOM   639  C CG  . GLU A 1 80  ? -26.128 24.286  -19.522 1.00 52.03  ? 322 GLU A CG  1 
ATOM   640  C CD  . GLU A 1 80  ? -25.261 23.083  -19.826 1.00 75.98  ? 322 GLU A CD  1 
ATOM   641  O OE1 . GLU A 1 80  ? -25.832 22.002  -20.090 1.00 65.86  ? 322 GLU A OE1 1 
ATOM   642  O OE2 . GLU A 1 80  ? -24.018 23.229  -19.809 1.00 68.72  ? 322 GLU A OE2 1 
ATOM   643  N N   . LYS A 1 81  ? -30.398 24.480  -17.869 1.00 27.44  ? 323 LYS A N   1 
ATOM   644  C CA  . LYS A 1 81  ? -31.828 24.408  -18.093 1.00 20.63  ? 323 LYS A CA  1 
ATOM   645  C C   . LYS A 1 81  ? -32.442 25.804  -17.936 1.00 27.78  ? 323 LYS A C   1 
ATOM   646  O O   . LYS A 1 81  ? -33.254 26.226  -18.759 1.00 33.68  ? 323 LYS A O   1 
ATOM   647  C CB  . LYS A 1 81  ? -32.432 23.430  -17.088 1.00 19.23  ? 323 LYS A CB  1 
ATOM   648  C CG  . LYS A 1 81  ? -33.935 23.389  -17.067 1.00 34.47  ? 323 LYS A CG  1 
ATOM   649  C CD  . LYS A 1 81  ? -34.455 22.870  -15.733 1.00 14.73  ? 323 LYS A CD  1 
ATOM   650  C CE  . LYS A 1 81  ? -35.965 22.915  -15.681 1.00 32.31  ? 323 LYS A CE  1 
ATOM   651  N NZ  . LYS A 1 81  ? -36.431 22.280  -14.428 1.00 29.40  ? 323 LYS A NZ  1 
ATOM   652  N N   . ASP A 1 82  ? -32.052 26.528  -16.896 1.00 23.23  ? 324 ASP A N   1 
ATOM   653  C CA  . ASP A 1 82  ? -32.601 27.866  -16.723 1.00 36.12  ? 324 ASP A CA  1 
ATOM   654  C C   . ASP A 1 82  ? -32.214 28.766  -17.866 1.00 35.92  ? 324 ASP A C   1 
ATOM   655  O O   . ASP A 1 82  ? -33.021 29.560  -18.342 1.00 43.62  ? 324 ASP A O   1 
ATOM   656  C CB  . ASP A 1 82  ? -32.146 28.475  -15.413 1.00 31.91  ? 324 ASP A CB  1 
ATOM   657  C CG  . ASP A 1 82  ? -32.809 27.831  -14.249 1.00 36.52  ? 324 ASP A CG  1 
ATOM   658  O OD1 . ASP A 1 82  ? -33.817 27.125  -14.487 1.00 56.89  ? 324 ASP A OD1 1 
ATOM   659  O OD2 . ASP A 1 82  ? -32.334 28.029  -13.116 1.00 58.59  ? 324 ASP A OD2 1 
ATOM   660  N N   . ARG A 1 83  ? -30.977 28.636  -18.309 1.00 30.37  ? 325 ARG A N   1 
ATOM   661  C CA  . ARG A 1 83  ? -30.510 29.431  -19.428 1.00 41.94  ? 325 ARG A CA  1 
ATOM   662  C C   . ARG A 1 83  ? -31.377 29.137  -20.668 1.00 37.55  ? 325 ARG A C   1 
ATOM   663  O O   . ARG A 1 83  ? -31.811 30.056  -21.360 1.00 36.55  ? 325 ARG A O   1 
ATOM   664  C CB  . ARG A 1 83  ? -29.042 29.102  -19.669 1.00 39.20  ? 325 ARG A CB  1 
ATOM   665  C CG  . ARG A 1 83  ? -28.418 29.835  -20.807 1.00 36.09  ? 325 ARG A CG  1 
ATOM   666  C CD  . ARG A 1 83  ? -27.738 28.844  -21.702 1.00 43.35  ? 325 ARG A CD  1 
ATOM   667  N NE  . ARG A 1 83  ? -26.309 29.094  -21.756 1.00 47.39  ? 325 ARG A NE  1 
ATOM   668  C CZ  . ARG A 1 83  ? -25.392 28.157  -21.961 1.00 63.76  ? 325 ARG A CZ  1 
ATOM   669  N NH1 . ARG A 1 83  ? -25.758 26.892  -22.132 1.00 43.38  ? 325 ARG A NH1 1 
ATOM   670  N NH2 . ARG A 1 83  ? -24.108 28.490  -21.979 1.00 56.04  ? 325 ARG A NH2 1 
ATOM   671  N N   . ALA A 1 84  ? -31.652 27.861  -20.937 1.00 32.54  ? 326 ALA A N   1 
ATOM   672  C CA  . ALA A 1 84  ? -32.476 27.489  -22.092 1.00 29.73  ? 326 ALA A CA  1 
ATOM   673  C C   . ALA A 1 84  ? -33.875 28.098  -21.987 1.00 42.42  ? 326 ALA A C   1 
ATOM   674  O O   . ALA A 1 84  ? -34.402 28.639  -22.955 1.00 37.43  ? 326 ALA A O   1 
ATOM   675  C CB  . ALA A 1 84  ? -32.569 25.983  -22.181 1.00 28.92  ? 326 ALA A CB  1 
ATOM   676  N N   . ILE A 1 85  ? -34.472 27.995  -20.813 1.00 39.59  ? 327 ILE A N   1 
ATOM   677  C CA  . ILE A 1 85  ? -35.782 28.578  -20.618 1.00 36.16  ? 327 ILE A CA  1 
ATOM   678  C C   . ILE A 1 85  ? -35.710 30.099  -20.821 1.00 41.89  ? 327 ILE A C   1 
ATOM   679  O O   . ILE A 1 85  ? -36.638 30.691  -21.369 1.00 58.58  ? 327 ILE A O   1 
ATOM   680  C CB  . ILE A 1 85  ? -36.304 28.215  -19.230 1.00 38.04  ? 327 ILE A CB  1 
ATOM   681  C CG1 . ILE A 1 85  ? -36.651 26.723  -19.227 1.00 31.07  ? 327 ILE A CG1 1 
ATOM   682  C CG2 . ILE A 1 85  ? -37.497 29.075  -18.859 1.00 26.87  ? 327 ILE A CG2 1 
ATOM   683  C CD1 . ILE A 1 85  ? -37.214 26.206  -17.904 1.00 31.64  ? 327 ILE A CD1 1 
ATOM   684  N N   . LEU A 1 86  ? -34.606 30.724  -20.417 1.00 52.01  ? 328 LEU A N   1 
ATOM   685  C CA  . LEU A 1 86  ? -34.477 32.164  -20.601 1.00 38.17  ? 328 LEU A CA  1 
ATOM   686  C C   . LEU A 1 86  ? -34.268 32.535  -22.048 1.00 43.19  ? 328 LEU A C   1 
ATOM   687  O O   . LEU A 1 86  ? -34.742 33.580  -22.469 1.00 46.19  ? 328 LEU A O   1 
ATOM   688  C CB  . LEU A 1 86  ? -33.331 32.747  -19.767 1.00 40.75  ? 328 LEU A CB  1 
ATOM   689  C CG  . LEU A 1 86  ? -33.705 33.089  -18.325 1.00 45.70  ? 328 LEU A CG  1 
ATOM   690  C CD1 . LEU A 1 86  ? -32.443 33.137  -17.486 1.00 47.69  ? 328 LEU A CD1 1 
ATOM   691  C CD2 . LEU A 1 86  ? -34.475 34.410  -18.256 1.00 49.66  ? 328 LEU A CD2 1 
ATOM   692  N N   . GLU A 1 87  ? -33.573 31.710  -22.824 1.00 43.20  ? 329 GLU A N   1 
ATOM   693  C CA  . GLU A 1 87  ? -33.389 32.073  -24.224 1.00 49.57  ? 329 GLU A CA  1 
ATOM   694  C C   . GLU A 1 87  ? -34.753 32.078  -24.862 1.00 53.37  ? 329 GLU A C   1 
ATOM   695  O O   . GLU A 1 87  ? -35.075 32.972  -25.631 1.00 57.90  ? 329 GLU A O   1 
ATOM   696  C CB  . GLU A 1 87  ? -32.489 31.080  -24.941 1.00 26.87  ? 329 GLU A CB  1 
ATOM   697  C CG  . GLU A 1 87  ? -31.182 30.892  -24.238 1.00 64.99  ? 329 GLU A CG  1 
ATOM   698  C CD  . GLU A 1 87  ? -30.131 30.308  -25.144 1.00 86.39  ? 329 GLU A CD  1 
ATOM   699  O OE1 . GLU A 1 87  ? -29.298 29.521  -24.655 1.00 92.25  ? 329 GLU A OE1 1 
ATOM   700  O OE2 . GLU A 1 87  ? -30.142 30.659  -26.344 1.00 94.22  ? 329 GLU A OE2 1 
ATOM   701  N N   . LEU A 1 88  ? -35.561 31.077  -24.525 1.00 53.99  ? 330 LEU A N   1 
ATOM   702  C CA  . LEU A 1 88  ? -36.911 31.000  -25.061 1.00 48.87  ? 330 LEU A CA  1 
ATOM   703  C C   . LEU A 1 88  ? -37.724 32.228  -24.667 1.00 48.62  ? 330 LEU A C   1 
ATOM   704  O O   . LEU A 1 88  ? -38.299 32.904  -25.519 1.00 50.84  ? 330 LEU A O   1 
ATOM   705  C CB  . LEU A 1 88  ? -37.627 29.735  -24.572 1.00 50.66  ? 330 LEU A CB  1 
ATOM   706  C CG  . LEU A 1 88  ? -37.675 28.527  -25.520 1.00 65.03  ? 330 LEU A CG  1 
ATOM   707  C CD1 . LEU A 1 88  ? -37.059 28.864  -26.892 1.00 48.17  ? 330 LEU A CD1 1 
ATOM   708  C CD2 . LEU A 1 88  ? -36.952 27.353  -24.850 1.00 61.35  ? 330 LEU A CD2 1 
ATOM   709  N N   . LYS A 1 89  ? -37.776 32.515  -23.374 1.00 43.53  ? 331 LYS A N   1 
ATOM   710  C CA  . LYS A 1 89  ? -38.516 33.671  -22.886 1.00 33.43  ? 331 LYS A CA  1 
ATOM   711  C C   . LYS A 1 89  ? -38.055 34.922  -23.618 1.00 47.52  ? 331 LYS A C   1 
ATOM   712  O O   . LYS A 1 89  ? -38.870 35.748  -24.045 1.00 48.38  ? 331 LYS A O   1 
ATOM   713  C CB  . LYS A 1 89  ? -38.252 33.860  -21.397 1.00 37.13  ? 331 LYS A CB  1 
ATOM   714  C CG  . LYS A 1 89  ? -39.463 33.737  -20.508 1.00 43.02  ? 331 LYS A CG  1 
ATOM   715  C CD  . LYS A 1 89  ? -40.680 34.517  -20.987 1.00 45.38  ? 331 LYS A CD  1 
ATOM   716  C CE  . LYS A 1 89  ? -41.806 34.458  -19.938 1.00 53.56  ? 331 LYS A CE  1 
ATOM   717  N NZ  . LYS A 1 89  ? -43.183 34.290  -20.525 1.00 56.44  ? 331 LYS A NZ  1 
ATOM   718  N N   . LEU A 1 90  ? -36.739 35.060  -23.734 1.00 48.57  ? 332 LEU A N   1 
ATOM   719  C CA  . LEU A 1 90  ? -36.168 36.211  -24.407 1.00 58.91  ? 332 LEU A CA  1 
ATOM   720  C C   . LEU A 1 90  ? -36.798 36.309  -25.781 1.00 60.90  ? 332 LEU A C   1 
ATOM   721  O O   . LEU A 1 90  ? -37.502 37.272  -26.068 1.00 54.20  ? 332 LEU A O   1 
ATOM   722  C CB  . LEU A 1 90  ? -34.655 36.076  -24.532 1.00 41.49  ? 332 LEU A CB  1 
ATOM   723  C CG  . LEU A 1 90  ? -34.069 37.314  -25.199 1.00 47.85  ? 332 LEU A CG  1 
ATOM   724  C CD1 . LEU A 1 90  ? -34.302 38.552  -24.316 1.00 44.62  ? 332 LEU A CD1 1 
ATOM   725  C CD2 . LEU A 1 90  ? -32.600 37.084  -25.463 1.00 19.68  ? 332 LEU A CD2 1 
ATOM   726  N N   . ALA A 1 91  ? -36.563 35.308  -26.625 1.00 36.18  ? 333 ALA A N   1 
ATOM   727  C CA  . ALA A 1 91  ? -37.143 35.293  -27.967 1.00 46.33  ? 333 ALA A CA  1 
ATOM   728  C C   . ALA A 1 91  ? -38.592 35.769  -27.932 1.00 56.10  ? 333 ALA A C   1 
ATOM   729  O O   . ALA A 1 91  ? -38.967 36.725  -28.613 1.00 47.77  ? 333 ALA A O   1 
ATOM   730  C CB  . ALA A 1 91  ? -37.073 33.898  -28.534 1.00 35.47  ? 333 ALA A CB  1 
ATOM   731  N N   . GLU A 1 92  ? -39.407 35.098  -27.126 1.00 54.59  ? 334 GLU A N   1 
ATOM   732  C CA  . GLU A 1 92  ? -40.811 35.453  -26.993 1.00 52.69  ? 334 GLU A CA  1 
ATOM   733  C C   . GLU A 1 92  ? -40.996 36.960  -26.806 1.00 53.28  ? 334 GLU A C   1 
ATOM   734  O O   . GLU A 1 92  ? -41.867 37.574  -27.419 1.00 52.44  ? 334 GLU A O   1 
ATOM   735  C CB  . GLU A 1 92  ? -41.414 34.706  -25.799 1.00 55.02  ? 334 GLU A CB  1 
ATOM   736  C CG  . GLU A 1 92  ? -42.869 35.063  -25.531 1.00 78.62  ? 334 GLU A CG  1 
ATOM   737  C CD  . GLU A 1 92  ? -43.494 34.328  -24.345 1.00 83.55  ? 334 GLU A CD  1 
ATOM   738  O OE1 . GLU A 1 92  ? -43.127 34.597  -23.179 1.00 81.31  ? 334 GLU A OE1 1 
ATOM   739  O OE2 . GLU A 1 92  ? -44.376 33.477  -24.588 1.00 97.54  ? 334 GLU A OE2 1 
ATOM   740  N N   . ALA A 1 93  ? -40.161 37.553  -25.966 1.00 59.63  ? 335 ALA A N   1 
ATOM   741  C CA  . ALA A 1 93  ? -40.255 38.975  -25.689 1.00 53.22  ? 335 ALA A CA  1 
ATOM   742  C C   . ALA A 1 93  ? -39.758 39.865  -26.817 1.00 64.31  ? 335 ALA A C   1 
ATOM   743  O O   . ALA A 1 93  ? -40.378 40.894  -27.107 1.00 74.76  ? 335 ALA A O   1 
ATOM   744  C CB  . ALA A 1 93  ? -39.500 39.286  -24.431 1.00 51.05  ? 335 ALA A CB  1 
ATOM   745  N N   . ILE A 1 94  ? -38.646 39.507  -27.450 1.00 59.20  ? 336 ILE A N   1 
ATOM   746  C CA  . ILE A 1 94  ? -38.193 40.379  -28.522 1.00 66.19  ? 336 ILE A CA  1 
ATOM   747  C C   . ILE A 1 94  ? -39.204 40.296  -29.636 1.00 83.86  ? 336 ILE A C   1 
ATOM   748  O O   . ILE A 1 94  ? -39.314 41.208  -30.450 1.00 98.95  ? 336 ILE A O   1 
ATOM   749  C CB  . ILE A 1 94  ? -36.756 40.049  -29.035 1.00 52.14  ? 336 ILE A CB  1 
ATOM   750  C CG1 . ILE A 1 94  ? -36.642 38.606  -29.527 1.00 76.28  ? 336 ILE A CG1 1 
ATOM   751  C CG2 . ILE A 1 94  ? -35.765 40.334  -27.935 1.00 40.34  ? 336 ILE A CG2 1 
ATOM   752  C CD1 . ILE A 1 94  ? -35.303 38.294  -30.209 1.00 76.94  ? 336 ILE A CD1 1 
ATOM   753  N N   . ASP A 1 95  ? -39.984 39.224  -29.654 1.00 87.37  ? 337 ASP A N   1 
ATOM   754  C CA  . ASP A 1 95  ? -40.975 39.157  -30.695 1.00 85.31  ? 337 ASP A CA  1 
ATOM   755  C C   . ASP A 1 95  ? -42.204 39.946  -30.343 1.00 85.39  ? 337 ASP A C   1 
ATOM   756  O O   . ASP A 1 95  ? -42.819 40.553  -31.215 1.00 90.02  ? 337 ASP A O   1 
ATOM   757  C CB  . ASP A 1 95  ? -41.337 37.736  -31.059 1.00 87.16  ? 337 ASP A CB  1 
ATOM   758  C CG  . ASP A 1 95  ? -41.173 37.509  -32.523 1.00 95.13  ? 337 ASP A CG  1 
ATOM   759  O OD1 . ASP A 1 95  ? -41.965 36.749  -33.108 1.00 108.95 ? 337 ASP A OD1 1 
ATOM   760  O OD2 . ASP A 1 95  ? -40.233 38.125  -33.075 1.00 79.13  ? 337 ASP A OD2 1 
ATOM   761  N N   . GLU A 1 96  ? -42.575 39.956  -29.070 1.00 80.61  ? 338 GLU A N   1 
ATOM   762  C CA  . GLU A 1 96  ? -43.729 40.744  -28.689 1.00 83.03  ? 338 GLU A CA  1 
ATOM   763  C C   . GLU A 1 96  ? -43.424 42.211  -28.904 1.00 85.54  ? 338 GLU A C   1 
ATOM   764  O O   . GLU A 1 96  ? -44.323 43.004  -29.181 1.00 94.49  ? 338 GLU A O   1 
ATOM   765  C CB  . GLU A 1 96  ? -44.102 40.489  -27.249 1.00 69.59  ? 338 GLU A CB  1 
ATOM   766  C CG  . GLU A 1 96  ? -45.116 39.411  -27.172 1.00 75.20  ? 338 GLU A CG  1 
ATOM   767  C CD  . GLU A 1 96  ? -44.815 38.470  -26.072 1.00 89.04  ? 338 GLU A CD  1 
ATOM   768  O OE1 . GLU A 1 96  ? -44.709 38.956  -24.928 1.00 85.05  ? 338 GLU A OE1 1 
ATOM   769  O OE2 . GLU A 1 96  ? -44.680 37.262  -26.352 1.00 99.87  ? 338 GLU A OE2 1 
ATOM   770  N N   . LYS A 1 97  ? -42.153 42.571  -28.774 1.00 88.03  ? 339 LYS A N   1 
ATOM   771  C CA  . LYS A 1 97  ? -41.743 43.943  -29.011 1.00 84.57  ? 339 LYS A CA  1 
ATOM   772  C C   . LYS A 1 97  ? -41.976 44.139  -30.518 1.00 88.84  ? 339 LYS A C   1 
ATOM   773  O O   . LYS A 1 97  ? -42.752 45.000  -30.920 1.00 98.29  ? 339 LYS A O   1 
ATOM   774  C CB  . LYS A 1 97  ? -40.261 44.127  -28.660 1.00 86.41  ? 339 LYS A CB  1 
ATOM   775  C CG  . LYS A 1 97  ? -39.819 45.577  -28.515 1.00 86.90  ? 339 LYS A CG  1 
ATOM   776  C CD  . LYS A 1 97  ? -38.383 45.783  -29.002 1.00 85.80  ? 339 LYS A CD  1 
ATOM   777  C CE  . LYS A 1 97  ? -37.947 47.239  -28.832 1.00 102.46 ? 339 LYS A CE  1 
ATOM   778  N NZ  . LYS A 1 97  ? -36.559 47.514  -29.316 1.00 100.28 ? 339 LYS A NZ  1 
ATOM   779  N N   . SER A 1 98  ? -41.333 43.316  -31.349 1.00 89.84  ? 340 SER A N   1 
ATOM   780  C CA  . SER A 1 98  ? -41.503 43.421  -32.805 1.00 104.50 ? 340 SER A CA  1 
ATOM   781  C C   . SER A 1 98  ? -42.962 43.642  -33.219 1.00 110.25 ? 340 SER A C   1 
ATOM   782  O O   . SER A 1 98  ? -43.310 44.709  -33.733 1.00 106.06 ? 340 SER A O   1 
ATOM   783  C CB  . SER A 1 98  ? -40.963 42.174  -33.515 1.00 104.97 ? 340 SER A CB  1 
ATOM   784  O OG  . SER A 1 98  ? -39.557 42.078  -33.394 1.00 116.16 ? 340 SER A OG  1 
ATOM   785  N N   . LYS A 1 99  ? -43.810 42.636  -33.013 1.00 112.36 ? 341 LYS A N   1 
ATOM   786  C CA  . LYS A 1 99  ? -45.226 42.760  -33.358 1.00 110.15 ? 341 LYS A CA  1 
ATOM   787  C C   . LYS A 1 99  ? -45.824 44.047  -32.812 1.00 115.09 ? 341 LYS A C   1 
ATOM   788  O O   . LYS A 1 99  ? -46.463 44.787  -33.556 1.00 125.76 ? 341 LYS A O   1 
ATOM   789  C CB  . LYS A 1 99  ? -46.033 41.563  -32.837 1.00 100.69 ? 341 LYS A CB  1 
ATOM   790  C CG  . LYS A 1 99  ? -45.640 40.248  -33.484 1.00 114.05 ? 341 LYS A CG  1 
ATOM   791  C CD  . LYS A 1 99  ? -46.805 39.273  -33.637 1.00 105.77 ? 341 LYS A CD  1 
ATOM   792  C CE  . LYS A 1 99  ? -46.383 38.100  -34.522 1.00 94.60  ? 341 LYS A CE  1 
ATOM   793  N NZ  . LYS A 1 99  ? -47.519 37.230  -34.928 1.00 89.09  ? 341 LYS A NZ  1 
ATOM   794  N N   . LEU A 1 100 ? -45.624 44.326  -31.522 1.00 112.82 ? 342 LEU A N   1 
ATOM   795  C CA  . LEU A 1 100 ? -46.180 45.552  -30.958 1.00 105.94 ? 342 LEU A CA  1 
ATOM   796  C C   . LEU A 1 100 ? -45.924 46.659  -31.975 1.00 114.39 ? 342 LEU A C   1 
ATOM   797  O O   . LEU A 1 100 ? -46.861 47.298  -32.432 1.00 128.10 ? 342 LEU A O   1 
ATOM   798  C CB  . LEU A 1 100 ? -45.540 45.916  -29.614 1.00 100.10 ? 342 LEU A CB  1 
ATOM   799  C CG  . LEU A 1 100 ? -46.536 46.554  -28.635 1.00 98.22  ? 342 LEU A CG  1 
ATOM   800  C CD1 . LEU A 1 100 ? -47.443 45.454  -28.083 1.00 81.59  ? 342 LEU A CD1 1 
ATOM   801  C CD2 . LEU A 1 100 ? -45.805 47.273  -27.506 1.00 82.27  ? 342 LEU A CD2 1 
ATOM   802  N N   . GLU A 1 101 ? -44.670 46.872  -32.365 1.00 113.88 ? 343 GLU A N   1 
ATOM   803  C CA  . GLU A 1 101 ? -44.394 47.911  -33.353 1.00 117.89 ? 343 GLU A CA  1 
ATOM   804  C C   . GLU A 1 101 ? -44.912 47.596  -34.777 1.00 116.69 ? 343 GLU A C   1 
ATOM   805  O O   . GLU A 1 101 ? -45.428 48.541  -35.417 1.00 109.86 ? 343 GLU A O   1 
ATOM   806  C CB  . GLU A 1 101 ? -42.892 48.260  -33.373 1.00 115.93 ? 343 GLU A CB  1 
ATOM   807  C CG  . GLU A 1 101 ? -41.984 47.194  -32.779 1.00 119.08 ? 343 GLU A CG  1 
ATOM   808  C CD  . GLU A 1 101 ? -40.647 47.741  -32.298 1.00 117.69 ? 343 GLU A CD  1 
ATOM   809  O OE1 . GLU A 1 101 ? -40.650 48.667  -31.459 1.00 119.71 ? 343 GLU A OE1 1 
ATOM   810  O OE2 . GLU A 1 101 ? -39.596 47.239  -32.753 1.00 109.86 ? 343 GLU A OE2 1 
ATOM   811  O OXT . GLU A 1 101 ? -44.817 46.441  -35.247 1.00 112.63 ? 343 GLU A OXT 1 
ATOM   812  N N   . GLU B 1 1   ? 46.562  -48.097 32.789  1.00 88.26  ? 243 GLU B N   1 
ATOM   813  C CA  . GLU B 1 1   ? 46.818  -46.792 32.112  1.00 91.96  ? 243 GLU B CA  1 
ATOM   814  C C   . GLU B 1 1   ? 45.833  -46.679 30.957  1.00 98.80  ? 243 GLU B C   1 
ATOM   815  O O   . GLU B 1 1   ? 45.191  -45.648 30.755  1.00 105.52 ? 243 GLU B O   1 
ATOM   816  C CB  . GLU B 1 1   ? 48.259  -46.748 31.559  1.00 97.60  ? 243 GLU B CB  1 
ATOM   817  C CG  . GLU B 1 1   ? 48.382  -47.178 30.075  1.00 114.98 ? 243 GLU B CG  1 
ATOM   818  C CD  . GLU B 1 1   ? 49.768  -47.693 29.659  1.00 124.92 ? 243 GLU B CD  1 
ATOM   819  O OE1 . GLU B 1 1   ? 50.136  -48.825 30.051  1.00 116.21 ? 243 GLU B OE1 1 
ATOM   820  O OE2 . GLU B 1 1   ? 50.482  -46.967 28.927  1.00 110.24 ? 243 GLU B OE2 1 
ATOM   821  N N   . MET B 1 2   ? 45.715  -47.767 30.206  1.00 91.97  ? 244 MET B N   1 
ATOM   822  C CA  . MET B 1 2   ? 44.834  -47.787 29.058  1.00 86.73  ? 244 MET B CA  1 
ATOM   823  C C   . MET B 1 2   ? 43.359  -47.925 29.439  1.00 84.05  ? 244 MET B C   1 
ATOM   824  O O   . MET B 1 2   ? 42.498  -47.396 28.741  1.00 96.80  ? 244 MET B O   1 
ATOM   825  C CB  . MET B 1 2   ? 45.278  -48.883 28.078  1.00 89.12  ? 244 MET B CB  1 
ATOM   826  C CG  . MET B 1 2   ? 46.700  -48.665 27.492  1.00 109.50 ? 244 MET B CG  1 
ATOM   827  S SD  . MET B 1 2   ? 46.940  -47.325 26.246  1.00 135.31 ? 244 MET B SD  1 
ATOM   828  C CE  . MET B 1 2   ? 47.454  -45.850 27.272  1.00 93.74  ? 244 MET B CE  1 
ATOM   829  N N   . ALA B 1 3   ? 43.041  -48.609 30.531  1.00 71.96  ? 245 ALA B N   1 
ATOM   830  C CA  . ALA B 1 3   ? 41.628  -48.690 30.905  1.00 82.24  ? 245 ALA B CA  1 
ATOM   831  C C   . ALA B 1 3   ? 41.196  -47.257 31.268  1.00 79.69  ? 245 ALA B C   1 
ATOM   832  O O   . ALA B 1 3   ? 40.043  -46.857 31.075  1.00 71.03  ? 245 ALA B O   1 
ATOM   833  C CB  . ALA B 1 3   ? 41.436  -49.637 32.083  1.00 59.47  ? 245 ALA B CB  1 
ATOM   834  N N   . ASN B 1 4   ? 42.147  -46.483 31.786  1.00 76.05  ? 246 ASN B N   1 
ATOM   835  C CA  . ASN B 1 4   ? 41.883  -45.094 32.137  1.00 75.94  ? 246 ASN B CA  1 
ATOM   836  C C   . ASN B 1 4   ? 41.623  -44.283 30.879  1.00 83.96  ? 246 ASN B C   1 
ATOM   837  O O   . ASN B 1 4   ? 40.564  -43.677 30.754  1.00 87.85  ? 246 ASN B O   1 
ATOM   838  C CB  . ASN B 1 4   ? 43.050  -44.476 32.906  1.00 79.82  ? 246 ASN B CB  1 
ATOM   839  C CG  . ASN B 1 4   ? 42.994  -44.775 34.386  1.00 81.28  ? 246 ASN B CG  1 
ATOM   840  O OD1 . ASN B 1 4   ? 43.286  -45.889 34.812  1.00 89.47  ? 246 ASN B OD1 1 
ATOM   841  N ND2 . ASN B 1 4   ? 42.607  -43.778 35.180  1.00 72.51  ? 246 ASN B ND2 1 
ATOM   842  N N   . ARG B 1 5   ? 42.574  -44.246 29.944  1.00 86.79  ? 247 ARG B N   1 
ATOM   843  C CA  . ARG B 1 5   ? 42.326  -43.490 28.722  1.00 82.10  ? 247 ARG B CA  1 
ATOM   844  C C   . ARG B 1 5   ? 40.953  -43.884 28.197  1.00 80.50  ? 247 ARG B C   1 
ATOM   845  O O   . ARG B 1 5   ? 40.255  -43.068 27.599  1.00 84.91  ? 247 ARG B O   1 
ATOM   846  C CB  . ARG B 1 5   ? 43.373  -43.759 27.635  1.00 80.08  ? 247 ARG B CB  1 
ATOM   847  C CG  . ARG B 1 5   ? 44.591  -42.853 27.685  1.00 94.90  ? 247 ARG B CG  1 
ATOM   848  C CD  . ARG B 1 5   ? 45.292  -42.792 26.322  1.00 112.90 ? 247 ARG B CD  1 
ATOM   849  N NE  . ARG B 1 5   ? 44.778  -41.722 25.465  1.00 123.77 ? 247 ARG B NE  1 
ATOM   850  C CZ  . ARG B 1 5   ? 45.118  -41.550 24.189  1.00 124.25 ? 247 ARG B CZ  1 
ATOM   851  N NH1 . ARG B 1 5   ? 45.972  -42.383 23.611  1.00 117.04 ? 247 ARG B NH1 1 
ATOM   852  N NH2 . ARG B 1 5   ? 44.621  -40.533 23.493  1.00 101.80 ? 247 ARG B NH2 1 
ATOM   853  N N   . LEU B 1 6   ? 40.555  -45.132 28.429  1.00 68.81  ? 248 LEU B N   1 
ATOM   854  C CA  . LEU B 1 6   ? 39.242  -45.586 27.973  1.00 77.48  ? 248 LEU B CA  1 
ATOM   855  C C   . LEU B 1 6   ? 38.140  -44.751 28.671  1.00 70.94  ? 248 LEU B C   1 
ATOM   856  O O   . LEU B 1 6   ? 37.314  -44.126 28.005  1.00 79.18  ? 248 LEU B O   1 
ATOM   857  C CB  . LEU B 1 6   ? 39.069  -47.098 28.251  1.00 87.69  ? 248 LEU B CB  1 
ATOM   858  C CG  . LEU B 1 6   ? 38.636  -48.026 27.093  1.00 92.60  ? 248 LEU B CG  1 
ATOM   859  C CD1 . LEU B 1 6   ? 39.744  -48.088 26.032  1.00 93.15  ? 248 LEU B CD1 1 
ATOM   860  C CD2 . LEU B 1 6   ? 38.314  -49.441 27.615  1.00 78.42  ? 248 LEU B CD2 1 
ATOM   861  N N   . ALA B 1 7   ? 38.137  -44.727 30.002  1.00 65.30  ? 249 ALA B N   1 
ATOM   862  C CA  . ALA B 1 7   ? 37.142  -43.954 30.752  1.00 68.31  ? 249 ALA B CA  1 
ATOM   863  C C   . ALA B 1 7   ? 37.100  -42.481 30.340  1.00 61.28  ? 249 ALA B C   1 
ATOM   864  O O   . ALA B 1 7   ? 36.030  -41.891 30.163  1.00 59.39  ? 249 ALA B O   1 
ATOM   865  C CB  . ALA B 1 7   ? 37.419  -44.051 32.252  1.00 58.29  ? 249 ALA B CB  1 
ATOM   866  N N   . GLY B 1 8   ? 38.270  -41.876 30.199  1.00 49.03  ? 250 GLY B N   1 
ATOM   867  C CA  . GLY B 1 8   ? 38.310  -40.476 29.826  1.00 53.79  ? 250 GLY B CA  1 
ATOM   868  C C   . GLY B 1 8   ? 37.811  -40.219 28.423  1.00 67.67  ? 250 GLY B C   1 
ATOM   869  O O   . GLY B 1 8   ? 37.248  -39.159 28.155  1.00 67.45  ? 250 GLY B O   1 
ATOM   870  N N   . LEU B 1 9   ? 38.020  -41.168 27.517  1.00 62.92  ? 251 LEU B N   1 
ATOM   871  C CA  . LEU B 1 9   ? 37.558  -40.957 26.158  1.00 52.11  ? 251 LEU B CA  1 
ATOM   872  C C   . LEU B 1 9   ? 36.059  -41.038 26.134  1.00 50.68  ? 251 LEU B C   1 
ATOM   873  O O   . LEU B 1 9   ? 35.397  -40.256 25.465  1.00 52.65  ? 251 LEU B O   1 
ATOM   874  C CB  . LEU B 1 9   ? 38.180  -41.965 25.197  1.00 39.64  ? 251 LEU B CB  1 
ATOM   875  C CG  . LEU B 1 9   ? 39.397  -41.332 24.511  1.00 53.95  ? 251 LEU B CG  1 
ATOM   876  C CD1 . LEU B 1 9   ? 40.157  -42.392 23.769  1.00 75.78  ? 251 LEU B CD1 1 
ATOM   877  C CD2 . LEU B 1 9   ? 38.967  -40.231 23.544  1.00 55.65  ? 251 LEU B CD2 1 
ATOM   878  N N   . GLU B 1 10  ? 35.503  -41.972 26.878  1.00 46.06  ? 252 GLU B N   1 
ATOM   879  C CA  . GLU B 1 10  ? 34.062  -42.052 26.920  1.00 54.57  ? 252 GLU B CA  1 
ATOM   880  C C   . GLU B 1 10  ? 33.539  -40.744 27.507  1.00 56.00  ? 252 GLU B C   1 
ATOM   881  O O   . GLU B 1 10  ? 32.509  -40.218 27.076  1.00 59.95  ? 252 GLU B O   1 
ATOM   882  C CB  . GLU B 1 10  ? 33.665  -43.209 27.807  1.00 46.57  ? 252 GLU B CB  1 
ATOM   883  C CG  . GLU B 1 10  ? 34.308  -44.497 27.380  1.00 57.23  ? 252 GLU B CG  1 
ATOM   884  C CD  . GLU B 1 10  ? 34.275  -45.505 28.484  1.00 71.70  ? 252 GLU B CD  1 
ATOM   885  O OE1 . GLU B 1 10  ? 35.126  -45.404 29.389  1.00 85.26  ? 252 GLU B OE1 1 
ATOM   886  O OE2 . GLU B 1 10  ? 33.384  -46.379 28.457  1.00 79.99  ? 252 GLU B OE2 1 
ATOM   887  N N   . ASN B 1 11  ? 34.258  -40.226 28.497  1.00 54.89  ? 253 ASN B N   1 
ATOM   888  C CA  . ASN B 1 11  ? 33.842  -39.002 29.164  1.00 56.45  ? 253 ASN B CA  1 
ATOM   889  C C   . ASN B 1 11  ? 33.771  -37.866 28.178  1.00 50.61  ? 253 ASN B C   1 
ATOM   890  O O   . ASN B 1 11  ? 32.812  -37.099 28.145  1.00 53.32  ? 253 ASN B O   1 
ATOM   891  C CB  . ASN B 1 11  ? 34.810  -38.653 30.303  1.00 45.51  ? 253 ASN B CB  1 
ATOM   892  C CG  . ASN B 1 11  ? 34.544  -39.461 31.568  1.00 48.71  ? 253 ASN B CG  1 
ATOM   893  O OD1 . ASN B 1 11  ? 33.481  -40.064 31.711  1.00 43.72  ? 253 ASN B OD1 1 
ATOM   894  N ND2 . ASN B 1 11  ? 35.500  -39.463 32.495  1.00 50.68  ? 253 ASN B ND2 1 
ATOM   895  N N   . SER B 1 12  ? 34.807  -37.802 27.357  1.00 51.09  ? 254 SER B N   1 
ATOM   896  C CA  . SER B 1 12  ? 34.964  -36.779 26.345  1.00 52.83  ? 254 SER B CA  1 
ATOM   897  C C   . SER B 1 12  ? 33.888  -36.926 25.268  1.00 50.38  ? 254 SER B C   1 
ATOM   898  O O   . SER B 1 12  ? 33.401  -35.942 24.702  1.00 47.03  ? 254 SER B O   1 
ATOM   899  C CB  . SER B 1 12  ? 36.374  -36.920 25.762  1.00 58.25  ? 254 SER B CB  1 
ATOM   900  O OG  . SER B 1 12  ? 36.773  -35.771 25.056  1.00 71.69  ? 254 SER B OG  1 
ATOM   901  N N   . LEU B 1 13  ? 33.507  -38.167 25.008  1.00 43.11  ? 255 LEU B N   1 
ATOM   902  C CA  . LEU B 1 13  ? 32.505  -38.464 23.997  1.00 46.48  ? 255 LEU B CA  1 
ATOM   903  C C   . LEU B 1 13  ? 31.131  -37.987 24.464  1.00 45.79  ? 255 LEU B C   1 
ATOM   904  O O   . LEU B 1 13  ? 30.344  -37.429 23.689  1.00 43.99  ? 255 LEU B O   1 
ATOM   905  C CB  . LEU B 1 13  ? 32.514  -39.972 23.731  1.00 45.16  ? 255 LEU B CB  1 
ATOM   906  C CG  . LEU B 1 13  ? 32.869  -40.450 22.312  1.00 49.03  ? 255 LEU B CG  1 
ATOM   907  C CD1 . LEU B 1 13  ? 33.960  -39.580 21.695  1.00 28.89  ? 255 LEU B CD1 1 
ATOM   908  C CD2 . LEU B 1 13  ? 33.309  -41.920 22.358  1.00 50.42  ? 255 LEU B CD2 1 
ATOM   909  N N   . GLU B 1 14  ? 30.865  -38.200 25.743  1.00 43.28  ? 256 GLU B N   1 
ATOM   910  C CA  . GLU B 1 14  ? 29.610  -37.802 26.354  1.00 43.82  ? 256 GLU B CA  1 
ATOM   911  C C   . GLU B 1 14  ? 29.500  -36.272 26.426  1.00 47.25  ? 256 GLU B C   1 
ATOM   912  O O   . GLU B 1 14  ? 28.422  -35.708 26.282  1.00 54.25  ? 256 GLU B O   1 
ATOM   913  C CB  . GLU B 1 14  ? 29.529  -38.423 27.750  1.00 38.67  ? 256 GLU B CB  1 
ATOM   914  C CG  . GLU B 1 14  ? 28.372  -37.928 28.587  1.00 33.86  ? 256 GLU B CG  1 
ATOM   915  C CD  . GLU B 1 14  ? 27.028  -38.305 28.002  1.00 48.70  ? 256 GLU B CD  1 
ATOM   916  O OE1 . GLU B 1 14  ? 26.006  -37.784 28.485  1.00 71.53  ? 256 GLU B OE1 1 
ATOM   917  O OE2 . GLU B 1 14  ? 26.994  -39.125 27.067  1.00 83.10  ? 256 GLU B OE2 1 
ATOM   918  N N   . SER B 1 15  ? 30.622  -35.599 26.650  1.00 34.55  ? 257 SER B N   1 
ATOM   919  C CA  . SER B 1 15  ? 30.602  -34.143 26.724  1.00 37.87  ? 257 SER B CA  1 
ATOM   920  C C   . SER B 1 15  ? 30.382  -33.568 25.322  1.00 37.04  ? 257 SER B C   1 
ATOM   921  O O   . SER B 1 15  ? 29.767  -32.511 25.156  1.00 41.50  ? 257 SER B O   1 
ATOM   922  C CB  . SER B 1 15  ? 31.910  -33.624 27.317  1.00 40.63  ? 257 SER B CB  1 
ATOM   923  O OG  . SER B 1 15  ? 31.984  -32.213 27.248  1.00 41.87  ? 257 SER B OG  1 
ATOM   924  N N   . GLU B 1 16  ? 30.893  -34.267 24.313  1.00 39.60  ? 258 GLU B N   1 
ATOM   925  C CA  . GLU B 1 16  ? 30.716  -33.831 22.938  1.00 40.13  ? 258 GLU B CA  1 
ATOM   926  C C   . GLU B 1 16  ? 29.264  -34.069 22.562  1.00 37.97  ? 258 GLU B C   1 
ATOM   927  O O   . GLU B 1 16  ? 28.689  -33.314 21.788  1.00 44.77  ? 258 GLU B O   1 
ATOM   928  C CB  . GLU B 1 16  ? 31.641  -34.607 21.995  1.00 29.55  ? 258 GLU B CB  1 
ATOM   929  C CG  . GLU B 1 16  ? 33.078  -34.090 21.971  1.00 38.66  ? 258 GLU B CG  1 
ATOM   930  C CD  . GLU B 1 16  ? 33.207  -32.733 21.284  1.00 42.19  ? 258 GLU B CD  1 
ATOM   931  O OE1 . GLU B 1 16  ? 32.388  -32.441 20.398  1.00 63.93  ? 258 GLU B OE1 1 
ATOM   932  O OE2 . GLU B 1 16  ? 34.138  -31.963 21.606  1.00 46.53  ? 258 GLU B OE2 1 
ATOM   933  N N   . LYS B 1 17  ? 28.675  -35.114 23.133  1.00 36.66  ? 259 LYS B N   1 
ATOM   934  C CA  . LYS B 1 17  ? 27.277  -35.458 22.884  1.00 37.31  ? 259 LYS B CA  1 
ATOM   935  C C   . LYS B 1 17  ? 26.378  -34.327 23.411  1.00 42.35  ? 259 LYS B C   1 
ATOM   936  O O   . LYS B 1 17  ? 25.569  -33.776 22.672  1.00 46.86  ? 259 LYS B O   1 
ATOM   937  C CB  . LYS B 1 17  ? 26.951  -36.782 23.588  1.00 40.11  ? 259 LYS B CB  1 
ATOM   938  C CG  . LYS B 1 17  ? 25.605  -37.418 23.234  1.00 47.99  ? 259 LYS B CG  1 
ATOM   939  C CD  . LYS B 1 17  ? 25.024  -38.223 24.409  1.00 52.31  ? 259 LYS B CD  1 
ATOM   940  C CE  . LYS B 1 17  ? 23.780  -38.993 23.955  1.00 70.29  ? 259 LYS B CE  1 
ATOM   941  N NZ  . LYS B 1 17  ? 23.011  -39.737 25.004  1.00 70.19  ? 259 LYS B NZ  1 
ATOM   942  N N   . VAL B 1 18  ? 26.516  -33.982 24.689  1.00 46.72  ? 260 VAL B N   1 
ATOM   943  C CA  . VAL B 1 18  ? 25.712  -32.907 25.253  1.00 32.72  ? 260 VAL B CA  1 
ATOM   944  C C   . VAL B 1 18  ? 25.873  -31.671 24.374  1.00 30.96  ? 260 VAL B C   1 
ATOM   945  O O   . VAL B 1 18  ? 24.887  -31.043 24.022  1.00 37.09  ? 260 VAL B O   1 
ATOM   946  C CB  . VAL B 1 18  ? 26.133  -32.585 26.700  1.00 43.14  ? 260 VAL B CB  1 
ATOM   947  C CG1 . VAL B 1 18  ? 25.240  -31.474 27.316  1.00 23.94  ? 260 VAL B CG1 1 
ATOM   948  C CG2 . VAL B 1 18  ? 26.064  -33.858 27.511  1.00 35.75  ? 260 VAL B CG2 1 
ATOM   949  N N   . SER B 1 19  ? 27.095  -31.304 23.999  1.00 24.25  ? 261 SER B N   1 
ATOM   950  C CA  . SER B 1 19  ? 27.257  -30.134 23.127  1.00 37.70  ? 261 SER B CA  1 
ATOM   951  C C   . SER B 1 19  ? 26.428  -30.269 21.831  1.00 35.53  ? 261 SER B C   1 
ATOM   952  O O   . SER B 1 19  ? 25.610  -29.403 21.474  1.00 35.45  ? 261 SER B O   1 
ATOM   953  C CB  . SER B 1 19  ? 28.742  -29.928 22.794  1.00 24.30  ? 261 SER B CB  1 
ATOM   954  O OG  . SER B 1 19  ? 29.457  -29.441 23.907  1.00 29.58  ? 261 SER B OG  1 
ATOM   955  N N   . ARG B 1 20  ? 26.654  -31.372 21.132  1.00 43.06  ? 262 ARG B N   1 
ATOM   956  C CA  . ARG B 1 20  ? 25.963  -31.700 19.888  1.00 46.22  ? 262 ARG B CA  1 
ATOM   957  C C   . ARG B 1 20  ? 24.434  -31.536 19.997  1.00 50.87  ? 262 ARG B C   1 
ATOM   958  O O   . ARG B 1 20  ? 23.792  -30.898 19.152  1.00 43.20  ? 262 ARG B O   1 
ATOM   959  C CB  . ARG B 1 20  ? 26.343  -33.141 19.535  1.00 31.18  ? 262 ARG B CB  1 
ATOM   960  C CG  . ARG B 1 20  ? 25.931  -33.611 18.170  1.00 60.38  ? 262 ARG B CG  1 
ATOM   961  C CD  . ARG B 1 20  ? 26.734  -34.847 17.784  1.00 68.94  ? 262 ARG B CD  1 
ATOM   962  N NE  . ARG B 1 20  ? 26.579  -35.951 18.724  1.00 74.20  ? 262 ARG B NE  1 
ATOM   963  C CZ  . ARG B 1 20  ? 27.586  -36.619 19.286  1.00 71.76  ? 262 ARG B CZ  1 
ATOM   964  N NH1 . ARG B 1 20  ? 28.840  -36.291 19.010  1.00 63.27  ? 262 ARG B NH1 1 
ATOM   965  N NH2 . ARG B 1 20  ? 27.339  -37.623 20.122  1.00 70.75  ? 262 ARG B NH2 1 
ATOM   966  N N   . GLU B 1 21  ? 23.860  -32.104 21.052  1.00 39.84  ? 263 GLU B N   1 
ATOM   967  C CA  . GLU B 1 21  ? 22.421  -32.020 21.258  1.00 41.40  ? 263 GLU B CA  1 
ATOM   968  C C   . GLU B 1 21  ? 22.003  -30.564 21.470  1.00 30.70  ? 263 GLU B C   1 
ATOM   969  O O   . GLU B 1 21  ? 20.965  -30.139 20.962  1.00 43.16  ? 263 GLU B O   1 
ATOM   970  C CB  . GLU B 1 21  ? 21.990  -32.846 22.467  1.00 41.66  ? 263 GLU B CB  1 
ATOM   971  C CG  . GLU B 1 21  ? 22.457  -34.295 22.504  1.00 33.06  ? 263 GLU B CG  1 
ATOM   972  C CD  . GLU B 1 21  ? 22.037  -34.958 23.808  1.00 63.16  ? 263 GLU B CD  1 
ATOM   973  O OE1 . GLU B 1 21  ? 22.099  -34.259 24.838  1.00 63.16  ? 263 GLU B OE1 1 
ATOM   974  O OE2 . GLU B 1 21  ? 21.656  -36.147 23.805  1.00 59.97  ? 263 GLU B OE2 1 
ATOM   975  N N   . GLN B 1 22  ? 22.801  -29.797 22.206  1.00 24.85  ? 264 GLN B N   1 
ATOM   976  C CA  . GLN B 1 22  ? 22.457  -28.395 22.447  1.00 35.48  ? 264 GLN B CA  1 
ATOM   977  C C   . GLN B 1 22  ? 22.390  -27.623 21.145  1.00 33.32  ? 264 GLN B C   1 
ATOM   978  O O   . GLN B 1 22  ? 21.434  -26.885 20.899  1.00 48.15  ? 264 GLN B O   1 
ATOM   979  C CB  . GLN B 1 22  ? 23.470  -27.721 23.376  1.00 27.89  ? 264 GLN B CB  1 
ATOM   980  C CG  . GLN B 1 22  ? 23.207  -26.220 23.639  1.00 41.40  ? 264 GLN B CG  1 
ATOM   981  C CD  . GLN B 1 22  ? 23.701  -25.251 22.536  1.00 39.96  ? 264 GLN B CD  1 
ATOM   982  O OE1 . GLN B 1 22  ? 24.835  -25.340 22.038  1.00 24.53  ? 264 GLN B OE1 1 
ATOM   983  N NE2 . GLN B 1 22  ? 22.850  -24.295 22.193  1.00 33.27  ? 264 GLN B NE2 1 
ATOM   984  N N   . LEU B 1 23  ? 23.407  -27.791 20.311  1.00 38.35  ? 265 LEU B N   1 
ATOM   985  C CA  . LEU B 1 23  ? 23.436  -27.097 19.037  1.00 34.74  ? 265 LEU B CA  1 
ATOM   986  C C   . LEU B 1 23  ? 22.357  -27.560 18.083  1.00 38.30  ? 265 LEU B C   1 
ATOM   987  O O   . LEU B 1 23  ? 21.812  -26.751 17.337  1.00 38.00  ? 265 LEU B O   1 
ATOM   988  C CB  . LEU B 1 23  ? 24.795  -27.253 18.364  1.00 26.74  ? 265 LEU B CB  1 
ATOM   989  C CG  . LEU B 1 23  ? 25.943  -26.578 19.105  1.00 24.66  ? 265 LEU B CG  1 
ATOM   990  C CD1 . LEU B 1 23  ? 27.228  -27.006 18.470  1.00 33.92  ? 265 LEU B CD1 1 
ATOM   991  C CD2 . LEU B 1 23  ? 25.800  -25.078 19.043  1.00 22.03  ? 265 LEU B CD2 1 
ATOM   992  N N   . ILE B 1 24  ? 22.033  -28.848 18.078  1.00 34.18  ? 266 ILE B N   1 
ATOM   993  C CA  . ILE B 1 24  ? 20.993  -29.286 17.162  1.00 29.69  ? 266 ILE B CA  1 
ATOM   994  C C   . ILE B 1 24  ? 19.650  -28.712 17.574  1.00 32.94  ? 266 ILE B C   1 
ATOM   995  O O   . ILE B 1 24  ? 18.893  -28.275 16.717  1.00 16.82  ? 266 ILE B O   1 
ATOM   996  C CB  . ILE B 1 24  ? 20.923  -30.819 17.036  1.00 36.62  ? 266 ILE B CB  1 
ATOM   997  C CG1 . ILE B 1 24  ? 22.125  -31.339 16.240  1.00 41.03  ? 266 ILE B CG1 1 
ATOM   998  C CG2 . ILE B 1 24  ? 19.648  -31.215 16.312  1.00 35.62  ? 266 ILE B CG2 1 
ATOM   999  C CD1 . ILE B 1 24  ? 22.223  -32.869 16.197  1.00 20.73  ? 266 ILE B CD1 1 
ATOM   1000 N N   . LYS B 1 25  ? 19.335  -28.695 18.870  1.00 24.84  ? 267 LYS B N   1 
ATOM   1001 C CA  . LYS B 1 25  ? 18.062  -28.103 19.291  1.00 22.24  ? 267 LYS B CA  1 
ATOM   1002 C C   . LYS B 1 25  ? 18.031  -26.623 18.885  1.00 28.90  ? 267 LYS B C   1 
ATOM   1003 O O   . LYS B 1 25  ? 17.039  -26.127 18.341  1.00 25.18  ? 267 LYS B O   1 
ATOM   1004 C CB  . LYS B 1 25  ? 17.866  -28.233 20.802  1.00 33.33  ? 267 LYS B CB  1 
ATOM   1005 C CG  . LYS B 1 25  ? 16.512  -27.760 21.218  1.00 27.58  ? 267 LYS B CG  1 
ATOM   1006 C CD  . LYS B 1 25  ? 16.250  -28.103 22.629  1.00 30.12  ? 267 LYS B CD  1 
ATOM   1007 C CE  . LYS B 1 25  ? 14.965  -27.474 23.065  1.00 43.42  ? 267 LYS B CE  1 
ATOM   1008 N NZ  . LYS B 1 25  ? 14.729  -27.866 24.475  1.00 64.67  ? 267 LYS B NZ  1 
ATOM   1009 N N   . GLN B 1 26  ? 19.138  -25.920 19.128  1.00 20.34  ? 268 GLN B N   1 
ATOM   1010 C CA  . GLN B 1 26  ? 19.226  -24.514 18.766  1.00 26.06  ? 268 GLN B CA  1 
ATOM   1011 C C   . GLN B 1 26  ? 18.977  -24.386 17.262  1.00 35.46  ? 268 GLN B C   1 
ATOM   1012 O O   . GLN B 1 26  ? 18.236  -23.494 16.830  1.00 39.06  ? 268 GLN B O   1 
ATOM   1013 C CB  . GLN B 1 26  ? 20.615  -23.959 19.140  1.00 25.94  ? 268 GLN B CB  1 
ATOM   1014 C CG  . GLN B 1 26  ? 20.756  -22.433 19.016  1.00 36.76  ? 268 GLN B CG  1 
ATOM   1015 C CD  . GLN B 1 26  ? 22.130  -21.895 19.444  1.00 36.49  ? 268 GLN B CD  1 
ATOM   1016 O OE1 . GLN B 1 26  ? 22.407  -20.707 19.306  1.00 40.19  ? 268 GLN B OE1 1 
ATOM   1017 N NE2 . GLN B 1 26  ? 22.983  -22.767 19.966  1.00 31.80  ? 268 GLN B NE2 1 
ATOM   1018 N N   . LYS B 1 27  ? 19.570  -25.284 16.471  1.00 34.63  ? 269 LYS B N   1 
ATOM   1019 C CA  . LYS B 1 27  ? 19.378  -25.213 15.021  1.00 30.12  ? 269 LYS B CA  1 
ATOM   1020 C C   . LYS B 1 27  ? 17.942  -25.439 14.652  1.00 45.13  ? 269 LYS B C   1 
ATOM   1021 O O   . LYS B 1 27  ? 17.412  -24.703 13.828  1.00 33.07  ? 269 LYS B O   1 
ATOM   1022 C CB  . LYS B 1 27  ? 20.280  -26.184 14.254  1.00 35.37  ? 269 LYS B CB  1 
ATOM   1023 C CG  . LYS B 1 27  ? 21.493  -25.459 13.733  1.00 40.33  ? 269 LYS B CG  1 
ATOM   1024 C CD  . LYS B 1 27  ? 22.327  -26.283 12.797  1.00 52.03  ? 269 LYS B CD  1 
ATOM   1025 C CE  . LYS B 1 27  ? 21.557  -26.762 11.586  1.00 48.08  ? 269 LYS B CE  1 
ATOM   1026 N NZ  . LYS B 1 27  ? 22.498  -27.524 10.719  1.00 53.34  ? 269 LYS B NZ  1 
ATOM   1027 N N   . ASP B 1 28  ? 17.301  -26.438 15.255  1.00 34.42  ? 270 ASP B N   1 
ATOM   1028 C CA  . ASP B 1 28  ? 15.893  -26.669 14.964  1.00 50.12  ? 270 ASP B CA  1 
ATOM   1029 C C   . ASP B 1 28  ? 15.113  -25.388 15.179  1.00 46.88  ? 270 ASP B C   1 
ATOM   1030 O O   . ASP B 1 28  ? 14.330  -24.969 14.331  1.00 36.52  ? 270 ASP B O   1 
ATOM   1031 C CB  . ASP B 1 28  ? 15.317  -27.772 15.869  1.00 31.64  ? 270 ASP B CB  1 
ATOM   1032 C CG  . ASP B 1 28  ? 15.896  -29.119 15.548  1.00 48.85  ? 270 ASP B CG  1 
ATOM   1033 O OD1 . ASP B 1 28  ? 16.556  -29.164 14.496  1.00 58.50  ? 270 ASP B OD1 1 
ATOM   1034 O OD2 . ASP B 1 28  ? 15.696  -30.094 16.311  1.00 38.91  ? 270 ASP B OD2 1 
ATOM   1035 N N   . GLN B 1 29  ? 15.331  -24.741 16.308  1.00 21.05  ? 271 GLN B N   1 
ATOM   1036 C CA  . GLN B 1 29  ? 14.591  -23.518 16.563  1.00 22.97  ? 271 GLN B CA  1 
ATOM   1037 C C   . GLN B 1 29  ? 14.888  -22.438 15.542  1.00 31.05  ? 271 GLN B C   1 
ATOM   1038 O O   . GLN B 1 29  ? 13.992  -21.687 15.144  1.00 36.19  ? 271 GLN B O   1 
ATOM   1039 C CB  . GLN B 1 29  ? 14.880  -23.037 17.969  1.00 29.93  ? 271 GLN B CB  1 
ATOM   1040 C CG  . GLN B 1 29  ? 14.650  -24.136 18.959  1.00 29.97  ? 271 GLN B CG  1 
ATOM   1041 C CD  . GLN B 1 29  ? 15.067  -23.734 20.341  1.00 50.77  ? 271 GLN B CD  1 
ATOM   1042 O OE1 . GLN B 1 29  ? 16.012  -22.963 20.509  1.00 53.67  ? 271 GLN B OE1 1 
ATOM   1043 N NE2 . GLN B 1 29  ? 14.382  -24.265 21.349  1.00 43.79  ? 271 GLN B NE2 1 
ATOM   1044 N N   . LEU B 1 30  ? 16.129  -22.361 15.084  1.00 34.12  ? 272 LEU B N   1 
ATOM   1045 C CA  . LEU B 1 30  ? 16.421  -21.337 14.099  1.00 32.83  ? 272 LEU B CA  1 
ATOM   1046 C C   . LEU B 1 30  ? 15.734  -21.685 12.804  1.00 40.63  ? 272 LEU B C   1 
ATOM   1047 O O   . LEU B 1 30  ? 15.137  -20.814 12.186  1.00 32.96  ? 272 LEU B O   1 
ATOM   1048 C CB  . LEU B 1 30  ? 17.922  -21.149 13.883  1.00 38.00  ? 272 LEU B CB  1 
ATOM   1049 C CG  . LEU B 1 30  ? 18.711  -20.625 15.091  1.00 35.12  ? 272 LEU B CG  1 
ATOM   1050 C CD1 . LEU B 1 30  ? 20.037  -20.202 14.556  1.00 34.28  ? 272 LEU B CD1 1 
ATOM   1051 C CD2 . LEU B 1 30  ? 18.055  -19.442 15.841  1.00 30.92  ? 272 LEU B CD2 1 
ATOM   1052 N N   . ASN B 1 31  ? 15.783  -22.949 12.393  1.00 35.94  ? 273 ASN B N   1 
ATOM   1053 C CA  . ASN B 1 31  ? 15.115  -23.318 11.158  1.00 37.87  ? 273 ASN B CA  1 
ATOM   1054 C C   . ASN B 1 31  ? 13.626  -23.015 11.171  1.00 40.38  ? 273 ASN B C   1 
ATOM   1055 O O   . ASN B 1 31  ? 13.088  -22.551 10.169  1.00 40.38  ? 273 ASN B O   1 
ATOM   1056 C CB  . ASN B 1 31  ? 15.366  -24.784 10.849  1.00 24.61  ? 273 ASN B CB  1 
ATOM   1057 C CG  . ASN B 1 31  ? 16.762  -25.018 10.365  1.00 28.21  ? 273 ASN B CG  1 
ATOM   1058 O OD1 . ASN B 1 31  ? 17.206  -24.384 9.402   1.00 44.09  ? 273 ASN B OD1 1 
ATOM   1059 N ND2 . ASN B 1 31  ? 17.476  -25.915 11.027  1.00 32.55  ? 273 ASN B ND2 1 
ATOM   1060 N N   . SER B 1 32  ? 12.959  -23.268 12.296  1.00 36.49  ? 274 SER B N   1 
ATOM   1061 C CA  . SER B 1 32  ? 11.529  -22.972 12.396  1.00 35.62  ? 274 SER B CA  1 
ATOM   1062 C C   . SER B 1 32  ? 11.314  -21.486 12.267  1.00 40.27  ? 274 SER B C   1 
ATOM   1063 O O   . SER B 1 32  ? 10.443  -21.020 11.536  1.00 51.37  ? 274 SER B O   1 
ATOM   1064 C CB  . SER B 1 32  ? 10.964  -23.445 13.727  1.00 29.50  ? 274 SER B CB  1 
ATOM   1065 O OG  . SER B 1 32  ? 10.598  -24.802 13.606  1.00 45.32  ? 274 SER B OG  1 
ATOM   1066 N N   . LEU B 1 33  ? 12.121  -20.744 12.997  1.00 40.99  ? 275 LEU B N   1 
ATOM   1067 C CA  . LEU B 1 33  ? 12.055  -19.309 12.936  1.00 37.08  ? 275 LEU B CA  1 
ATOM   1068 C C   . LEU B 1 33  ? 12.137  -18.879 11.471  1.00 39.23  ? 275 LEU B C   1 
ATOM   1069 O O   . LEU B 1 33  ? 11.300  -18.149 10.963  1.00 36.99  ? 275 LEU B O   1 
ATOM   1070 C CB  . LEU B 1 33  ? 13.225  -18.729 13.717  1.00 36.10  ? 275 LEU B CB  1 
ATOM   1071 C CG  . LEU B 1 33  ? 12.919  -17.293 14.097  1.00 53.48  ? 275 LEU B CG  1 
ATOM   1072 C CD1 . LEU B 1 33  ? 11.442  -17.245 14.441  1.00 54.28  ? 275 LEU B CD1 1 
ATOM   1073 C CD2 . LEU B 1 33  ? 13.815  -16.826 15.256  1.00 46.00  ? 275 LEU B CD2 1 
ATOM   1074 N N   . LEU B 1 34  ? 13.168  -19.368 10.809  1.00 33.24  ? 276 LEU B N   1 
ATOM   1075 C CA  . LEU B 1 34  ? 13.444  -19.103 9.410   1.00 40.49  ? 276 LEU B CA  1 
ATOM   1076 C C   . LEU B 1 34  ? 12.227  -19.327 8.493   1.00 43.96  ? 276 LEU B C   1 
ATOM   1077 O O   . LEU B 1 34  ? 11.764  -18.424 7.795   1.00 35.10  ? 276 LEU B O   1 
ATOM   1078 C CB  . LEU B 1 34  ? 14.580  -20.042 9.035   1.00 39.45  ? 276 LEU B CB  1 
ATOM   1079 C CG  . LEU B 1 34  ? 15.404  -20.006 7.752   1.00 63.00  ? 276 LEU B CG  1 
ATOM   1080 C CD1 . LEU B 1 34  ? 16.374  -18.823 7.856   1.00 53.28  ? 276 LEU B CD1 1 
ATOM   1081 C CD2 . LEU B 1 34  ? 16.161  -21.352 7.552   1.00 58.65  ? 276 LEU B CD2 1 
ATOM   1082 N N   . ALA B 1 35  ? 11.726  -20.556 8.483   1.00 48.34  ? 277 ALA B N   1 
ATOM   1083 C CA  . ALA B 1 35  ? 10.576  -20.895 7.663   1.00 43.09  ? 277 ALA B CA  1 
ATOM   1084 C C   . ALA B 1 35  ? 9.441   -19.890 7.926   1.00 47.05  ? 277 ALA B C   1 
ATOM   1085 O O   . ALA B 1 35  ? 8.884   -19.270 7.014   1.00 32.85  ? 277 ALA B O   1 
ATOM   1086 C CB  . ALA B 1 35  ? 10.141  -22.322 7.981   1.00 58.72  ? 277 ALA B CB  1 
ATOM   1087 N N   . SER B 1 36  ? 9.121   -19.716 9.198   1.00 37.69  ? 278 SER B N   1 
ATOM   1088 C CA  . SER B 1 36  ? 8.091   -18.790 9.614   1.00 21.51  ? 278 SER B CA  1 
ATOM   1089 C C   . SER B 1 36  ? 8.316   -17.386 9.028   1.00 23.78  ? 278 SER B C   1 
ATOM   1090 O O   . SER B 1 36  ? 7.471   -16.880 8.300   1.00 44.21  ? 278 SER B O   1 
ATOM   1091 C CB  . SER B 1 36  ? 8.091   -18.748 11.132  1.00 17.63  ? 278 SER B CB  1 
ATOM   1092 O OG  . SER B 1 36  ? 7.290   -17.683 11.580  1.00 48.44  ? 278 SER B OG  1 
ATOM   1093 N N   . LEU B 1 37  ? 9.450   -16.769 9.340   1.00 32.93  ? 279 LEU B N   1 
ATOM   1094 C CA  . LEU B 1 37  ? 9.762   -15.445 8.804   1.00 32.27  ? 279 LEU B CA  1 
ATOM   1095 C C   . LEU B 1 37  ? 9.634   -15.353 7.298   1.00 44.56  ? 279 LEU B C   1 
ATOM   1096 O O   . LEU B 1 37  ? 9.206   -14.335 6.781   1.00 46.23  ? 279 LEU B O   1 
ATOM   1097 C CB  . LEU B 1 37  ? 11.170  -15.028 9.185   1.00 26.56  ? 279 LEU B CB  1 
ATOM   1098 C CG  . LEU B 1 37  ? 11.234  -14.483 10.601  1.00 31.84  ? 279 LEU B CG  1 
ATOM   1099 C CD1 . LEU B 1 37  ? 12.343  -13.514 10.631  1.00 29.58  ? 279 LEU B CD1 1 
ATOM   1100 C CD2 . LEU B 1 37  ? 9.972   -13.740 10.983  1.00 53.18  ? 279 LEU B CD2 1 
ATOM   1101 N N   . GLU B 1 38  ? 10.041  -16.409 6.597   1.00 43.79  ? 280 GLU B N   1 
ATOM   1102 C CA  . GLU B 1 38  ? 9.957   -16.454 5.135   1.00 45.99  ? 280 GLU B CA  1 
ATOM   1103 C C   . GLU B 1 38  ? 8.522   -16.394 4.656   1.00 47.31  ? 280 GLU B C   1 
ATOM   1104 O O   . GLU B 1 38  ? 8.184   -15.710 3.694   1.00 37.04  ? 280 GLU B O   1 
ATOM   1105 C CB  . GLU B 1 38  ? 10.543  -17.751 4.622   1.00 63.52  ? 280 GLU B CB  1 
ATOM   1106 C CG  . GLU B 1 38  ? 12.014  -17.750 4.429   1.00 65.76  ? 280 GLU B CG  1 
ATOM   1107 C CD  . GLU B 1 38  ? 12.396  -16.892 3.263   1.00 67.91  ? 280 GLU B CD  1 
ATOM   1108 O OE1 . GLU B 1 38  ? 12.953  -15.801 3.486   1.00 79.89  ? 280 GLU B OE1 1 
ATOM   1109 O OE2 . GLU B 1 38  ? 12.101  -17.297 2.127   1.00 90.82  ? 280 GLU B OE2 1 
ATOM   1110 N N   . SER B 1 39  ? 7.693   -17.194 5.303   1.00 46.00  ? 281 SER B N   1 
ATOM   1111 C CA  . SER B 1 39  ? 6.285   -17.282 4.974   1.00 46.69  ? 281 SER B CA  1 
ATOM   1112 C C   . SER B 1 39  ? 5.652   -15.909 5.215   1.00 40.84  ? 281 SER B C   1 
ATOM   1113 O O   . SER B 1 39  ? 4.984   -15.354 4.336   1.00 37.65  ? 281 SER B O   1 
ATOM   1114 C CB  . SER B 1 39  ? 5.658   -18.363 5.855   1.00 48.63  ? 281 SER B CB  1 
ATOM   1115 O OG  . SER B 1 39  ? 4.316   -18.627 5.511   1.00 62.20  ? 281 SER B OG  1 
ATOM   1116 N N   . GLU B 1 40  ? 5.896   -15.363 6.408   1.00 35.62  ? 282 GLU B N   1 
ATOM   1117 C CA  . GLU B 1 40  ? 5.405   -14.041 6.818   1.00 45.18  ? 282 GLU B CA  1 
ATOM   1118 C C   . GLU B 1 40  ? 5.788   -13.011 5.785   1.00 38.97  ? 282 GLU B C   1 
ATOM   1119 O O   . GLU B 1 40  ? 4.962   -12.206 5.372   1.00 57.95  ? 282 GLU B O   1 
ATOM   1120 C CB  . GLU B 1 40  ? 6.062   -13.607 8.122   1.00 43.06  ? 282 GLU B CB  1 
ATOM   1121 C CG  . GLU B 1 40  ? 5.177   -13.563 9.329   1.00 57.52  ? 282 GLU B CG  1 
ATOM   1122 C CD  . GLU B 1 40  ? 5.944   -13.045 10.531  1.00 85.76  ? 282 GLU B CD  1 
ATOM   1123 O OE1 . GLU B 1 40  ? 6.267   -11.838 10.536  1.00 77.49  ? 282 GLU B OE1 1 
ATOM   1124 O OE2 . GLU B 1 40  ? 6.239   -13.839 11.451  1.00 89.10  ? 282 GLU B OE2 1 
ATOM   1125 N N   . GLY B 1 41  ? 7.060   -13.019 5.409   1.00 45.68  ? 283 GLY B N   1 
ATOM   1126 C CA  . GLY B 1 41  ? 7.542   -12.069 4.424   1.00 50.26  ? 283 GLY B CA  1 
ATOM   1127 C C   . GLY B 1 41  ? 6.885   -12.229 3.069   1.00 44.44  ? 283 GLY B C   1 
ATOM   1128 O O   . GLY B 1 41  ? 6.654   -11.242 2.377   1.00 46.46  ? 283 GLY B O   1 
ATOM   1129 N N   . ALA B 1 42  ? 6.584   -13.465 2.674   1.00 48.57  ? 284 ALA B N   1 
ATOM   1130 C CA  . ALA B 1 42  ? 5.938   -13.695 1.386   1.00 40.55  ? 284 ALA B CA  1 
ATOM   1131 C C   . ALA B 1 42  ? 4.582   -13.014 1.438   1.00 44.57  ? 284 ALA B C   1 
ATOM   1132 O O   . ALA B 1 42  ? 4.217   -12.246 0.546   1.00 39.21  ? 284 ALA B O   1 
ATOM   1133 C CB  . ALA B 1 42  ? 5.779   -15.203 1.124   1.00 29.65  ? 284 ALA B CB  1 
ATOM   1134 N N   . GLU B 1 43  ? 3.840   -13.287 2.504   1.00 43.51  ? 285 GLU B N   1 
ATOM   1135 C CA  . GLU B 1 43  ? 2.544   -12.671 2.643   1.00 31.76  ? 285 GLU B CA  1 
ATOM   1136 C C   . GLU B 1 43  ? 2.650   -11.152 2.626   1.00 37.62  ? 285 GLU B C   1 
ATOM   1137 O O   . GLU B 1 43  ? 1.948   -10.501 1.848   1.00 47.13  ? 285 GLU B O   1 
ATOM   1138 C CB  . GLU B 1 43  ? 1.829   -13.165 3.910   1.00 35.24  ? 285 GLU B CB  1 
ATOM   1139 C CG  . GLU B 1 43  ? 0.989   -14.414 3.622   1.00 55.11  ? 285 GLU B CG  1 
ATOM   1140 C CD  . GLU B 1 43  ? 0.188   -14.306 2.301   1.00 98.51  ? 285 GLU B CD  1 
ATOM   1141 O OE1 . GLU B 1 43  ? -0.603  -13.346 2.143   1.00 93.93  ? 285 GLU B OE1 1 
ATOM   1142 O OE2 . GLU B 1 43  ? 0.355   -15.189 1.427   1.00 90.58  ? 285 GLU B OE2 1 
ATOM   1143 N N   . ARG B 1 44  ? 3.549   -10.570 3.416   1.00 35.92  ? 286 ARG B N   1 
ATOM   1144 C CA  . ARG B 1 44  ? 3.627   -9.115  3.410   1.00 48.31  ? 286 ARG B CA  1 
ATOM   1145 C C   . ARG B 1 44  ? 4.063   -8.495  2.106   1.00 48.68  ? 286 ARG B C   1 
ATOM   1146 O O   . ARG B 1 44  ? 3.573   -7.431  1.770   1.00 56.79  ? 286 ARG B O   1 
ATOM   1147 C CB  . ARG B 1 44  ? 4.532   -8.569  4.524   1.00 49.79  ? 286 ARG B CB  1 
ATOM   1148 C CG  . ARG B 1 44  ? 4.121   -8.953  5.949   1.00 70.24  ? 286 ARG B CG  1 
ATOM   1149 C CD  . ARG B 1 44  ? 2.627   -8.763  6.243   1.00 64.21  ? 286 ARG B CD  1 
ATOM   1150 N NE  . ARG B 1 44  ? 2.380   -7.679  7.190   1.00 72.80  ? 286 ARG B NE  1 
ATOM   1151 C CZ  . ARG B 1 44  ? 1.257   -6.967  7.238   1.00 69.73  ? 286 ARG B CZ  1 
ATOM   1152 N NH1 . ARG B 1 44  ? 1.122   -5.997  8.131   1.00 73.65  ? 286 ARG B NH1 1 
ATOM   1153 N NH2 . ARG B 1 44  ? 0.274   -7.221  6.383   1.00 60.68  ? 286 ARG B NH2 1 
ATOM   1154 N N   . GLU B 1 45  ? 4.971   -9.125  1.363   1.00 53.04  ? 287 GLU B N   1 
ATOM   1155 C CA  . GLU B 1 45  ? 5.380   -8.514  0.108   1.00 49.69  ? 287 GLU B CA  1 
ATOM   1156 C C   . GLU B 1 45  ? 4.236   -8.543  -0.870  1.00 47.26  ? 287 GLU B C   1 
ATOM   1157 O O   . GLU B 1 45  ? 4.108   -7.652  -1.703  1.00 40.94  ? 287 GLU B O   1 
ATOM   1158 C CB  . GLU B 1 45  ? 6.581   -9.227  -0.502  1.00 26.46  ? 287 GLU B CB  1 
ATOM   1159 C CG  . GLU B 1 45  ? 7.912   -8.776  0.065   1.00 57.56  ? 287 GLU B CG  1 
ATOM   1160 C CD  . GLU B 1 45  ? 8.208   -7.298  -0.179  1.00 61.24  ? 287 GLU B CD  1 
ATOM   1161 O OE1 . GLU B 1 45  ? 7.928   -6.789  -1.287  1.00 55.26  ? 287 GLU B OE1 1 
ATOM   1162 O OE2 . GLU B 1 45  ? 8.745   -6.645  0.736   1.00 74.04  ? 287 GLU B OE2 1 
ATOM   1163 N N   . LYS B 1 46  ? 3.399   -9.564  -0.774  1.00 36.84  ? 288 LYS B N   1 
ATOM   1164 C CA  . LYS B 1 46  ? 2.263   -9.651  -1.676  1.00 44.13  ? 288 LYS B CA  1 
ATOM   1165 C C   . LYS B 1 46  ? 1.312   -8.516  -1.319  1.00 54.85  ? 288 LYS B C   1 
ATOM   1166 O O   . LYS B 1 46  ? 0.854   -7.765  -2.179  1.00 50.14  ? 288 LYS B O   1 
ATOM   1167 C CB  . LYS B 1 46  ? 1.577   -11.010 -1.519  1.00 24.93  ? 288 LYS B CB  1 
ATOM   1168 C CG  . LYS B 1 46  ? 0.175   -11.067 -2.088  1.00 51.68  ? 288 LYS B CG  1 
ATOM   1169 C CD  . LYS B 1 46  ? -0.623  -12.161 -1.378  1.00 72.91  ? 288 LYS B CD  1 
ATOM   1170 C CE  . LYS B 1 46  ? -2.074  -12.270 -1.865  1.00 84.31  ? 288 LYS B CE  1 
ATOM   1171 N NZ  . LYS B 1 46  ? -2.863  -13.313 -1.123  1.00 76.90  ? 288 LYS B NZ  1 
ATOM   1172 N N   . ARG B 1 47  ? 1.049   -8.398  -0.027  1.00 38.66  ? 289 ARG B N   1 
ATOM   1173 C CA  . ARG B 1 47  ? 0.191   -7.365  0.516   1.00 50.58  ? 289 ARG B CA  1 
ATOM   1174 C C   . ARG B 1 47  ? 0.692   -5.956  0.149   1.00 38.48  ? 289 ARG B C   1 
ATOM   1175 O O   . ARG B 1 47  ? -0.101  -5.066  -0.166  1.00 55.52  ? 289 ARG B O   1 
ATOM   1176 C CB  . ARG B 1 47  ? 0.164   -7.548  2.023   1.00 46.65  ? 289 ARG B CB  1 
ATOM   1177 C CG  . ARG B 1 47  ? -0.004  -6.294  2.782   1.00 62.97  ? 289 ARG B CG  1 
ATOM   1178 C CD  . ARG B 1 47  ? -1.425  -5.860  2.708   1.00 77.95  ? 289 ARG B CD  1 
ATOM   1179 N NE  . ARG B 1 47  ? -1.831  -5.347  4.002   1.00 92.51  ? 289 ARG B NE  1 
ATOM   1180 C CZ  . ARG B 1 47  ? -2.987  -4.748  4.229   1.00 92.76  ? 289 ARG B CZ  1 
ATOM   1181 N NH1 . ARG B 1 47  ? -3.275  -4.313  5.447   1.00 94.10  ? 289 ARG B NH1 1 
ATOM   1182 N NH2 . ARG B 1 47  ? -3.853  -4.585  3.236   1.00 84.26  ? 289 ARG B NH2 1 
ATOM   1183 N N   . LEU B 1 48  ? 2.007   -5.770  0.206   1.00 54.88  ? 290 LEU B N   1 
ATOM   1184 C CA  . LEU B 1 48  ? 2.630   -4.488  -0.123  1.00 53.01  ? 290 LEU B CA  1 
ATOM   1185 C C   . LEU B 1 48  ? 2.403   -4.218  -1.595  1.00 52.16  ? 290 LEU B C   1 
ATOM   1186 O O   . LEU B 1 48  ? 1.958   -3.143  -1.967  1.00 60.12  ? 290 LEU B O   1 
ATOM   1187 C CB  . LEU B 1 48  ? 4.138   -4.518  0.147   1.00 47.95  ? 290 LEU B CB  1 
ATOM   1188 C CG  . LEU B 1 48  ? 4.793   -3.129  0.141   1.00 56.04  ? 290 LEU B CG  1 
ATOM   1189 C CD1 . LEU B 1 48  ? 4.511   -2.463  1.481   1.00 61.66  ? 290 LEU B CD1 1 
ATOM   1190 C CD2 . LEU B 1 48  ? 6.304   -3.218  -0.089  1.00 44.57  ? 290 LEU B CD2 1 
ATOM   1191 N N   . ARG B 1 49  ? 2.727   -5.186  -2.440  1.00 56.33  ? 291 ARG B N   1 
ATOM   1192 C CA  . ARG B 1 49  ? 2.506   -4.999  -3.864  1.00 56.08  ? 291 ARG B CA  1 
ATOM   1193 C C   . ARG B 1 49  ? 1.062   -4.548  -4.142  1.00 57.31  ? 291 ARG B C   1 
ATOM   1194 O O   . ARG B 1 49  ? 0.830   -3.624  -4.924  1.00 58.70  ? 291 ARG B O   1 
ATOM   1195 C CB  . ARG B 1 49  ? 2.841   -6.293  -4.609  1.00 49.53  ? 291 ARG B CB  1 
ATOM   1196 C CG  . ARG B 1 49  ? 4.303   -6.358  -5.010  1.00 74.14  ? 291 ARG B CG  1 
ATOM   1197 C CD  . ARG B 1 49  ? 4.618   -7.570  -5.878  1.00 92.10  ? 291 ARG B CD  1 
ATOM   1198 N NE  . ARG B 1 49  ? 4.649   -8.808  -5.105  1.00 103.10 ? 291 ARG B NE  1 
ATOM   1199 C CZ  . ARG B 1 49  ? 3.684   -9.724  -5.072  1.00 105.32 ? 291 ARG B CZ  1 
ATOM   1200 N NH1 . ARG B 1 49  ? 2.576   -9.567  -5.781  1.00 86.41  ? 291 ARG B NH1 1 
ATOM   1201 N NH2 . ARG B 1 49  ? 3.833   -10.795 -4.306  1.00 88.29  ? 291 ARG B NH2 1 
ATOM   1202 N N   . GLU B 1 50  ? 0.098   -5.182  -3.487  1.00 60.86  ? 292 GLU B N   1 
ATOM   1203 C CA  . GLU B 1 50  ? -1.305  -4.811  -3.667  1.00 54.35  ? 292 GLU B CA  1 
ATOM   1204 C C   . GLU B 1 50  ? -1.562  -3.374  -3.237  1.00 57.33  ? 292 GLU B C   1 
ATOM   1205 O O   . GLU B 1 50  ? -2.186  -2.607  -3.962  1.00 67.20  ? 292 GLU B O   1 
ATOM   1206 C CB  . GLU B 1 50  ? -2.203  -5.759  -2.883  1.00 48.69  ? 292 GLU B CB  1 
ATOM   1207 C CG  . GLU B 1 50  ? -2.129  -7.164  -3.431  1.00 54.51  ? 292 GLU B CG  1 
ATOM   1208 C CD  . GLU B 1 50  ? -2.873  -8.161  -2.583  1.00 84.95  ? 292 GLU B CD  1 
ATOM   1209 O OE1 . GLU B 1 50  ? -3.098  -7.852  -1.394  1.00 93.90  ? 292 GLU B OE1 1 
ATOM   1210 O OE2 . GLU B 1 50  ? -3.215  -9.248  -3.098  1.00 91.81  ? 292 GLU B OE2 1 
ATOM   1211 N N   . LEU B 1 51  ? -1.080  -3.009  -2.057  1.00 59.12  ? 293 LEU B N   1 
ATOM   1212 C CA  . LEU B 1 51  ? -1.245  -1.649  -1.572  1.00 56.39  ? 293 LEU B CA  1 
ATOM   1213 C C   . LEU B 1 51  ? -0.709  -0.634  -2.554  1.00 60.81  ? 293 LEU B C   1 
ATOM   1214 O O   . LEU B 1 51  ? -1.334  0.394   -2.787  1.00 65.33  ? 293 LEU B O   1 
ATOM   1215 C CB  . LEU B 1 51  ? -0.525  -1.476  -0.249  1.00 46.77  ? 293 LEU B CB  1 
ATOM   1216 C CG  . LEU B 1 51  ? -1.547  -1.447  0.868   1.00 51.68  ? 293 LEU B CG  1 
ATOM   1217 C CD1 . LEU B 1 51  ? -2.183  -0.095  0.781   1.00 60.14  ? 293 LEU B CD1 1 
ATOM   1218 C CD2 . LEU B 1 51  ? -2.595  -2.572  0.734   1.00 48.87  ? 293 LEU B CD2 1 
ATOM   1219 N N   . GLU B 1 52  ? 0.467   -0.917  -3.104  1.00 72.94  ? 294 GLU B N   1 
ATOM   1220 C CA  . GLU B 1 52  ? 1.100   -0.034  -4.071  1.00 71.33  ? 294 GLU B CA  1 
ATOM   1221 C C   . GLU B 1 52  ? 0.199   0.152   -5.282  1.00 66.59  ? 294 GLU B C   1 
ATOM   1222 O O   . GLU B 1 52  ? -0.094  1.277   -5.694  1.00 58.36  ? 294 GLU B O   1 
ATOM   1223 C CB  . GLU B 1 52  ? 2.462   -0.598  -4.491  1.00 65.97  ? 294 GLU B CB  1 
ATOM   1224 C CG  . GLU B 1 52  ? 3.582   -0.306  -3.486  1.00 92.01  ? 294 GLU B CG  1 
ATOM   1225 C CD  . GLU B 1 52  ? 4.964   -0.741  -3.955  1.00 94.60  ? 294 GLU B CD  1 
ATOM   1226 O OE1 . GLU B 1 52  ? 5.959   -0.415  -3.267  1.00 84.95  ? 294 GLU B OE1 1 
ATOM   1227 O OE2 . GLU B 1 52  ? 5.054   -1.409  -5.005  1.00 105.68 ? 294 GLU B OE2 1 
ATOM   1228 N N   . ALA B 1 53  ? -0.248  -0.947  -5.867  1.00 58.86  ? 295 ALA B N   1 
ATOM   1229 C CA  . ALA B 1 53  ? -1.135  -0.819  -7.007  1.00 62.15  ? 295 ALA B CA  1 
ATOM   1230 C C   . ALA B 1 53  ? -2.317  0.076   -6.610  1.00 60.71  ? 295 ALA B C   1 
ATOM   1231 O O   . ALA B 1 53  ? -2.594  1.068   -7.280  1.00 73.72  ? 295 ALA B O   1 
ATOM   1232 C CB  . ALA B 1 53  ? -1.622  -2.190  -7.465  1.00 51.76  ? 295 ALA B CB  1 
ATOM   1233 N N   . LYS B 1 54  ? -3.001  -0.250  -5.516  1.00 54.48  ? 296 LYS B N   1 
ATOM   1234 C CA  . LYS B 1 54  ? -4.151  0.558   -5.087  1.00 60.60  ? 296 LYS B CA  1 
ATOM   1235 C C   . LYS B 1 54  ? -3.840  2.042   -4.943  1.00 63.97  ? 296 LYS B C   1 
ATOM   1236 O O   . LYS B 1 54  ? -4.637  2.885   -5.344  1.00 65.37  ? 296 LYS B O   1 
ATOM   1237 C CB  . LYS B 1 54  ? -4.720  0.034   -3.767  1.00 52.14  ? 296 LYS B CB  1 
ATOM   1238 C CG  . LYS B 1 54  ? -6.116  -0.568  -3.879  1.00 52.92  ? 296 LYS B CG  1 
ATOM   1239 C CD  . LYS B 1 54  ? -7.117  0.440   -4.449  1.00 80.37  ? 296 LYS B CD  1 
ATOM   1240 C CE  . LYS B 1 54  ? -8.584  -0.053  -4.416  1.00 88.52  ? 296 LYS B CE  1 
ATOM   1241 N NZ  . LYS B 1 54  ? -9.349  0.254   -3.153  1.00 68.88  ? 296 LYS B NZ  1 
ATOM   1242 N N   . LEU B 1 55  ? -2.698  2.379   -4.365  1.00 55.52  ? 297 LEU B N   1 
ATOM   1243 C CA  . LEU B 1 55  ? -2.383  3.793   -4.221  1.00 48.62  ? 297 LEU B CA  1 
ATOM   1244 C C   . LEU B 1 55  ? -2.158  4.427   -5.590  1.00 62.74  ? 297 LEU B C   1 
ATOM   1245 O O   . LEU B 1 55  ? -2.450  5.604   -5.779  1.00 69.86  ? 297 LEU B O   1 
ATOM   1246 C CB  . LEU B 1 55  ? -1.136  3.991   -3.361  1.00 49.31  ? 297 LEU B CB  1 
ATOM   1247 C CG  . LEU B 1 55  ? -0.893  5.424   -2.878  1.00 64.85  ? 297 LEU B CG  1 
ATOM   1248 C CD1 . LEU B 1 55  ? -1.964  5.773   -1.868  1.00 63.79  ? 297 LEU B CD1 1 
ATOM   1249 C CD2 . LEU B 1 55  ? 0.477   5.567   -2.223  1.00 54.68  ? 297 LEU B CD2 1 
ATOM   1250 N N   . ASP B 1 56  ? -1.629  3.660   -6.546  1.00 65.81  ? 298 ASP B N   1 
ATOM   1251 C CA  . ASP B 1 56  ? -1.388  4.221   -7.874  1.00 67.50  ? 298 ASP B CA  1 
ATOM   1252 C C   . ASP B 1 56  ? -2.726  4.515   -8.493  1.00 64.12  ? 298 ASP B C   1 
ATOM   1253 O O   . ASP B 1 56  ? -2.978  5.629   -8.963  1.00 62.68  ? 298 ASP B O   1 
ATOM   1254 C CB  . ASP B 1 56  ? -0.650  3.249   -8.805  1.00 77.79  ? 298 ASP B CB  1 
ATOM   1255 C CG  . ASP B 1 56  ? 0.804   3.051   -8.428  1.00 98.43  ? 298 ASP B CG  1 
ATOM   1256 O OD1 . ASP B 1 56  ? 1.501   4.060   -8.193  1.00 91.40  ? 298 ASP B OD1 1 
ATOM   1257 O OD2 . ASP B 1 56  ? 1.238   1.877   -8.390  1.00 95.21  ? 298 ASP B OD2 1 
ATOM   1258 N N   . GLU B 1 57  ? -3.586  3.506   -8.492  1.00 63.21  ? 299 GLU B N   1 
ATOM   1259 C CA  . GLU B 1 57  ? -4.898  3.663   -9.086  1.00 69.21  ? 299 GLU B CA  1 
ATOM   1260 C C   . GLU B 1 57  ? -5.649  4.829   -8.480  1.00 66.23  ? 299 GLU B C   1 
ATOM   1261 O O   . GLU B 1 57  ? -6.019  5.777   -9.171  1.00 59.22  ? 299 GLU B O   1 
ATOM   1262 C CB  . GLU B 1 57  ? -5.737  2.393   -8.941  1.00 44.77  ? 299 GLU B CB  1 
ATOM   1263 C CG  . GLU B 1 57  ? -6.661  2.290   -10.134 1.00 71.86  ? 299 GLU B CG  1 
ATOM   1264 C CD  . GLU B 1 57  ? -7.987  1.626   -9.852  1.00 89.27  ? 299 GLU B CD  1 
ATOM   1265 O OE1 . GLU B 1 57  ? -8.883  1.762   -10.712 1.00 96.34  ? 299 GLU B OE1 1 
ATOM   1266 O OE2 . GLU B 1 57  ? -8.124  0.976   -8.793  1.00 87.07  ? 299 GLU B OE2 1 
ATOM   1267 N N   . THR B 1 58  ? -5.874  4.753   -7.178  1.00 60.86  ? 300 THR B N   1 
ATOM   1268 C CA  . THR B 1 58  ? -6.569  5.816   -6.490  1.00 60.20  ? 300 THR B CA  1 
ATOM   1269 C C   . THR B 1 58  ? -5.960  7.152   -6.885  1.00 63.02  ? 300 THR B C   1 
ATOM   1270 O O   . THR B 1 58  ? -6.685  8.074   -7.231  1.00 72.91  ? 300 THR B O   1 
ATOM   1271 C CB  . THR B 1 58  ? -6.522  5.573   -4.972  1.00 56.92  ? 300 THR B CB  1 
ATOM   1272 O OG1 . THR B 1 58  ? -7.358  4.447   -4.677  1.00 39.95  ? 300 THR B OG1 1 
ATOM   1273 C CG2 . THR B 1 58  ? -6.978  6.820   -4.171  1.00 36.73  ? 300 THR B CG2 1 
ATOM   1274 N N   . LEU B 1 59  ? -4.636  7.256   -6.870  1.00 57.64  ? 301 LEU B N   1 
ATOM   1275 C CA  . LEU B 1 59  ? -3.984  8.503   -7.257  1.00 49.30  ? 301 LEU B CA  1 
ATOM   1276 C C   . LEU B 1 59  ? -4.445  8.986   -8.637  1.00 60.73  ? 301 LEU B C   1 
ATOM   1277 O O   . LEU B 1 59  ? -4.773  10.159  -8.827  1.00 61.50  ? 301 LEU B O   1 
ATOM   1278 C CB  . LEU B 1 59  ? -2.468  8.316   -7.267  1.00 43.31  ? 301 LEU B CB  1 
ATOM   1279 C CG  . LEU B 1 59  ? -1.652  9.064   -6.208  1.00 40.20  ? 301 LEU B CG  1 
ATOM   1280 C CD1 . LEU B 1 59  ? -2.263  10.428  -6.021  1.00 60.48  ? 301 LEU B CD1 1 
ATOM   1281 C CD2 . LEU B 1 59  ? -1.640  8.323   -4.888  1.00 56.14  ? 301 LEU B CD2 1 
ATOM   1282 N N   . LYS B 1 60  ? -4.447  8.073   -9.603  1.00 50.93  ? 302 LYS B N   1 
ATOM   1283 C CA  . LYS B 1 60  ? -4.873  8.401   -10.953 1.00 57.22  ? 302 LYS B CA  1 
ATOM   1284 C C   . LYS B 1 60  ? -6.260  9.012   -10.846 1.00 68.95  ? 302 LYS B C   1 
ATOM   1285 O O   . LYS B 1 60  ? -6.481  10.165  -11.220 1.00 65.45  ? 302 LYS B O   1 
ATOM   1286 C CB  . LYS B 1 60  ? -4.908  7.132   -11.815 1.00 53.12  ? 302 LYS B CB  1 
ATOM   1287 C CG  . LYS B 1 60  ? -5.626  7.292   -13.138 1.00 75.35  ? 302 LYS B CG  1 
ATOM   1288 C CD  . LYS B 1 60  ? -5.325  6.118   -14.060 1.00 89.14  ? 302 LYS B CD  1 
ATOM   1289 C CE  . LYS B 1 60  ? -6.045  6.233   -15.399 1.00 94.14  ? 302 LYS B CE  1 
ATOM   1290 N NZ  . LYS B 1 60  ? -5.607  5.154   -16.335 1.00 82.20  ? 302 LYS B NZ  1 
ATOM   1291 N N   . ASN B 1 61  ? -7.186  8.242   -10.294 1.00 62.76  ? 303 ASN B N   1 
ATOM   1292 C CA  . ASN B 1 61  ? -8.551  8.710   -10.126 1.00 43.50  ? 303 ASN B CA  1 
ATOM   1293 C C   . ASN B 1 61  ? -8.680  10.052  -9.461  1.00 50.52  ? 303 ASN B C   1 
ATOM   1294 O O   . ASN B 1 61  ? -9.457  10.887  -9.916  1.00 62.20  ? 303 ASN B O   1 
ATOM   1295 C CB  . ASN B 1 61  ? -9.345  7.690   -9.338  1.00 50.68  ? 303 ASN B CB  1 
ATOM   1296 C CG  . ASN B 1 61  ? -9.412  6.382   -10.046 1.00 67.86  ? 303 ASN B CG  1 
ATOM   1297 O OD1 . ASN B 1 61  ? -9.223  6.325   -11.265 1.00 52.40  ? 303 ASN B OD1 1 
ATOM   1298 N ND2 . ASN B 1 61  ? -9.688  5.317   -9.307  1.00 53.41  ? 303 ASN B ND2 1 
ATOM   1299 N N   . LEU B 1 62  ? -7.941  10.268  -8.388  1.00 33.01  ? 304 LEU B N   1 
ATOM   1300 C CA  . LEU B 1 62  ? -8.044  11.555  -7.729  1.00 37.85  ? 304 LEU B CA  1 
ATOM   1301 C C   . LEU B 1 62  ? -7.706  12.637  -8.731  1.00 34.94  ? 304 LEU B C   1 
ATOM   1302 O O   . LEU B 1 62  ? -8.358  13.667  -8.774  1.00 65.66  ? 304 LEU B O   1 
ATOM   1303 C CB  . LEU B 1 62  ? -7.079  11.631  -6.560  1.00 26.95  ? 304 LEU B CB  1 
ATOM   1304 C CG  . LEU B 1 62  ? -7.192  12.942  -5.794  1.00 28.32  ? 304 LEU B CG  1 
ATOM   1305 C CD1 . LEU B 1 62  ? -8.625  13.157  -5.394  1.00 46.16  ? 304 LEU B CD1 1 
ATOM   1306 C CD2 . LEU B 1 62  ? -6.322  12.882  -4.565  1.00 32.01  ? 304 LEU B CD2 1 
ATOM   1307 N N   . GLU B 1 63  ? -6.698  12.379  -9.553  1.00 57.15  ? 305 GLU B N   1 
ATOM   1308 C CA  . GLU B 1 63  ? -6.274  13.353  -10.543 1.00 69.18  ? 305 GLU B CA  1 
ATOM   1309 C C   . GLU B 1 63  ? -7.351  13.638  -11.586 1.00 63.39  ? 305 GLU B C   1 
ATOM   1310 O O   . GLU B 1 63  ? -7.709  14.791  -11.844 1.00 62.68  ? 305 GLU B O   1 
ATOM   1311 C CB  . GLU B 1 63  ? -4.989  12.884  -11.223 1.00 81.90  ? 305 GLU B CB  1 
ATOM   1312 C CG  . GLU B 1 63  ? -4.254  14.029  -11.849 1.00 97.63  ? 305 GLU B CG  1 
ATOM   1313 C CD  . GLU B 1 63  ? -4.371  15.274  -10.992 1.00 114.17 ? 305 GLU B CD  1 
ATOM   1314 O OE1 . GLU B 1 63  ? -3.817  15.286  -9.869  1.00 104.81 ? 305 GLU B OE1 1 
ATOM   1315 O OE2 . GLU B 1 63  ? -5.042  16.226  -11.441 1.00 119.23 ? 305 GLU B OE2 1 
ATOM   1316 N N   . LEU B 1 64  ? -7.858  12.575  -12.193 1.00 46.84  ? 306 LEU B N   1 
ATOM   1317 C CA  . LEU B 1 64  ? -8.909  12.693  -13.192 1.00 57.55  ? 306 LEU B CA  1 
ATOM   1318 C C   . LEU B 1 64  ? -10.065 13.498  -12.608 1.00 59.98  ? 306 LEU B C   1 
ATOM   1319 O O   . LEU B 1 64  ? -10.664 14.353  -13.276 1.00 55.51  ? 306 LEU B O   1 
ATOM   1320 C CB  . LEU B 1 64  ? -9.388  11.293  -13.581 1.00 44.97  ? 306 LEU B CB  1 
ATOM   1321 C CG  . LEU B 1 64  ? -9.014  10.744  -14.961 1.00 54.70  ? 306 LEU B CG  1 
ATOM   1322 C CD1 . LEU B 1 64  ? -7.587  11.115  -15.267 1.00 51.70  ? 306 LEU B CD1 1 
ATOM   1323 C CD2 . LEU B 1 64  ? -9.212  9.229   -15.007 1.00 47.77  ? 306 LEU B CD2 1 
ATOM   1324 N N   . GLU B 1 65  ? -10.368 13.249  -11.347 1.00 57.86  ? 307 GLU B N   1 
ATOM   1325 C CA  . GLU B 1 65  ? -11.492 13.942  -10.767 1.00 51.42  ? 307 GLU B CA  1 
ATOM   1326 C C   . GLU B 1 65  ? -11.199 15.406  -10.512 1.00 50.87  ? 307 GLU B C   1 
ATOM   1327 O O   . GLU B 1 65  ? -12.108 16.227  -10.574 1.00 52.27  ? 307 GLU B O   1 
ATOM   1328 C CB  . GLU B 1 65  ? -11.978 13.225  -9.505  1.00 57.74  ? 307 GLU B CB  1 
ATOM   1329 C CG  . GLU B 1 65  ? -13.523 13.218  -9.386  1.00 67.68  ? 307 GLU B CG  1 
ATOM   1330 C CD  . GLU B 1 65  ? -14.194 11.848  -9.627  1.00 73.90  ? 307 GLU B CD  1 
ATOM   1331 O OE1 . GLU B 1 65  ? -15.156 11.783  -10.426 1.00 53.34  ? 307 GLU B OE1 1 
ATOM   1332 O OE2 . GLU B 1 65  ? -13.786 10.843  -9.007  1.00 80.75  ? 307 GLU B OE2 1 
ATOM   1333 N N   . LYS B 1 66  ? -9.952  15.757  -10.238 1.00 41.52  ? 308 LYS B N   1 
ATOM   1334 C CA  . LYS B 1 66  ? -9.656  17.170  -10.030 1.00 51.06  ? 308 LYS B CA  1 
ATOM   1335 C C   . LYS B 1 66  ? -9.830  17.914  -11.358 1.00 51.18  ? 308 LYS B C   1 
ATOM   1336 O O   . LYS B 1 66  ? -10.393 19.006  -11.400 1.00 51.66  ? 308 LYS B O   1 
ATOM   1337 C CB  . LYS B 1 66  ? -8.244  17.354  -9.509  1.00 48.82  ? 308 LYS B CB  1 
ATOM   1338 C CG  . LYS B 1 66  ? -8.178  17.931  -8.128  1.00 51.26  ? 308 LYS B CG  1 
ATOM   1339 C CD  . LYS B 1 66  ? -7.428  16.964  -7.248  1.00 58.37  ? 308 LYS B CD  1 
ATOM   1340 C CE  . LYS B 1 66  ? -6.612  17.672  -6.181  1.00 69.12  ? 308 LYS B CE  1 
ATOM   1341 N NZ  . LYS B 1 66  ? -5.618  16.747  -5.551  1.00 66.07  ? 308 LYS B NZ  1 
ATOM   1342 N N   . LEU B 1 67  ? -9.338  17.333  -12.447 1.00 43.27  ? 309 LEU B N   1 
ATOM   1343 C CA  . LEU B 1 67  ? -9.512  17.972  -13.751 1.00 50.55  ? 309 LEU B CA  1 
ATOM   1344 C C   . LEU B 1 67  ? -10.989 18.203  -13.988 1.00 47.41  ? 309 LEU B C   1 
ATOM   1345 O O   . LEU B 1 67  ? -11.429 19.323  -14.260 1.00 48.25  ? 309 LEU B O   1 
ATOM   1346 C CB  . LEU B 1 67  ? -9.026  17.097  -14.897 1.00 47.88  ? 309 LEU B CB  1 
ATOM   1347 C CG  . LEU B 1 67  ? -7.566  17.045  -15.329 1.00 51.34  ? 309 LEU B CG  1 
ATOM   1348 C CD1 . LEU B 1 67  ? -6.737  18.065  -14.535 1.00 51.19  ? 309 LEU B CD1 1 
ATOM   1349 C CD2 . LEU B 1 67  ? -7.069  15.604  -15.142 1.00 57.98  ? 309 LEU B CD2 1 
ATOM   1350 N N   . ALA B 1 68  ? -11.748 17.119  -13.924 1.00 47.01  ? 310 ALA B N   1 
ATOM   1351 C CA  . ALA B 1 68  ? -13.185 17.177  -14.148 1.00 41.87  ? 310 ALA B CA  1 
ATOM   1352 C C   . ALA B 1 68  ? -13.837 18.285  -13.341 1.00 44.79  ? 310 ALA B C   1 
ATOM   1353 O O   . ALA B 1 68  ? -14.669 19.037  -13.854 1.00 45.20  ? 310 ALA B O   1 
ATOM   1354 C CB  . ALA B 1 68  ? -13.813 15.840  -13.793 1.00 27.29  ? 310 ALA B CB  1 
ATOM   1355 N N   . ARG B 1 69  ? -13.459 18.378  -12.069 1.00 33.34  ? 311 ARG B N   1 
ATOM   1356 C CA  . ARG B 1 69  ? -14.023 19.404  -11.199 1.00 39.57  ? 311 ARG B CA  1 
ATOM   1357 C C   . ARG B 1 69  ? -13.705 20.793  -11.696 1.00 48.37  ? 311 ARG B C   1 
ATOM   1358 O O   . ARG B 1 69  ? -14.562 21.665  -11.726 1.00 55.96  ? 311 ARG B O   1 
ATOM   1359 C CB  . ARG B 1 69  ? -13.510 19.279  -9.757  1.00 27.17  ? 311 ARG B CB  1 
ATOM   1360 C CG  . ARG B 1 69  ? -13.819 20.536  -8.906  1.00 29.53  ? 311 ARG B CG  1 
ATOM   1361 C CD  . ARG B 1 69  ? -13.334 20.445  -7.435  1.00 34.63  ? 311 ARG B CD  1 
ATOM   1362 N NE  . ARG B 1 69  ? -13.990 21.448  -6.583  1.00 52.42  ? 311 ARG B NE  1 
ATOM   1363 C CZ  . ARG B 1 69  ? -14.023 21.455  -5.244  1.00 60.54  ? 311 ARG B CZ  1 
ATOM   1364 N NH1 . ARG B 1 69  ? -13.428 20.508  -4.534  1.00 50.24  ? 311 ARG B NH1 1 
ATOM   1365 N NH2 . ARG B 1 69  ? -14.688 22.414  -4.606  1.00 48.50  ? 311 ARG B NH2 1 
ATOM   1366 N N   . MET B 1 70  ? -12.458 21.010  -12.077 1.00 42.79  ? 312 MET B N   1 
ATOM   1367 C CA  . MET B 1 70  ? -12.067 22.327  -12.534 1.00 43.49  ? 312 MET B CA  1 
ATOM   1368 C C   . MET B 1 70  ? -12.800 22.722  -13.807 1.00 41.10  ? 312 MET B C   1 
ATOM   1369 O O   . MET B 1 70  ? -13.237 23.866  -13.981 1.00 37.22  ? 312 MET B O   1 
ATOM   1370 C CB  . MET B 1 70  ? -10.556 22.350  -12.751 1.00 63.44  ? 312 MET B CB  1 
ATOM   1371 C CG  . MET B 1 70  ? -9.738  21.975  -11.505 1.00 76.07  ? 312 MET B CG  1 
ATOM   1372 S SD  . MET B 1 70  ? -8.010  22.581  -11.567 1.00 83.45  ? 312 MET B SD  1 
ATOM   1373 C CE  . MET B 1 70  ? -7.118  21.586  -10.133 1.00 67.59  ? 312 MET B CE  1 
ATOM   1374 N N   . GLU B 1 71  ? -12.930 21.755  -14.695 1.00 33.09  ? 313 GLU B N   1 
ATOM   1375 C CA  . GLU B 1 71  ? -13.581 21.977  -15.963 1.00 28.33  ? 313 GLU B CA  1 
ATOM   1376 C C   . GLU B 1 71  ? -15.022 22.396  -15.665 1.00 42.94  ? 313 GLU B C   1 
ATOM   1377 O O   . GLU B 1 71  ? -15.546 23.340  -16.252 1.00 39.01  ? 313 GLU B O   1 
ATOM   1378 C CB  . GLU B 1 71  ? -13.455 20.678  -16.774 1.00 43.79  ? 313 GLU B CB  1 
ATOM   1379 C CG  . GLU B 1 71  ? -14.074 20.649  -18.155 1.00 64.86  ? 313 GLU B CG  1 
ATOM   1380 C CD  . GLU B 1 71  ? -13.897 21.940  -18.916 1.00 71.50  ? 313 GLU B CD  1 
ATOM   1381 O OE1 . GLU B 1 71  ? -12.897 22.647  -18.670 1.00 87.18  ? 313 GLU B OE1 1 
ATOM   1382 O OE2 . GLU B 1 71  ? -14.759 22.241  -19.767 1.00 82.33  ? 313 GLU B OE2 1 
ATOM   1383 N N   . LEU B 1 72  ? -15.646 21.728  -14.704 1.00 40.36  ? 314 LEU B N   1 
ATOM   1384 C CA  . LEU B 1 72  ? -17.001 22.078  -14.356 1.00 33.28  ? 314 LEU B CA  1 
ATOM   1385 C C   . LEU B 1 72  ? -17.096 23.445  -13.674 1.00 28.60  ? 314 LEU B C   1 
ATOM   1386 O O   . LEU B 1 72  ? -18.024 24.199  -13.958 1.00 22.72  ? 314 LEU B O   1 
ATOM   1387 C CB  . LEU B 1 72  ? -17.602 20.987  -13.480 1.00 36.62  ? 314 LEU B CB  1 
ATOM   1388 C CG  . LEU B 1 72  ? -17.781 19.665  -14.224 1.00 28.86  ? 314 LEU B CG  1 
ATOM   1389 C CD1 . LEU B 1 72  ? -18.046 18.568  -13.206 1.00 29.49  ? 314 LEU B CD1 1 
ATOM   1390 C CD2 . LEU B 1 72  ? -18.932 19.761  -15.232 1.00 24.05  ? 314 LEU B CD2 1 
ATOM   1391 N N   . GLU B 1 73  ? -16.165 23.802  -12.799 1.00 21.68  ? 315 GLU B N   1 
ATOM   1392 C CA  . GLU B 1 73  ? -16.289 25.125  -12.173 1.00 29.71  ? 315 GLU B CA  1 
ATOM   1393 C C   . GLU B 1 73  ? -16.282 26.199  -13.255 1.00 29.67  ? 315 GLU B C   1 
ATOM   1394 O O   . GLU B 1 73  ? -17.013 27.183  -13.181 1.00 40.97  ? 315 GLU B O   1 
ATOM   1395 C CB  . GLU B 1 73  ? -15.164 25.360  -11.160 1.00 34.25  ? 315 GLU B CB  1 
ATOM   1396 C CG  . GLU B 1 73  ? -15.265 24.466  -9.923  1.00 50.87  ? 315 GLU B CG  1 
ATOM   1397 C CD  . GLU B 1 73  ? -14.296 24.850  -8.809  1.00 61.06  ? 315 GLU B CD  1 
ATOM   1398 O OE1 . GLU B 1 73  ? -14.129 24.042  -7.871  1.00 55.98  ? 315 GLU B OE1 1 
ATOM   1399 O OE2 . GLU B 1 73  ? -13.708 25.954  -8.857  1.00 52.44  ? 315 GLU B OE2 1 
ATOM   1400 N N   . ALA B 1 74  ? -15.464 25.980  -14.277 1.00 46.99  ? 316 ALA B N   1 
ATOM   1401 C CA  . ALA B 1 74  ? -15.365 26.898  -15.399 1.00 35.96  ? 316 ALA B CA  1 
ATOM   1402 C C   . ALA B 1 74  ? -16.673 26.933  -16.191 1.00 45.30  ? 316 ALA B C   1 
ATOM   1403 O O   . ALA B 1 74  ? -17.268 27.999  -16.378 1.00 37.73  ? 316 ALA B O   1 
ATOM   1404 C CB  . ALA B 1 74  ? -14.225 26.476  -16.293 1.00 25.13  ? 316 ALA B CB  1 
ATOM   1405 N N   . ARG B 1 75  ? -17.110 25.763  -16.674 1.00 31.20  ? 317 ARG B N   1 
ATOM   1406 C CA  . ARG B 1 75  ? -18.360 25.652  -17.444 1.00 33.49  ? 317 ARG B CA  1 
ATOM   1407 C C   . ARG B 1 75  ? -19.507 26.307  -16.690 1.00 40.75  ? 317 ARG B C   1 
ATOM   1408 O O   . ARG B 1 75  ? -20.306 27.043  -17.264 1.00 48.55  ? 317 ARG B O   1 
ATOM   1409 C CB  . ARG B 1 75  ? -18.696 24.170  -17.728 1.00 21.76  ? 317 ARG B CB  1 
ATOM   1410 C CG  . ARG B 1 75  ? -17.759 23.538  -18.756 1.00 49.07  ? 317 ARG B CG  1 
ATOM   1411 C CD  . ARG B 1 75  ? -18.107 22.079  -19.091 1.00 56.33  ? 317 ARG B CD  1 
ATOM   1412 N NE  . ARG B 1 75  ? -19.328 21.928  -19.890 1.00 90.57  ? 317 ARG B NE  1 
ATOM   1413 C CZ  . ARG B 1 75  ? -20.002 20.788  -20.044 1.00 107.98 ? 317 ARG B CZ  1 
ATOM   1414 N NH1 . ARG B 1 75  ? -19.584 19.678  -19.454 1.00 93.69  ? 317 ARG B NH1 1 
ATOM   1415 N NH2 . ARG B 1 75  ? -21.106 20.763  -20.782 1.00 92.40  ? 317 ARG B NH2 1 
ATOM   1416 N N   . LEU B 1 76  ? -19.569 26.038  -15.395 1.00 31.65  ? 318 LEU B N   1 
ATOM   1417 C CA  . LEU B 1 76  ? -20.586 26.625  -14.548 1.00 30.15  ? 318 LEU B CA  1 
ATOM   1418 C C   . LEU B 1 76  ? -20.487 28.153  -14.557 1.00 39.44  ? 318 LEU B C   1 
ATOM   1419 O O   . LEU B 1 76  ? -21.493 28.828  -14.741 1.00 34.01  ? 318 LEU B O   1 
ATOM   1420 C CB  . LEU B 1 76  ? -20.435 26.095  -13.125 1.00 33.88  ? 318 LEU B CB  1 
ATOM   1421 C CG  . LEU B 1 76  ? -21.433 26.674  -12.128 1.00 29.08  ? 318 LEU B CG  1 
ATOM   1422 C CD1 . LEU B 1 76  ? -22.827 26.257  -12.558 1.00 36.44  ? 318 LEU B CD1 1 
ATOM   1423 C CD2 . LEU B 1 76  ? -21.125 26.185  -10.708 1.00 22.50  ? 318 LEU B CD2 1 
ATOM   1424 N N   . ALA B 1 77  ? -19.305 28.722  -14.357 1.00 29.56  ? 319 ALA B N   1 
ATOM   1425 C CA  . ALA B 1 77  ? -19.252 30.181  -14.389 1.00 25.86  ? 319 ALA B CA  1 
ATOM   1426 C C   . ALA B 1 77  ? -19.716 30.742  -15.735 1.00 28.08  ? 319 ALA B C   1 
ATOM   1427 O O   . ALA B 1 77  ? -20.446 31.726  -15.779 1.00 38.03  ? 319 ALA B O   1 
ATOM   1428 C CB  . ALA B 1 77  ? -17.855 30.678  -14.087 1.00 10.93  ? 319 ALA B CB  1 
ATOM   1429 N N   . LYS B 1 78  ? -19.314 30.109  -16.834 1.00 33.56  ? 320 LYS B N   1 
ATOM   1430 C CA  . LYS B 1 78  ? -19.709 30.597  -18.149 1.00 31.51  ? 320 LYS B CA  1 
ATOM   1431 C C   . LYS B 1 78  ? -21.230 30.603  -18.254 1.00 39.25  ? 320 LYS B C   1 
ATOM   1432 O O   . LYS B 1 78  ? -21.832 31.595  -18.674 1.00 35.66  ? 320 LYS B O   1 
ATOM   1433 C CB  . LYS B 1 78  ? -19.087 29.719  -19.252 1.00 29.53  ? 320 LYS B CB  1 
ATOM   1434 C CG  . LYS B 1 78  ? -19.515 30.046  -20.686 1.00 36.31  ? 320 LYS B CG  1 
ATOM   1435 C CD  . LYS B 1 78  ? -18.912 31.364  -21.184 1.00 67.16  ? 320 LYS B CD  1 
ATOM   1436 C CE  . LYS B 1 78  ? -19.919 32.188  -21.996 1.00 71.47  ? 320 LYS B CE  1 
ATOM   1437 N NZ  . LYS B 1 78  ? -20.809 31.339  -22.848 1.00 68.66  ? 320 LYS B NZ  1 
ATOM   1438 N N   . THR B 1 79  ? -21.847 29.505  -17.829 1.00 35.05  ? 321 THR B N   1 
ATOM   1439 C CA  . THR B 1 79  ? -23.297 29.376  -17.906 1.00 24.06  ? 321 THR B CA  1 
ATOM   1440 C C   . THR B 1 79  ? -24.004 30.365  -17.009 1.00 32.44  ? 321 THR B C   1 
ATOM   1441 O O   . THR B 1 79  ? -24.991 30.961  -17.414 1.00 37.11  ? 321 THR B O   1 
ATOM   1442 C CB  . THR B 1 79  ? -23.740 27.950  -17.567 1.00 26.41  ? 321 THR B CB  1 
ATOM   1443 O OG1 . THR B 1 79  ? -22.895 27.039  -18.276 1.00 41.55  ? 321 THR B OG1 1 
ATOM   1444 C CG2 . THR B 1 79  ? -25.183 27.703  -18.024 1.00 25.67  ? 321 THR B CG2 1 
ATOM   1445 N N   . GLU B 1 80  ? -23.489 30.545  -15.798 1.00 23.72  ? 322 GLU B N   1 
ATOM   1446 C CA  . GLU B 1 80  ? -24.046 31.497  -14.843 1.00 28.32  ? 322 GLU B CA  1 
ATOM   1447 C C   . GLU B 1 80  ? -24.053 32.912  -15.422 1.00 38.05  ? 322 GLU B C   1 
ATOM   1448 O O   . GLU B 1 80  ? -25.011 33.669  -15.266 1.00 38.33  ? 322 GLU B O   1 
ATOM   1449 C CB  . GLU B 1 80  ? -23.197 31.452  -13.580 1.00 28.75  ? 322 GLU B CB  1 
ATOM   1450 C CG  . GLU B 1 80  ? -23.376 30.180  -12.777 1.00 27.75  ? 322 GLU B CG  1 
ATOM   1451 C CD  . GLU B 1 80  ? -24.672 30.214  -11.999 1.00 34.16  ? 322 GLU B CD  1 
ATOM   1452 O OE1 . GLU B 1 80  ? -25.668 30.643  -12.608 1.00 48.33  ? 322 GLU B OE1 1 
ATOM   1453 O OE2 . GLU B 1 80  ? -24.705 29.834  -10.806 1.00 31.72  ? 322 GLU B OE2 1 
ATOM   1454 N N   . LYS B 1 81  ? -22.952 33.254  -16.080 1.00 44.77  ? 323 LYS B N   1 
ATOM   1455 C CA  . LYS B 1 81  ? -22.797 34.558  -16.699 1.00 39.66  ? 323 LYS B CA  1 
ATOM   1456 C C   . LYS B 1 81  ? -23.835 34.722  -17.816 1.00 49.38  ? 323 LYS B C   1 
ATOM   1457 O O   . LYS B 1 81  ? -24.512 35.749  -17.910 1.00 40.66  ? 323 LYS B O   1 
ATOM   1458 C CB  . LYS B 1 81  ? -21.381 34.694  -17.259 1.00 38.84  ? 323 LYS B CB  1 
ATOM   1459 C CG  . LYS B 1 81  ? -21.087 36.064  -17.809 1.00 50.10  ? 323 LYS B CG  1 
ATOM   1460 C CD  . LYS B 1 81  ? -19.977 36.724  -17.039 1.00 58.19  ? 323 LYS B CD  1 
ATOM   1461 C CE  . LYS B 1 81  ? -18.644 36.180  -17.486 1.00 68.52  ? 323 LYS B CE  1 
ATOM   1462 N NZ  . LYS B 1 81  ? -18.389 36.602  -18.894 1.00 80.44  ? 323 LYS B NZ  1 
ATOM   1463 N N   . ASP B 1 82  ? -23.969 33.704  -18.664 1.00 41.18  ? 324 ASP B N   1 
ATOM   1464 C CA  . ASP B 1 82  ? -24.946 33.764  -19.750 1.00 38.69  ? 324 ASP B CA  1 
ATOM   1465 C C   . ASP B 1 82  ? -26.339 33.937  -19.194 1.00 37.65  ? 324 ASP B C   1 
ATOM   1466 O O   . ASP B 1 82  ? -27.140 34.707  -19.709 1.00 43.33  ? 324 ASP B O   1 
ATOM   1467 C CB  . ASP B 1 82  ? -24.930 32.482  -20.576 1.00 30.02  ? 324 ASP B CB  1 
ATOM   1468 C CG  . ASP B 1 82  ? -23.613 32.254  -21.264 1.00 66.08  ? 324 ASP B CG  1 
ATOM   1469 O OD1 . ASP B 1 82  ? -23.444 31.156  -21.836 1.00 57.97  ? 324 ASP B OD1 1 
ATOM   1470 O OD2 . ASP B 1 82  ? -22.768 33.172  -21.222 1.00 56.40  ? 324 ASP B OD2 1 
ATOM   1471 N N   . ARG B 1 83  ? -26.630 33.185  -18.149 1.00 35.29  ? 325 ARG B N   1 
ATOM   1472 C CA  . ARG B 1 83  ? -27.931 33.263  -17.530 1.00 22.21  ? 325 ARG B CA  1 
ATOM   1473 C C   . ARG B 1 83  ? -28.205 34.689  -17.045 1.00 30.84  ? 325 ARG B C   1 
ATOM   1474 O O   . ARG B 1 83  ? -29.280 35.236  -17.263 1.00 36.96  ? 325 ARG B O   1 
ATOM   1475 C CB  . ARG B 1 83  ? -27.971 32.280  -16.381 1.00 23.34  ? 325 ARG B CB  1 
ATOM   1476 C CG  . ARG B 1 83  ? -29.331 31.734  -16.112 1.00 44.33  ? 325 ARG B CG  1 
ATOM   1477 C CD  . ARG B 1 83  ? -29.455 31.497  -14.651 1.00 40.35  ? 325 ARG B CD  1 
ATOM   1478 N NE  . ARG B 1 83  ? -29.644 32.761  -13.956 1.00 52.59  ? 325 ARG B NE  1 
ATOM   1479 C CZ  . ARG B 1 83  ? -29.240 32.985  -12.718 1.00 78.76  ? 325 ARG B CZ  1 
ATOM   1480 N NH1 . ARG B 1 83  ? -28.621 32.020  -12.057 1.00 70.32  ? 325 ARG B NH1 1 
ATOM   1481 N NH2 . ARG B 1 83  ? -29.449 34.163  -12.150 1.00 87.98  ? 325 ARG B NH2 1 
ATOM   1482 N N   . ALA B 1 84  ? -27.216 35.287  -16.387 1.00 27.99  ? 326 ALA B N   1 
ATOM   1483 C CA  . ALA B 1 84  ? -27.333 36.659  -15.897 1.00 32.98  ? 326 ALA B CA  1 
ATOM   1484 C C   . ALA B 1 84  ? -27.596 37.624  -17.054 1.00 31.93  ? 326 ALA B C   1 
ATOM   1485 O O   . ALA B 1 84  ? -28.476 38.489  -16.991 1.00 33.87  ? 326 ALA B O   1 
ATOM   1486 C CB  . ALA B 1 84  ? -26.069 37.055  -15.190 1.00 29.18  ? 326 ALA B CB  1 
ATOM   1487 N N   . ILE B 1 85  ? -26.801 37.465  -18.113 1.00 37.57  ? 327 ILE B N   1 
ATOM   1488 C CA  . ILE B 1 85  ? -26.900 38.294  -19.313 1.00 34.72  ? 327 ILE B CA  1 
ATOM   1489 C C   . ILE B 1 85  ? -28.302 38.223  -19.898 1.00 36.89  ? 327 ILE B C   1 
ATOM   1490 O O   . ILE B 1 85  ? -28.851 39.239  -20.312 1.00 38.51  ? 327 ILE B O   1 
ATOM   1491 C CB  . ILE B 1 85  ? -25.858 37.849  -20.412 1.00 36.52  ? 327 ILE B CB  1 
ATOM   1492 C CG1 . ILE B 1 85  ? -24.443 38.300  -20.046 1.00 32.21  ? 327 ILE B CG1 1 
ATOM   1493 C CG2 . ILE B 1 85  ? -26.203 38.468  -21.751 1.00 17.50  ? 327 ILE B CG2 1 
ATOM   1494 C CD1 . ILE B 1 85  ? -23.355 37.637  -20.888 1.00 35.97  ? 327 ILE B CD1 1 
ATOM   1495 N N   . LEU B 1 86  ? -28.880 37.023  -19.937 1.00 39.16  ? 328 LEU B N   1 
ATOM   1496 C CA  . LEU B 1 86  ? -30.219 36.855  -20.484 1.00 30.37  ? 328 LEU B CA  1 
ATOM   1497 C C   . LEU B 1 86  ? -31.272 37.485  -19.613 1.00 40.67  ? 328 LEU B C   1 
ATOM   1498 O O   . LEU B 1 86  ? -32.246 38.014  -20.124 1.00 41.24  ? 328 LEU B O   1 
ATOM   1499 C CB  . LEU B 1 86  ? -30.574 35.386  -20.655 1.00 24.50  ? 328 LEU B CB  1 
ATOM   1500 C CG  . LEU B 1 86  ? -29.812 34.587  -21.706 1.00 31.56  ? 328 LEU B CG  1 
ATOM   1501 C CD1 . LEU B 1 86  ? -30.272 33.153  -21.636 1.00 26.67  ? 328 LEU B CD1 1 
ATOM   1502 C CD2 . LEU B 1 86  ? -30.071 35.154  -23.088 1.00 16.13  ? 328 LEU B CD2 1 
ATOM   1503 N N   . GLU B 1 87  ? -31.111 37.416  -18.295 1.00 45.20  ? 329 GLU B N   1 
ATOM   1504 C CA  . GLU B 1 87  ? -32.113 38.020  -17.435 1.00 46.82  ? 329 GLU B CA  1 
ATOM   1505 C C   . GLU B 1 87  ? -32.110 39.509  -17.718 1.00 52.40  ? 329 GLU B C   1 
ATOM   1506 O O   . GLU B 1 87  ? -33.165 40.129  -17.843 1.00 55.87  ? 329 GLU B O   1 
ATOM   1507 C CB  . GLU B 1 87  ? -31.802 37.764  -15.959 1.00 53.78  ? 329 GLU B CB  1 
ATOM   1508 C CG  . GLU B 1 87  ? -31.653 36.298  -15.617 1.00 55.01  ? 329 GLU B CG  1 
ATOM   1509 C CD  . GLU B 1 87  ? -31.790 36.040  -14.138 1.00 71.97  ? 329 GLU B CD  1 
ATOM   1510 O OE1 . GLU B 1 87  ? -30.882 36.433  -13.373 1.00 72.30  ? 329 GLU B OE1 1 
ATOM   1511 O OE2 . GLU B 1 87  ? -32.823 35.451  -13.754 1.00 70.91  ? 329 GLU B OE2 1 
ATOM   1512 N N   . LEU B 1 88  ? -30.916 40.079  -17.840 1.00 55.19  ? 330 LEU B N   1 
ATOM   1513 C CA  . LEU B 1 88  ? -30.794 41.501  -18.114 1.00 52.36  ? 330 LEU B CA  1 
ATOM   1514 C C   . LEU B 1 88  ? -31.431 41.842  -19.462 1.00 53.52  ? 330 LEU B C   1 
ATOM   1515 O O   . LEU B 1 88  ? -32.286 42.734  -19.543 1.00 50.45  ? 330 LEU B O   1 
ATOM   1516 C CB  . LEU B 1 88  ? -29.317 41.946  -18.045 1.00 46.19  ? 330 LEU B CB  1 
ATOM   1517 C CG  . LEU B 1 88  ? -28.856 42.681  -16.756 1.00 47.82  ? 330 LEU B CG  1 
ATOM   1518 C CD1 . LEU B 1 88  ? -29.956 42.712  -15.702 1.00 51.59  ? 330 LEU B CD1 1 
ATOM   1519 C CD2 . LEU B 1 88  ? -27.649 41.999  -16.159 1.00 43.32  ? 330 LEU B CD2 1 
ATOM   1520 N N   . LYS B 1 89  ? -31.051 41.126  -20.515 1.00 47.20  ? 331 LYS B N   1 
ATOM   1521 C CA  . LYS B 1 89  ? -31.631 41.384  -21.827 1.00 43.89  ? 331 LYS B CA  1 
ATOM   1522 C C   . LYS B 1 89  ? -33.156 41.267  -21.781 1.00 47.48  ? 331 LYS B C   1 
ATOM   1523 O O   . LYS B 1 89  ? -33.871 42.098  -22.352 1.00 50.41  ? 331 LYS B O   1 
ATOM   1524 C CB  . LYS B 1 89  ? -31.026 40.422  -22.849 1.00 33.00  ? 331 LYS B CB  1 
ATOM   1525 C CG  . LYS B 1 89  ? -29.588 40.775  -23.180 1.00 33.68  ? 331 LYS B CG  1 
ATOM   1526 C CD  . LYS B 1 89  ? -28.992 39.837  -24.218 1.00 33.29  ? 331 LYS B CD  1 
ATOM   1527 C CE  . LYS B 1 89  ? -27.621 40.338  -24.691 1.00 40.82  ? 331 LYS B CE  1 
ATOM   1528 N NZ  . LYS B 1 89  ? -26.801 39.342  -25.464 1.00 52.31  ? 331 LYS B NZ  1 
ATOM   1529 N N   . LEU B 1 90  ? -33.645 40.246  -21.075 1.00 45.24  ? 332 LEU B N   1 
ATOM   1530 C CA  . LEU B 1 90  ? -35.081 40.048  -20.931 1.00 45.70  ? 332 LEU B CA  1 
ATOM   1531 C C   . LEU B 1 90  ? -35.654 41.339  -20.380 1.00 42.27  ? 332 LEU B C   1 
ATOM   1532 O O   . LEU B 1 90  ? -36.426 41.995  -21.063 1.00 57.38  ? 332 LEU B O   1 
ATOM   1533 C CB  . LEU B 1 90  ? -35.396 38.882  -19.978 1.00 42.43  ? 332 LEU B CB  1 
ATOM   1534 C CG  . LEU B 1 90  ? -36.882 38.519  -19.806 1.00 47.02  ? 332 LEU B CG  1 
ATOM   1535 C CD1 . LEU B 1 90  ? -37.523 38.476  -21.173 1.00 58.82  ? 332 LEU B CD1 1 
ATOM   1536 C CD2 . LEU B 1 90  ? -37.073 37.164  -19.110 1.00 32.57  ? 332 LEU B CD2 1 
ATOM   1537 N N   . ALA B 1 91  ? -35.272 41.710  -19.160 1.00 50.83  ? 333 ALA B N   1 
ATOM   1538 C CA  . ALA B 1 91  ? -35.760 42.949  -18.550 1.00 46.86  ? 333 ALA B CA  1 
ATOM   1539 C C   . ALA B 1 91  ? -35.813 44.067  -19.578 1.00 53.49  ? 333 ALA B C   1 
ATOM   1540 O O   . ALA B 1 91  ? -36.864 44.673  -19.816 1.00 51.68  ? 333 ALA B O   1 
ATOM   1541 C CB  . ALA B 1 91  ? -34.851 43.366  -17.408 1.00 33.82  ? 333 ALA B CB  1 
ATOM   1542 N N   . GLU B 1 92  ? -34.665 44.345  -20.176 1.00 42.71  ? 334 GLU B N   1 
ATOM   1543 C CA  . GLU B 1 92  ? -34.575 45.392  -21.180 1.00 58.86  ? 334 GLU B CA  1 
ATOM   1544 C C   . GLU B 1 92  ? -35.717 45.306  -22.191 1.00 57.29  ? 334 GLU B C   1 
ATOM   1545 O O   . GLU B 1 92  ? -36.328 46.316  -22.542 1.00 63.55  ? 334 GLU B O   1 
ATOM   1546 C CB  . GLU B 1 92  ? -33.229 45.291  -21.894 1.00 57.74  ? 334 GLU B CB  1 
ATOM   1547 C CG  . GLU B 1 92  ? -32.034 45.450  -20.969 1.00 58.29  ? 334 GLU B CG  1 
ATOM   1548 C CD  . GLU B 1 92  ? -30.712 45.428  -21.713 1.00 81.98  ? 334 GLU B CD  1 
ATOM   1549 O OE1 . GLU B 1 92  ? -29.650 45.552  -21.058 1.00 65.29  ? 334 GLU B OE1 1 
ATOM   1550 O OE2 . GLU B 1 92  ? -30.738 45.286  -22.953 1.00 90.79  ? 334 GLU B OE2 1 
ATOM   1551 N N   . ALA B 1 93  ? -36.015 44.094  -22.643 1.00 55.06  ? 335 ALA B N   1 
ATOM   1552 C CA  . ALA B 1 93  ? -37.070 43.890  -23.630 1.00 52.85  ? 335 ALA B CA  1 
ATOM   1553 C C   . ALA B 1 93  ? -38.474 44.057  -23.083 1.00 58.56  ? 335 ALA B C   1 
ATOM   1554 O O   . ALA B 1 93  ? -39.332 44.645  -23.737 1.00 66.82  ? 335 ALA B O   1 
ATOM   1555 C CB  . ALA B 1 93  ? -36.931 42.523  -24.241 1.00 54.55  ? 335 ALA B CB  1 
ATOM   1556 N N   . ILE B 1 94  ? -38.720 43.520  -21.896 1.00 56.33  ? 336 ILE B N   1 
ATOM   1557 C CA  . ILE B 1 94  ? -40.053 43.637  -21.340 1.00 65.27  ? 336 ILE B CA  1 
ATOM   1558 C C   . ILE B 1 94  ? -40.299 45.125  -21.099 1.00 74.41  ? 336 ILE B C   1 
ATOM   1559 O O   . ILE B 1 94  ? -41.438 45.601  -21.099 1.00 73.58  ? 336 ILE B O   1 
ATOM   1560 C CB  . ILE B 1 94  ? -40.227 42.791  -20.021 1.00 60.34  ? 336 ILE B CB  1 
ATOM   1561 C CG1 . ILE B 1 94  ? -40.136 43.687  -18.798 1.00 75.15  ? 336 ILE B CG1 1 
ATOM   1562 C CG2 . ILE B 1 94  ? -39.183 41.679  -19.924 1.00 74.60  ? 336 ILE B CG2 1 
ATOM   1563 C CD1 . ILE B 1 94  ? -41.489 44.196  -18.362 1.00 88.14  ? 336 ILE B CD1 1 
ATOM   1564 N N   . ASP B 1 95  ? -39.222 45.878  -20.919 1.00 77.34  ? 337 ASP B N   1 
ATOM   1565 C CA  . ASP B 1 95  ? -39.428 47.292  -20.694 1.00 80.31  ? 337 ASP B CA  1 
ATOM   1566 C C   . ASP B 1 95  ? -39.600 48.077  -21.968 1.00 84.14  ? 337 ASP B C   1 
ATOM   1567 O O   . ASP B 1 95  ? -40.452 48.953  -22.032 1.00 83.25  ? 337 ASP B O   1 
ATOM   1568 C CB  . ASP B 1 95  ? -38.301 47.942  -19.919 1.00 89.28  ? 337 ASP B CB  1 
ATOM   1569 C CG  . ASP B 1 95  ? -38.548 49.428  -19.723 1.00 110.85 ? 337 ASP B CG  1 
ATOM   1570 O OD1 . ASP B 1 95  ? -37.575 50.205  -19.701 1.00 119.53 ? 337 ASP B OD1 1 
ATOM   1571 O OD2 . ASP B 1 95  ? -39.733 49.814  -19.594 1.00 109.73 ? 337 ASP B OD2 1 
ATOM   1572 N N   . GLU B 1 96  ? -38.782 47.806  -22.975 1.00 77.80  ? 338 GLU B N   1 
ATOM   1573 C CA  . GLU B 1 96  ? -38.947 48.538  -24.215 1.00 76.02  ? 338 GLU B CA  1 
ATOM   1574 C C   . GLU B 1 96  ? -40.394 48.343  -24.645 1.00 79.35  ? 338 GLU B C   1 
ATOM   1575 O O   . GLU B 1 96  ? -41.013 49.257  -25.181 1.00 87.75  ? 338 GLU B O   1 
ATOM   1576 C CB  . GLU B 1 96  ? -37.952 48.028  -25.245 1.00 68.02  ? 338 GLU B CB  1 
ATOM   1577 C CG  . GLU B 1 96  ? -36.536 48.406  -24.850 1.00 83.91  ? 338 GLU B CG  1 
ATOM   1578 C CD  . GLU B 1 96  ? -35.492 47.500  -25.455 1.00 96.09  ? 338 GLU B CD  1 
ATOM   1579 O OE1 . GLU B 1 96  ? -35.604 47.197  -26.661 1.00 97.56  ? 338 GLU B OE1 1 
ATOM   1580 O OE2 . GLU B 1 96  ? -34.556 47.100  -24.727 1.00 97.59  ? 338 GLU B OE2 1 
ATOM   1581 N N   . LYS B 1 97  ? -40.933 47.157  -24.364 1.00 88.62  ? 339 LYS B N   1 
ATOM   1582 C CA  . LYS B 1 97  ? -42.329 46.819  -24.661 1.00 91.42  ? 339 LYS B CA  1 
ATOM   1583 C C   . LYS B 1 97  ? -43.261 47.706  -23.815 1.00 91.73  ? 339 LYS B C   1 
ATOM   1584 O O   . LYS B 1 97  ? -44.153 48.396  -24.322 1.00 101.44 ? 339 LYS B O   1 
ATOM   1585 C CB  . LYS B 1 97  ? -42.590 45.352  -24.304 1.00 86.66  ? 339 LYS B CB  1 
ATOM   1586 C CG  . LYS B 1 97  ? -43.048 44.497  -25.462 1.00 104.59 ? 339 LYS B CG  1 
ATOM   1587 C CD  . LYS B 1 97  ? -44.133 43.533  -25.015 1.00 94.04  ? 339 LYS B CD  1 
ATOM   1588 C CE  . LYS B 1 97  ? -45.273 44.292  -24.349 1.00 96.72  ? 339 LYS B CE  1 
ATOM   1589 N NZ  . LYS B 1 97  ? -46.516 43.489  -24.239 1.00 94.65  ? 339 LYS B NZ  1 
ATOM   1590 N N   . SER B 1 98  ? -43.035 47.650  -22.509 1.00 84.26  ? 340 SER B N   1 
ATOM   1591 C CA  . SER B 1 98  ? -43.780 48.426  -21.529 1.00 91.45  ? 340 SER B CA  1 
ATOM   1592 C C   . SER B 1 98  ? -43.924 49.885  -21.973 1.00 97.11  ? 340 SER B C   1 
ATOM   1593 O O   . SER B 1 98  ? -45.033 50.424  -22.017 1.00 102.83 ? 340 SER B O   1 
ATOM   1594 C CB  . SER B 1 98  ? -43.048 48.345  -20.189 1.00 94.88  ? 340 SER B CB  1 
ATOM   1595 O OG  . SER B 1 98  ? -43.571 49.265  -19.254 1.00 100.10 ? 340 SER B OG  1 
ATOM   1596 N N   . LYS B 1 99  ? -42.791 50.505  -22.305 1.00 100.74 ? 341 LYS B N   1 
ATOM   1597 C CA  . LYS B 1 99  ? -42.735 51.896  -22.756 1.00 98.24  ? 341 LYS B CA  1 
ATOM   1598 C C   . LYS B 1 99  ? -43.439 52.084  -24.099 1.00 99.78  ? 341 LYS B C   1 
ATOM   1599 O O   . LYS B 1 99  ? -43.983 53.153  -24.370 1.00 105.34 ? 341 LYS B O   1 
ATOM   1600 C CB  . LYS B 1 99  ? -41.271 52.356  -22.832 1.00 87.23  ? 341 LYS B CB  1 
ATOM   1601 C CG  . LYS B 1 99  ? -40.571 52.339  -21.466 1.00 101.85 ? 341 LYS B CG  1 
ATOM   1602 C CD  . LYS B 1 99  ? -39.219 53.058  -21.462 1.00 101.20 ? 341 LYS B CD  1 
ATOM   1603 C CE  . LYS B 1 99  ? -38.211 52.434  -22.430 1.00 120.30 ? 341 LYS B CE  1 
ATOM   1604 N NZ  . LYS B 1 99  ? -37.851 51.014  -22.127 1.00 117.46 ? 341 LYS B NZ  1 
ATOM   1605 N N   . LEU B 1 100 ? -43.429 51.054  -24.944 1.00 96.71  ? 342 LEU B N   1 
ATOM   1606 C CA  . LEU B 1 100 ? -44.126 51.152  -26.223 1.00 102.16 ? 342 LEU B CA  1 
ATOM   1607 C C   . LEU B 1 100 ? -45.641 51.194  -26.000 1.00 109.38 ? 342 LEU B C   1 
ATOM   1608 O O   . LEU B 1 100 ? -46.393 51.570  -26.897 1.00 103.22 ? 342 LEU B O   1 
ATOM   1609 C CB  . LEU B 1 100 ? -43.767 49.991  -27.161 1.00 102.18 ? 342 LEU B CB  1 
ATOM   1610 C CG  . LEU B 1 100 ? -42.404 50.071  -27.866 1.00 107.32 ? 342 LEU B CG  1 
ATOM   1611 C CD1 . LEU B 1 100 ? -42.580 49.839  -29.369 1.00 87.66  ? 342 LEU B CD1 1 
ATOM   1612 C CD2 . LEU B 1 100 ? -41.764 51.433  -27.608 1.00 98.93  ? 342 LEU B CD2 1 
ATOM   1613 N N   . GLU B 1 101 ? -46.091 50.803  -24.807 1.00 115.12 ? 343 GLU B N   1 
ATOM   1614 C CA  . GLU B 1 101 ? -47.519 50.849  -24.474 1.00 116.01 ? 343 GLU B CA  1 
ATOM   1615 C C   . GLU B 1 101 ? -48.030 52.285  -24.622 1.00 118.65 ? 343 GLU B C   1 
ATOM   1616 O O   . GLU B 1 101 ? -48.969 52.511  -25.420 1.00 118.56 ? 343 GLU B O   1 
ATOM   1617 C CB  . GLU B 1 101 ? -47.764 50.395  -23.029 1.00 111.90 ? 343 GLU B CB  1 
ATOM   1618 C CG  . GLU B 1 101 ? -48.620 49.143  -22.871 1.00 111.09 ? 343 GLU B CG  1 
ATOM   1619 C CD  . GLU B 1 101 ? -48.031 47.935  -23.582 1.00 112.99 ? 343 GLU B CD  1 
ATOM   1620 O OE1 . GLU B 1 101 ? -48.165 46.810  -23.050 1.00 97.19  ? 343 GLU B OE1 1 
ATOM   1621 O OE2 . GLU B 1 101 ? -47.447 48.103  -24.673 1.00 107.85 ? 343 GLU B OE2 1 
ATOM   1622 O OXT . GLU B 1 101 ? -47.485 53.166  -23.919 1.00 101.42 ? 343 GLU B OXT 1 
HETATM 1623 O O   . HOH C 2 .   ? 11.037  -10.874 5.317   1.00 15.78  ? 4   HOH A O   1 
HETATM 1624 O O   . HOH C 2 .   ? 22.869  -22.660 7.932   1.00 45.99  ? 6   HOH A O   1 
HETATM 1625 O O   . HOH C 2 .   ? 16.326  -16.553 17.255  1.00 33.02  ? 8   HOH A O   1 
HETATM 1626 O O   . HOH C 2 .   ? 32.942  -16.709 15.867  1.00 40.10  ? 10  HOH A O   1 
HETATM 1627 O O   . HOH C 2 .   ? -10.796 21.285  -7.894  1.00 45.23  ? 11  HOH A O   1 
HETATM 1628 O O   . HOH C 2 .   ? -27.674 21.408  -6.647  1.00 46.65  ? 12  HOH A O   1 
HETATM 1629 O O   . HOH C 2 .   ? -27.783 17.795  -3.164  1.00 40.37  ? 16  HOH A O   1 
HETATM 1630 O O   . HOH C 2 .   ? 30.645  -20.125 12.425  1.00 43.74  ? 21  HOH A O   1 
HETATM 1631 O O   . HOH C 2 .   ? -36.252 29.140  -14.523 1.00 34.30  ? 23  HOH A O   1 
HETATM 1632 O O   . HOH C 2 .   ? 33.132  -22.647 13.833  1.00 49.83  ? 24  HOH A O   1 
HETATM 1633 O O   . HOH C 2 .   ? 34.541  -29.147 20.086  1.00 53.42  ? 25  HOH A O   1 
HETATM 1634 O O   . HOH C 2 .   ? 10.748  -11.987 2.857   1.00 25.67  ? 27  HOH A O   1 
HETATM 1635 O O   . HOH C 2 .   ? -18.535 21.539  -5.334  1.00 44.14  ? 28  HOH A O   1 
HETATM 1636 O O   . HOH C 2 .   ? 7.088   -7.837  6.852   1.00 53.88  ? 32  HOH A O   1 
HETATM 1637 O O   . HOH C 2 .   ? 30.755  -16.265 14.722  1.00 58.94  ? 33  HOH A O   1 
HETATM 1638 O O   . HOH C 2 .   ? 21.492  -4.394  9.969   1.00 52.67  ? 36  HOH A O   1 
HETATM 1639 O O   . HOH C 2 .   ? -20.109 8.532   -11.824 1.00 62.97  ? 39  HOH A O   1 
HETATM 1640 O O   . HOH C 2 .   ? 16.331  -14.678 15.225  1.00 39.63  ? 41  HOH A O   1 
HETATM 1641 O O   . HOH C 2 .   ? -22.420 7.515   -7.197  1.00 39.14  ? 42  HOH A O   1 
HETATM 1642 O O   . HOH C 2 .   ? 9.295   -10.913 7.736   1.00 31.94  ? 43  HOH A O   1 
HETATM 1643 O O   . HOH C 2 .   ? -23.499 12.649  -12.901 1.00 64.76  ? 44  HOH A O   1 
HETATM 1644 O O   . HOH C 2 .   ? 22.056  -25.202 7.996   1.00 61.52  ? 47  HOH A O   1 
HETATM 1645 O O   . HOH C 2 .   ? -23.951 18.407  -15.820 1.00 40.98  ? 48  HOH A O   1 
HETATM 1646 O O   . HOH C 2 .   ? -1.544  -3.764  7.922   1.00 54.98  ? 49  HOH A O   1 
HETATM 1647 O O   . HOH C 2 .   ? 10.502  -11.175 0.480   1.00 42.61  ? 52  HOH A O   1 
HETATM 1648 O O   . HOH C 2 .   ? -34.545 36.319  -27.979 1.00 52.34  ? 54  HOH A O   1 
HETATM 1649 O O   . HOH C 2 .   ? 13.735  -14.333 17.623  1.00 58.28  ? 55  HOH A O   1 
HETATM 1650 O O   . HOH C 2 .   ? 32.382  -30.569 24.363  1.00 50.33  ? 56  HOH A O   1 
HETATM 1651 O O   . HOH C 2 .   ? -31.219 21.199  -14.977 1.00 53.26  ? 57  HOH A O   1 
HETATM 1652 O O   . HOH C 2 .   ? -33.397 34.093  -26.842 1.00 50.34  ? 58  HOH A O   1 
HETATM 1653 O O   . HOH C 2 .   ? -47.694 47.648  -35.710 1.00 63.18  ? 61  HOH A O   1 
HETATM 1654 O O   . HOH C 2 .   ? -42.114 32.020  -25.705 1.00 50.89  ? 64  HOH A O   1 
HETATM 1655 O O   . HOH C 2 .   ? -18.496 8.152   -10.026 1.00 53.92  ? 68  HOH A O   1 
HETATM 1656 O O   . HOH C 2 .   ? 37.045  -29.221 22.599  1.00 69.34  ? 70  HOH A O   1 
HETATM 1657 O O   . HOH C 2 .   ? 31.555  -52.094 22.413  1.00 57.03  ? 71  HOH A O   1 
HETATM 1658 O O   . HOH C 2 .   ? 15.566  -2.596  10.156  1.00 54.46  ? 73  HOH A O   1 
HETATM 1659 O O   . HOH C 2 .   ? -29.247 15.124  -3.645  1.00 61.03  ? 76  HOH A O   1 
HETATM 1660 O O   . HOH C 2 .   ? 23.396  -12.231 6.666   1.00 49.81  ? 79  HOH A O   1 
HETATM 1661 O O   . HOH C 2 .   ? -6.409  3.540   4.477   1.00 60.93  ? 83  HOH A O   1 
HETATM 1662 O O   . HOH C 2 .   ? 25.673  -11.373 11.143  1.00 50.72  ? 85  HOH A O   1 
HETATM 1663 O O   . HOH C 2 .   ? -33.447 20.603  -13.112 1.00 56.37  ? 87  HOH A O   1 
HETATM 1664 O O   . HOH C 2 .   ? 29.472  -38.174 21.384  1.00 45.94  ? 89  HOH A O   1 
HETATM 1665 O O   . HOH C 2 .   ? -24.173 15.982  -15.922 0.5  56.79  ? 91  HOH A O   1 
HETATM 1666 O O   . HOH C 2 .   ? -24.902 23.854  -4.136  1.00 43.54  ? 92  HOH A O   1 
HETATM 1667 O O   . HOH C 2 .   ? -13.143 8.138   4.606   1.00 51.02  ? 94  HOH A O   1 
HETATM 1668 O O   . HOH C 2 .   ? -21.473 11.703  -14.961 1.00 58.49  ? 95  HOH A O   1 
HETATM 1669 O O   . HOH C 2 .   ? -14.361 10.709  3.940   1.00 63.79  ? 96  HOH A O   1 
HETATM 1670 O O   . HOH C 2 .   ? 38.123  -29.162 20.155  1.00 63.20  ? 97  HOH A O   1 
HETATM 1671 O O   . HOH C 2 .   ? -0.589  2.596   8.605   1.00 64.78  ? 100 HOH A O   1 
HETATM 1672 O O   . HOH D 2 .   ? 19.909  -25.405 22.428  1.00 47.17  ? 5   HOH B O   1 
HETATM 1673 O O   . HOH D 2 .   ? 19.769  -18.813 19.043  1.00 37.41  ? 7   HOH B O   1 
HETATM 1674 O O   . HOH D 2 .   ? -27.440 35.884  -11.359 1.00 48.26  ? 9   HOH B O   1 
HETATM 1675 O O   . HOH D 2 .   ? 22.168  -33.904 28.361  1.00 48.52  ? 13  HOH B O   1 
HETATM 1676 O O   . HOH D 2 .   ? 5.715   -17.999 -0.071  1.00 51.55  ? 14  HOH B O   1 
HETATM 1677 O O   . HOH D 2 .   ? 21.319  -31.169 11.606  1.00 47.72  ? 15  HOH B O   1 
HETATM 1678 O O   . HOH D 2 .   ? 14.082  -20.503 21.426  1.00 42.17  ? 17  HOH B O   1 
HETATM 1679 O O   . HOH D 2 .   ? 16.847  -14.409 1.299   1.00 45.99  ? 18  HOH B O   1 
HETATM 1680 O O   . HOH D 2 .   ? 5.234   -12.068 -2.358  1.00 59.84  ? 19  HOH B O   1 
HETATM 1681 O O   . HOH D 2 .   ? 17.903  -20.723 18.727  1.00 49.92  ? 20  HOH B O   1 
HETATM 1682 O O   . HOH D 2 .   ? 23.133  -36.887 27.118  1.00 50.77  ? 22  HOH B O   1 
HETATM 1683 O O   . HOH D 2 .   ? 18.576  -31.693 20.513  1.00 47.14  ? 26  HOH B O   1 
HETATM 1684 O O   . HOH D 2 .   ? -20.328 33.468  -13.656 1.00 33.03  ? 30  HOH B O   1 
HETATM 1685 O O   . HOH D 2 .   ? 19.092  -24.831 7.721   1.00 65.91  ? 35  HOH B O   1 
HETATM 1686 O O   . HOH D 2 .   ? -16.726 23.757  -6.591  1.00 35.88  ? 37  HOH B O   1 
HETATM 1687 O O   . HOH D 2 .   ? 19.763  -34.057 19.188  1.00 35.41  ? 38  HOH B O   1 
HETATM 1688 O O   . HOH D 2 .   ? 22.676  -37.211 20.988  1.00 52.04  ? 45  HOH B O   1 
HETATM 1689 O O   . HOH D 2 .   ? 13.700  -29.194 18.239  1.00 82.45  ? 46  HOH B O   1 
HETATM 1690 O O   . HOH D 2 .   ? 19.577  -29.339 12.885  1.00 61.90  ? 50  HOH B O   1 
HETATM 1691 O O   . HOH D 2 .   ? -1.551  -5.904  7.378   1.00 98.10  ? 51  HOH B O   1 
HETATM 1692 O O   . HOH D 2 .   ? 48.768  -50.994 30.767  1.00 49.80  ? 53  HOH B O   1 
HETATM 1693 O O   . HOH D 2 .   ? -7.989  4.916   -13.449 1.00 62.44  ? 59  HOH B O   1 
HETATM 1694 O O   . HOH D 2 .   ? -15.707 17.778  -17.011 1.00 59.49  ? 60  HOH B O   1 
HETATM 1695 O O   . HOH D 2 .   ? 23.435  -36.052 18.070  1.00 63.89  ? 62  HOH B O   1 
HETATM 1696 O O   . HOH D 2 .   ? 24.819  -35.702 15.980  1.00 50.93  ? 63  HOH B O   1 
HETATM 1697 O O   . HOH D 2 .   ? 14.019  -20.070 23.917  1.00 53.62  ? 65  HOH B O   1 
HETATM 1698 O O   . HOH D 2 .   ? 32.002  -41.150 29.489  1.00 64.29  ? 66  HOH B O   1 
HETATM 1699 O O   . HOH D 2 .   ? -18.234 28.463  -10.829 1.00 51.70  ? 67  HOH B O   1 
HETATM 1700 O O   . HOH D 2 .   ? -46.433 54.999  -24.761 1.00 61.86  ? 69  HOH B O   1 
HETATM 1701 O O   . HOH D 2 .   ? 2.241   -8.302  11.302  1.00 55.93  ? 72  HOH B O   1 
HETATM 1702 O O   . HOH D 2 .   ? -21.199 18.246  -18.126 1.00 58.19  ? 74  HOH B O   1 
HETATM 1703 O O   . HOH D 2 .   ? 37.715  -33.027 25.228  1.00 48.05  ? 75  HOH B O   1 
HETATM 1704 O O   . HOH D 2 .   ? 23.577  -39.309 27.450  1.00 58.84  ? 77  HOH B O   1 
HETATM 1705 O O   . HOH D 2 .   ? 15.743  -32.332 14.698  1.00 56.52  ? 78  HOH B O   1 
HETATM 1706 O O   . HOH D 2 .   ? -3.512  -5.732  8.643   1.00 61.15  ? 80  HOH B O   1 
HETATM 1707 O O   . HOH D 2 .   ? -14.560 23.902  -1.971  1.00 65.25  ? 81  HOH B O   1 
HETATM 1708 O O   . HOH D 2 .   ? 37.673  -47.878 30.948  1.00 53.64  ? 82  HOH B O   1 
HETATM 1709 O O   . HOH D 2 .   ? 21.270  -33.876 12.842  1.00 54.72  ? 84  HOH B O   1 
HETATM 1710 O O   . HOH D 2 .   ? 11.608  -25.883 21.821  1.00 52.04  ? 86  HOH B O   1 
HETATM 1711 O O   . HOH D 2 .   ? -21.462 36.983  -14.534 1.00 47.38  ? 90  HOH B O   1 
HETATM 1712 O O   . HOH D 2 .   ? -31.109 45.352  -18.469 1.00 71.01  ? 93  HOH B O   1 
HETATM 1713 O O   . HOH D 2 .   ? -36.100 36.915  -14.824 1.00 51.16  ? 98  HOH B O   1 
HETATM 1714 O O   . HOH D 2 .   ? -17.556 32.739  -23.986 1.00 59.96  ? 99  HOH B O   1 
HETATM 1715 O O   . HOH D 2 .   ? -9.775  4.218   -6.572  1.00 52.64  ? 101 HOH B O   1 
# 
